data_1CZS
# 
_entry.id   1CZS 
# 
_audit_conform.dict_name       mmcif_pdbx.dic 
_audit_conform.dict_version    5.399 
_audit_conform.dict_location   http://mmcif.pdb.org/dictionaries/ascii/mmcif_pdbx.dic 
# 
loop_
_database_2.database_id 
_database_2.database_code 
_database_2.pdbx_database_accession 
_database_2.pdbx_DOI 
PDB   1CZS         pdb_00001czs 10.2210/pdb1czs/pdb 
RCSB  RCSB009655   ?            ?                   
WWPDB D_1000009655 ?            ?                   
# 
loop_
_pdbx_audit_revision_history.ordinal 
_pdbx_audit_revision_history.data_content_type 
_pdbx_audit_revision_history.major_revision 
_pdbx_audit_revision_history.minor_revision 
_pdbx_audit_revision_history.revision_date 
1 'Structure model' 1 0 1999-11-26 
2 'Structure model' 1 1 2008-04-27 
3 'Structure model' 1 2 2011-07-13 
4 'Structure model' 1 3 2024-11-20 
# 
_pdbx_audit_revision_details.ordinal             1 
_pdbx_audit_revision_details.revision_ordinal    1 
_pdbx_audit_revision_details.data_content_type   'Structure model' 
_pdbx_audit_revision_details.provider            repository 
_pdbx_audit_revision_details.type                'Initial release' 
_pdbx_audit_revision_details.description         ? 
_pdbx_audit_revision_details.details             ? 
# 
loop_
_pdbx_audit_revision_group.ordinal 
_pdbx_audit_revision_group.revision_ordinal 
_pdbx_audit_revision_group.data_content_type 
_pdbx_audit_revision_group.group 
1 2 'Structure model' 'Version format compliance' 
2 3 'Structure model' 'Version format compliance' 
3 4 'Structure model' 'Data collection'           
4 4 'Structure model' 'Database references'       
5 4 'Structure model' 'Derived calculations'      
6 4 'Structure model' 'Structure summary'         
# 
loop_
_pdbx_audit_revision_category.ordinal 
_pdbx_audit_revision_category.revision_ordinal 
_pdbx_audit_revision_category.data_content_type 
_pdbx_audit_revision_category.category 
1 4 'Structure model' chem_comp_atom            
2 4 'Structure model' chem_comp_bond            
3 4 'Structure model' database_2                
4 4 'Structure model' pdbx_entry_details        
5 4 'Structure model' pdbx_modification_feature 
6 4 'Structure model' struct_conn               
7 4 'Structure model' struct_site               
# 
loop_
_pdbx_audit_revision_item.ordinal 
_pdbx_audit_revision_item.revision_ordinal 
_pdbx_audit_revision_item.data_content_type 
_pdbx_audit_revision_item.item 
1  4 'Structure model' '_database_2.pdbx_DOI'                
2  4 'Structure model' '_database_2.pdbx_database_accession' 
3  4 'Structure model' '_struct_conn.ptnr1_auth_comp_id'     
4  4 'Structure model' '_struct_conn.ptnr1_auth_seq_id'      
5  4 'Structure model' '_struct_conn.ptnr1_label_asym_id'    
6  4 'Structure model' '_struct_conn.ptnr1_label_atom_id'    
7  4 'Structure model' '_struct_conn.ptnr1_label_comp_id'    
8  4 'Structure model' '_struct_conn.ptnr2_auth_comp_id'     
9  4 'Structure model' '_struct_conn.ptnr2_auth_seq_id'      
10 4 'Structure model' '_struct_conn.ptnr2_label_asym_id'    
11 4 'Structure model' '_struct_conn.ptnr2_label_atom_id'    
12 4 'Structure model' '_struct_conn.ptnr2_label_comp_id'    
13 4 'Structure model' '_struct_site.pdbx_auth_asym_id'      
14 4 'Structure model' '_struct_site.pdbx_auth_comp_id'      
15 4 'Structure model' '_struct_site.pdbx_auth_seq_id'       
# 
_pdbx_database_status.status_code                     REL 
_pdbx_database_status.entry_id                        1CZS 
_pdbx_database_status.recvd_initial_deposition_date   1999-09-07 
_pdbx_database_status.deposit_site                    RCSB 
_pdbx_database_status.process_site                    RCSB 
_pdbx_database_status.SG_entry                        . 
_pdbx_database_status.pdb_format_compatible           Y 
_pdbx_database_status.status_code_mr                  ? 
_pdbx_database_status.status_code_sf                  ? 
_pdbx_database_status.status_code_cs                  ? 
_pdbx_database_status.status_code_nmr_data            ? 
_pdbx_database_status.methods_development_category    ? 
# 
loop_
_pdbx_database_related.db_name 
_pdbx_database_related.db_id 
_pdbx_database_related.details 
_pdbx_database_related.content_type 
PDB 1CZT . unspecified 
PDB 1CZV . unspecified 
# 
loop_
_audit_author.name 
_audit_author.pdbx_ordinal 
'Macedo-Ribeiro, S.' 1 
'Bode, W.'           2 
'Huber, R.'          3 
'Kane, W.H.'         4 
'Fuentes-Prior, P.'  5 
# 
_citation.id                        primary 
_citation.title                     'Crystal structures of the membrane-binding C2 domain of human coagulation factor V.' 
_citation.journal_abbrev            Nature 
_citation.journal_volume            402 
_citation.page_first                434 
_citation.page_last                 439 
_citation.year                      1999 
_citation.journal_id_ASTM           NATUAS 
_citation.country                   UK 
_citation.journal_id_ISSN           0028-0836 
_citation.journal_id_CSD            0006 
_citation.book_publisher            ? 
_citation.pdbx_database_id_PubMed   10586886 
_citation.pdbx_database_id_DOI      10.1038/46594 
# 
loop_
_citation_author.citation_id 
_citation_author.name 
_citation_author.ordinal 
_citation_author.identifier_ORCID 
primary 'Macedo-Ribeiro, S.' 1  ? 
primary 'Bode, W.'           2  ? 
primary 'Huber, R.'          3  ? 
primary 'Quinn-Allen, M.A.'  4  ? 
primary 'Kim, S.W.'          5  ? 
primary 'Ortel, T.L.'        6  ? 
primary 'Bourenkov, G.P.'    7  ? 
primary 'Bartunik, H.D.'     8  ? 
primary 'Stubbs, M.T.'       9  ? 
primary 'Kane, W.H.'         10 ? 
primary 'Fuentes-Prior, P.'  11 ? 
# 
loop_
_entity.id 
_entity.type 
_entity.src_method 
_entity.pdbx_description 
_entity.formula_weight 
_entity.pdbx_number_of_molecules 
_entity.pdbx_ec 
_entity.pdbx_mutation 
_entity.pdbx_fragment 
_entity.details 
1 polymer     man 'PROTEIN (COAGULATION FACTOR V)' 18611.420 1   ? ? 'C2 DISCOIDIN-LIKE DOMAIN' ? 
2 non-polymer syn PHENYLMERCURY                    277.694   1   ? ? ?                          ? 
3 water       nat water                            18.015    133 ? ? ?                          ? 
# 
_entity_name_com.entity_id   1 
_entity_name_com.name        'ACTIVATED PROTEIN C COFACTOR' 
# 
_entity_poly.entity_id                      1 
_entity_poly.type                           'polypeptide(L)' 
_entity_poly.nstd_linkage                   no 
_entity_poly.nstd_monomer                   no 
_entity_poly.pdbx_seq_one_letter_code       
;GCSTPLGMENGKIENKQITASSFKKSWWGDYWEPFRARLNAQGRVNAWQAKANNNKQWLEIDLLKIKKITAIITQGCKSL
SSEMYVKSYTIHYSEQGVEWKPYRLKSSMVDKIFEGNTNTKGHVKNFFNPPIISRFIRVIPKTWNQSITLRLELFGCDIY
;
_entity_poly.pdbx_seq_one_letter_code_can   
;GCSTPLGMENGKIENKQITASSFKKSWWGDYWEPFRARLNAQGRVNAWQAKANNNKQWLEIDLLKIKKITAIITQGCKSL
SSEMYVKSYTIHYSEQGVEWKPYRLKSSMVDKIFEGNTNTKGHVKNFFNPPIISRFIRVIPKTWNQSITLRLELFGCDIY
;
_entity_poly.pdbx_strand_id                 A 
_entity_poly.pdbx_target_identifier         ? 
# 
loop_
_pdbx_entity_nonpoly.entity_id 
_pdbx_entity_nonpoly.name 
_pdbx_entity_nonpoly.comp_id 
2 PHENYLMERCURY PHG 
3 water         HOH 
# 
loop_
_entity_poly_seq.entity_id 
_entity_poly_seq.num 
_entity_poly_seq.mon_id 
_entity_poly_seq.hetero 
1 1   GLY n 
1 2   CYS n 
1 3   SER n 
1 4   THR n 
1 5   PRO n 
1 6   LEU n 
1 7   GLY n 
1 8   MET n 
1 9   GLU n 
1 10  ASN n 
1 11  GLY n 
1 12  LYS n 
1 13  ILE n 
1 14  GLU n 
1 15  ASN n 
1 16  LYS n 
1 17  GLN n 
1 18  ILE n 
1 19  THR n 
1 20  ALA n 
1 21  SER n 
1 22  SER n 
1 23  PHE n 
1 24  LYS n 
1 25  LYS n 
1 26  SER n 
1 27  TRP n 
1 28  TRP n 
1 29  GLY n 
1 30  ASP n 
1 31  TYR n 
1 32  TRP n 
1 33  GLU n 
1 34  PRO n 
1 35  PHE n 
1 36  ARG n 
1 37  ALA n 
1 38  ARG n 
1 39  LEU n 
1 40  ASN n 
1 41  ALA n 
1 42  GLN n 
1 43  GLY n 
1 44  ARG n 
1 45  VAL n 
1 46  ASN n 
1 47  ALA n 
1 48  TRP n 
1 49  GLN n 
1 50  ALA n 
1 51  LYS n 
1 52  ALA n 
1 53  ASN n 
1 54  ASN n 
1 55  ASN n 
1 56  LYS n 
1 57  GLN n 
1 58  TRP n 
1 59  LEU n 
1 60  GLU n 
1 61  ILE n 
1 62  ASP n 
1 63  LEU n 
1 64  LEU n 
1 65  LYS n 
1 66  ILE n 
1 67  LYS n 
1 68  LYS n 
1 69  ILE n 
1 70  THR n 
1 71  ALA n 
1 72  ILE n 
1 73  ILE n 
1 74  THR n 
1 75  GLN n 
1 76  GLY n 
1 77  CYS n 
1 78  LYS n 
1 79  SER n 
1 80  LEU n 
1 81  SER n 
1 82  SER n 
1 83  GLU n 
1 84  MET n 
1 85  TYR n 
1 86  VAL n 
1 87  LYS n 
1 88  SER n 
1 89  TYR n 
1 90  THR n 
1 91  ILE n 
1 92  HIS n 
1 93  TYR n 
1 94  SER n 
1 95  GLU n 
1 96  GLN n 
1 97  GLY n 
1 98  VAL n 
1 99  GLU n 
1 100 TRP n 
1 101 LYS n 
1 102 PRO n 
1 103 TYR n 
1 104 ARG n 
1 105 LEU n 
1 106 LYS n 
1 107 SER n 
1 108 SER n 
1 109 MET n 
1 110 VAL n 
1 111 ASP n 
1 112 LYS n 
1 113 ILE n 
1 114 PHE n 
1 115 GLU n 
1 116 GLY n 
1 117 ASN n 
1 118 THR n 
1 119 ASN n 
1 120 THR n 
1 121 LYS n 
1 122 GLY n 
1 123 HIS n 
1 124 VAL n 
1 125 LYS n 
1 126 ASN n 
1 127 PHE n 
1 128 PHE n 
1 129 ASN n 
1 130 PRO n 
1 131 PRO n 
1 132 ILE n 
1 133 ILE n 
1 134 SER n 
1 135 ARG n 
1 136 PHE n 
1 137 ILE n 
1 138 ARG n 
1 139 VAL n 
1 140 ILE n 
1 141 PRO n 
1 142 LYS n 
1 143 THR n 
1 144 TRP n 
1 145 ASN n 
1 146 GLN n 
1 147 SER n 
1 148 ILE n 
1 149 THR n 
1 150 LEU n 
1 151 ARG n 
1 152 LEU n 
1 153 GLU n 
1 154 LEU n 
1 155 PHE n 
1 156 GLY n 
1 157 CYS n 
1 158 ASP n 
1 159 ILE n 
1 160 TYR n 
# 
_entity_src_gen.entity_id                          1 
_entity_src_gen.pdbx_src_id                        1 
_entity_src_gen.pdbx_alt_source_flag               sample 
_entity_src_gen.pdbx_seq_type                      ? 
_entity_src_gen.pdbx_beg_seq_num                   ? 
_entity_src_gen.pdbx_end_seq_num                   ? 
_entity_src_gen.gene_src_common_name               human 
_entity_src_gen.gene_src_genus                     Homo 
_entity_src_gen.pdbx_gene_src_gene                 ? 
_entity_src_gen.gene_src_species                   ? 
_entity_src_gen.gene_src_strain                    ? 
_entity_src_gen.gene_src_tissue                    BLOOD 
_entity_src_gen.gene_src_tissue_fraction           ? 
_entity_src_gen.gene_src_details                   ? 
_entity_src_gen.pdbx_gene_src_fragment             ? 
_entity_src_gen.pdbx_gene_src_scientific_name      'Homo sapiens' 
_entity_src_gen.pdbx_gene_src_ncbi_taxonomy_id     9606 
_entity_src_gen.pdbx_gene_src_variant              ? 
_entity_src_gen.pdbx_gene_src_cell_line            ? 
_entity_src_gen.pdbx_gene_src_atcc                 ? 
_entity_src_gen.pdbx_gene_src_organ                ? 
_entity_src_gen.pdbx_gene_src_organelle            ? 
_entity_src_gen.pdbx_gene_src_cell                 ? 
_entity_src_gen.pdbx_gene_src_cellular_location    ? 
_entity_src_gen.host_org_common_name               'BACULOVIRUS-DRIVEN INSECT CELL SYSTEM' 
_entity_src_gen.pdbx_host_org_scientific_name      ? 
_entity_src_gen.pdbx_host_org_ncbi_taxonomy_id     ? 
_entity_src_gen.host_org_genus                     ? 
_entity_src_gen.pdbx_host_org_gene                 ? 
_entity_src_gen.pdbx_host_org_organ                ? 
_entity_src_gen.host_org_species                   ? 
_entity_src_gen.pdbx_host_org_tissue               ? 
_entity_src_gen.pdbx_host_org_tissue_fraction      ? 
_entity_src_gen.pdbx_host_org_strain               ? 
_entity_src_gen.pdbx_host_org_variant              ? 
_entity_src_gen.pdbx_host_org_cell_line            ? 
_entity_src_gen.pdbx_host_org_atcc                 ? 
_entity_src_gen.pdbx_host_org_culture_collection   ? 
_entity_src_gen.pdbx_host_org_cell                 ? 
_entity_src_gen.pdbx_host_org_organelle            ? 
_entity_src_gen.pdbx_host_org_cellular_location    ? 
_entity_src_gen.pdbx_host_org_vector_type          ? 
_entity_src_gen.pdbx_host_org_vector               ? 
_entity_src_gen.host_org_details                   ? 
_entity_src_gen.expression_system_id               ? 
_entity_src_gen.plasmid_name                       ? 
_entity_src_gen.plasmid_details                    ? 
_entity_src_gen.pdbx_description                   ? 
# 
loop_
_chem_comp.id 
_chem_comp.type 
_chem_comp.mon_nstd_flag 
_chem_comp.name 
_chem_comp.pdbx_synonyms 
_chem_comp.formula 
_chem_comp.formula_weight 
ALA 'L-peptide linking' y ALANINE         ? 'C3 H7 N O2'     89.093  
ARG 'L-peptide linking' y ARGININE        ? 'C6 H15 N4 O2 1' 175.209 
ASN 'L-peptide linking' y ASPARAGINE      ? 'C4 H8 N2 O3'    132.118 
ASP 'L-peptide linking' y 'ASPARTIC ACID' ? 'C4 H7 N O4'     133.103 
CYS 'L-peptide linking' y CYSTEINE        ? 'C3 H7 N O2 S'   121.158 
GLN 'L-peptide linking' y GLUTAMINE       ? 'C5 H10 N2 O3'   146.144 
GLU 'L-peptide linking' y 'GLUTAMIC ACID' ? 'C5 H9 N O4'     147.129 
GLY 'peptide linking'   y GLYCINE         ? 'C2 H5 N O2'     75.067  
HIS 'L-peptide linking' y HISTIDINE       ? 'C6 H10 N3 O2 1' 156.162 
HOH non-polymer         . WATER           ? 'H2 O'           18.015  
ILE 'L-peptide linking' y ISOLEUCINE      ? 'C6 H13 N O2'    131.173 
LEU 'L-peptide linking' y LEUCINE         ? 'C6 H13 N O2'    131.173 
LYS 'L-peptide linking' y LYSINE          ? 'C6 H15 N2 O2 1' 147.195 
MET 'L-peptide linking' y METHIONINE      ? 'C5 H11 N O2 S'  149.211 
PHE 'L-peptide linking' y PHENYLALANINE   ? 'C9 H11 N O2'    165.189 
PHG non-polymer         . PHENYLMERCURY   ? 'C6 H5 Hg'       277.694 
PRO 'L-peptide linking' y PROLINE         ? 'C5 H9 N O2'     115.130 
SER 'L-peptide linking' y SERINE          ? 'C3 H7 N O3'     105.093 
THR 'L-peptide linking' y THREONINE       ? 'C4 H9 N O3'     119.119 
TRP 'L-peptide linking' y TRYPTOPHAN      ? 'C11 H12 N2 O2'  204.225 
TYR 'L-peptide linking' y TYROSINE        ? 'C9 H11 N O3'    181.189 
VAL 'L-peptide linking' y VALINE          ? 'C5 H11 N O2'    117.146 
# 
loop_
_pdbx_poly_seq_scheme.asym_id 
_pdbx_poly_seq_scheme.entity_id 
_pdbx_poly_seq_scheme.seq_id 
_pdbx_poly_seq_scheme.mon_id 
_pdbx_poly_seq_scheme.ndb_seq_num 
_pdbx_poly_seq_scheme.pdb_seq_num 
_pdbx_poly_seq_scheme.auth_seq_num 
_pdbx_poly_seq_scheme.pdb_mon_id 
_pdbx_poly_seq_scheme.auth_mon_id 
_pdbx_poly_seq_scheme.pdb_strand_id 
_pdbx_poly_seq_scheme.pdb_ins_code 
_pdbx_poly_seq_scheme.hetero 
A 1 1   GLY 1   0   0   GLY GLY A . n 
A 1 2   CYS 2   1   1   CYS CYS A . n 
A 1 3   SER 3   2   2   SER SER A . n 
A 1 4   THR 4   3   3   THR THR A . n 
A 1 5   PRO 5   4   4   PRO PRO A . n 
A 1 6   LEU 6   5   5   LEU LEU A . n 
A 1 7   GLY 7   6   6   GLY GLY A . n 
A 1 8   MET 8   7   7   MET MET A . n 
A 1 9   GLU 9   8   8   GLU GLU A . n 
A 1 10  ASN 10  9   9   ASN ASN A . n 
A 1 11  GLY 11  10  10  GLY GLY A . n 
A 1 12  LYS 12  11  11  LYS LYS A . n 
A 1 13  ILE 13  12  12  ILE ILE A . n 
A 1 14  GLU 14  13  13  GLU GLU A . n 
A 1 15  ASN 15  14  14  ASN ASN A . n 
A 1 16  LYS 16  15  15  LYS LYS A . n 
A 1 17  GLN 17  16  16  GLN GLN A . n 
A 1 18  ILE 18  17  17  ILE ILE A . n 
A 1 19  THR 19  18  18  THR THR A . n 
A 1 20  ALA 20  19  19  ALA ALA A . n 
A 1 21  SER 21  20  20  SER SER A . n 
A 1 22  SER 22  21  21  SER SER A . n 
A 1 23  PHE 23  22  22  PHE PHE A . n 
A 1 24  LYS 24  23  23  LYS LYS A . n 
A 1 25  LYS 25  24  24  LYS LYS A . n 
A 1 26  SER 26  25  25  SER SER A . n 
A 1 27  TRP 27  26  26  TRP TRP A . n 
A 1 28  TRP 28  27  27  TRP TRP A . n 
A 1 29  GLY 29  28  28  GLY GLY A . n 
A 1 30  ASP 30  29  29  ASP ASP A . n 
A 1 31  TYR 31  30  30  TYR TYR A . n 
A 1 32  TRP 32  31  31  TRP TRP A . n 
A 1 33  GLU 33  32  32  GLU GLU A . n 
A 1 34  PRO 34  33  33  PRO PRO A . n 
A 1 35  PHE 35  34  34  PHE PHE A . n 
A 1 36  ARG 36  35  35  ARG ARG A . n 
A 1 37  ALA 37  36  36  ALA ALA A . n 
A 1 38  ARG 38  37  37  ARG ARG A . n 
A 1 39  LEU 39  38  38  LEU LEU A . n 
A 1 40  ASN 40  39  39  ASN ASN A . n 
A 1 41  ALA 41  40  40  ALA ALA A . n 
A 1 42  GLN 42  41  41  GLN GLN A . n 
A 1 43  GLY 43  42  42  GLY GLY A . n 
A 1 44  ARG 44  43  43  ARG ARG A . n 
A 1 45  VAL 45  44  44  VAL VAL A . n 
A 1 46  ASN 46  45  45  ASN ASN A . n 
A 1 47  ALA 47  46  46  ALA ALA A . n 
A 1 48  TRP 48  47  47  TRP TRP A . n 
A 1 49  GLN 49  48  48  GLN GLN A . n 
A 1 50  ALA 50  49  49  ALA ALA A . n 
A 1 51  LYS 51  50  50  LYS LYS A . n 
A 1 52  ALA 52  51  51  ALA ALA A . n 
A 1 53  ASN 53  52  52  ASN ASN A . n 
A 1 54  ASN 54  53  53  ASN ASN A . n 
A 1 55  ASN 55  54  54  ASN ASN A . n 
A 1 56  LYS 56  55  55  LYS LYS A . n 
A 1 57  GLN 57  56  56  GLN GLN A . n 
A 1 58  TRP 58  57  57  TRP TRP A . n 
A 1 59  LEU 59  58  58  LEU LEU A . n 
A 1 60  GLU 60  59  59  GLU GLU A . n 
A 1 61  ILE 61  60  60  ILE ILE A . n 
A 1 62  ASP 62  61  61  ASP ASP A . n 
A 1 63  LEU 63  62  62  LEU LEU A . n 
A 1 64  LEU 64  63  63  LEU LEU A . n 
A 1 65  LYS 65  64  64  LYS LYS A . n 
A 1 66  ILE 66  65  65  ILE ILE A . n 
A 1 67  LYS 67  66  66  LYS LYS A . n 
A 1 68  LYS 68  67  67  LYS LYS A . n 
A 1 69  ILE 69  68  68  ILE ILE A . n 
A 1 70  THR 70  69  69  THR THR A . n 
A 1 71  ALA 71  70  70  ALA ALA A . n 
A 1 72  ILE 72  71  71  ILE ILE A . n 
A 1 73  ILE 73  72  72  ILE ILE A . n 
A 1 74  THR 74  73  73  THR THR A . n 
A 1 75  GLN 75  74  74  GLN GLN A . n 
A 1 76  GLY 76  75  75  GLY GLY A . n 
A 1 77  CYS 77  76  76  CYS CYS A . n 
A 1 78  LYS 78  77  77  LYS LYS A . n 
A 1 79  SER 79  78  78  SER SER A . n 
A 1 80  LEU 80  79  79  LEU LEU A . n 
A 1 81  SER 81  80  80  SER SER A . n 
A 1 82  SER 82  81  81  SER SER A . n 
A 1 83  GLU 83  82  82  GLU GLU A . n 
A 1 84  MET 84  83  83  MET MET A . n 
A 1 85  TYR 85  84  84  TYR TYR A . n 
A 1 86  VAL 86  85  85  VAL VAL A . n 
A 1 87  LYS 87  86  86  LYS LYS A . n 
A 1 88  SER 88  87  87  SER SER A . n 
A 1 89  TYR 89  88  88  TYR TYR A . n 
A 1 90  THR 90  89  89  THR THR A . n 
A 1 91  ILE 91  90  90  ILE ILE A . n 
A 1 92  HIS 92  91  91  HIS HIS A . n 
A 1 93  TYR 93  92  92  TYR TYR A . n 
A 1 94  SER 94  93  93  SER SER A . n 
A 1 95  GLU 95  94  94  GLU GLU A . n 
A 1 96  GLN 96  95  95  GLN GLN A . n 
A 1 97  GLY 97  96  96  GLY GLY A . n 
A 1 98  VAL 98  97  97  VAL VAL A . n 
A 1 99  GLU 99  98  98  GLU GLU A . n 
A 1 100 TRP 100 99  99  TRP TRP A . n 
A 1 101 LYS 101 100 100 LYS LYS A . n 
A 1 102 PRO 102 101 101 PRO PRO A . n 
A 1 103 TYR 103 102 102 TYR TYR A . n 
A 1 104 ARG 104 103 103 ARG ARG A . n 
A 1 105 LEU 105 104 104 LEU LEU A . n 
A 1 106 LYS 106 105 105 LYS LYS A . n 
A 1 107 SER 107 106 106 SER SER A . n 
A 1 108 SER 108 107 107 SER SER A . n 
A 1 109 MET 109 108 108 MET MET A . n 
A 1 110 VAL 110 109 109 VAL VAL A . n 
A 1 111 ASP 111 110 110 ASP ASP A . n 
A 1 112 LYS 112 111 111 LYS LYS A . n 
A 1 113 ILE 113 112 112 ILE ILE A . n 
A 1 114 PHE 114 113 113 PHE PHE A . n 
A 1 115 GLU 115 114 114 GLU GLU A . n 
A 1 116 GLY 116 115 115 GLY GLY A . n 
A 1 117 ASN 117 116 116 ASN ASN A . n 
A 1 118 THR 118 117 117 THR THR A . n 
A 1 119 ASN 119 118 118 ASN ASN A . n 
A 1 120 THR 120 119 119 THR THR A . n 
A 1 121 LYS 121 120 120 LYS LYS A . n 
A 1 122 GLY 122 121 121 GLY GLY A . n 
A 1 123 HIS 123 122 122 HIS HIS A . n 
A 1 124 VAL 124 123 123 VAL VAL A . n 
A 1 125 LYS 125 124 124 LYS LYS A . n 
A 1 126 ASN 126 125 125 ASN ASN A . n 
A 1 127 PHE 127 126 126 PHE PHE A . n 
A 1 128 PHE 128 127 127 PHE PHE A . n 
A 1 129 ASN 129 128 128 ASN ASN A . n 
A 1 130 PRO 130 129 129 PRO PRO A . n 
A 1 131 PRO 131 130 130 PRO PRO A . n 
A 1 132 ILE 132 131 131 ILE ILE A . n 
A 1 133 ILE 133 132 132 ILE ILE A . n 
A 1 134 SER 134 133 133 SER SER A . n 
A 1 135 ARG 135 134 134 ARG ARG A . n 
A 1 136 PHE 136 135 135 PHE PHE A . n 
A 1 137 ILE 137 136 136 ILE ILE A . n 
A 1 138 ARG 138 137 137 ARG ARG A . n 
A 1 139 VAL 139 138 138 VAL VAL A . n 
A 1 140 ILE 140 139 139 ILE ILE A . n 
A 1 141 PRO 141 140 140 PRO PRO A . n 
A 1 142 LYS 142 141 141 LYS LYS A . n 
A 1 143 THR 143 142 142 THR THR A . n 
A 1 144 TRP 144 143 143 TRP TRP A . n 
A 1 145 ASN 145 144 144 ASN ASN A . n 
A 1 146 GLN 146 145 145 GLN GLN A . n 
A 1 147 SER 147 146 146 SER SER A . n 
A 1 148 ILE 148 147 147 ILE ILE A . n 
A 1 149 THR 149 148 148 THR THR A . n 
A 1 150 LEU 150 149 149 LEU LEU A . n 
A 1 151 ARG 151 150 150 ARG ARG A . n 
A 1 152 LEU 152 151 151 LEU LEU A . n 
A 1 153 GLU 153 152 152 GLU GLU A . n 
A 1 154 LEU 154 153 153 LEU LEU A . n 
A 1 155 PHE 155 154 154 PHE PHE A . n 
A 1 156 GLY 156 155 155 GLY GLY A . n 
A 1 157 CYS 157 156 156 CYS CYS A . n 
A 1 158 ASP 158 157 157 ASP ASP A . n 
A 1 159 ILE 159 158 158 ILE ILE A . n 
A 1 160 TYR 160 159 159 TYR TYR A . n 
# 
loop_
_pdbx_nonpoly_scheme.asym_id 
_pdbx_nonpoly_scheme.entity_id 
_pdbx_nonpoly_scheme.mon_id 
_pdbx_nonpoly_scheme.ndb_seq_num 
_pdbx_nonpoly_scheme.pdb_seq_num 
_pdbx_nonpoly_scheme.auth_seq_num 
_pdbx_nonpoly_scheme.pdb_mon_id 
_pdbx_nonpoly_scheme.auth_mon_id 
_pdbx_nonpoly_scheme.pdb_strand_id 
_pdbx_nonpoly_scheme.pdb_ins_code 
B 2 PHG 1   296 296 PHG PHG A . 
C 3 HOH 1   160 160 HOH HOH A . 
C 3 HOH 2   161 161 HOH HOH A . 
C 3 HOH 3   162 162 HOH HOH A . 
C 3 HOH 4   163 163 HOH HOH A . 
C 3 HOH 5   164 164 HOH HOH A . 
C 3 HOH 6   165 165 HOH HOH A . 
C 3 HOH 7   166 166 HOH HOH A . 
C 3 HOH 8   167 167 HOH HOH A . 
C 3 HOH 9   168 168 HOH HOH A . 
C 3 HOH 10  169 169 HOH HOH A . 
C 3 HOH 11  170 170 HOH HOH A . 
C 3 HOH 12  171 171 HOH HOH A . 
C 3 HOH 13  172 172 HOH HOH A . 
C 3 HOH 14  173 173 HOH HOH A . 
C 3 HOH 15  174 174 HOH HOH A . 
C 3 HOH 16  175 175 HOH HOH A . 
C 3 HOH 17  176 176 HOH HOH A . 
C 3 HOH 18  177 177 HOH HOH A . 
C 3 HOH 19  178 178 HOH HOH A . 
C 3 HOH 20  179 179 HOH HOH A . 
C 3 HOH 21  180 180 HOH HOH A . 
C 3 HOH 22  181 181 HOH HOH A . 
C 3 HOH 23  182 182 HOH HOH A . 
C 3 HOH 24  183 183 HOH HOH A . 
C 3 HOH 25  184 184 HOH HOH A . 
C 3 HOH 26  185 185 HOH HOH A . 
C 3 HOH 27  186 186 HOH HOH A . 
C 3 HOH 28  187 187 HOH HOH A . 
C 3 HOH 29  188 188 HOH HOH A . 
C 3 HOH 30  189 189 HOH HOH A . 
C 3 HOH 31  190 190 HOH HOH A . 
C 3 HOH 32  191 191 HOH HOH A . 
C 3 HOH 33  192 192 HOH HOH A . 
C 3 HOH 34  193 193 HOH HOH A . 
C 3 HOH 35  194 194 HOH HOH A . 
C 3 HOH 36  195 195 HOH HOH A . 
C 3 HOH 37  196 196 HOH HOH A . 
C 3 HOH 38  197 197 HOH HOH A . 
C 3 HOH 39  198 198 HOH HOH A . 
C 3 HOH 40  199 199 HOH HOH A . 
C 3 HOH 41  200 200 HOH HOH A . 
C 3 HOH 42  201 201 HOH HOH A . 
C 3 HOH 43  202 202 HOH HOH A . 
C 3 HOH 44  203 203 HOH HOH A . 
C 3 HOH 45  204 204 HOH HOH A . 
C 3 HOH 46  205 205 HOH HOH A . 
C 3 HOH 47  206 206 HOH HOH A . 
C 3 HOH 48  207 207 HOH HOH A . 
C 3 HOH 49  208 208 HOH HOH A . 
C 3 HOH 50  209 209 HOH HOH A . 
C 3 HOH 51  210 210 HOH HOH A . 
C 3 HOH 52  211 211 HOH HOH A . 
C 3 HOH 53  212 212 HOH HOH A . 
C 3 HOH 54  213 213 HOH HOH A . 
C 3 HOH 55  214 214 HOH HOH A . 
C 3 HOH 56  215 215 HOH HOH A . 
C 3 HOH 57  216 216 HOH HOH A . 
C 3 HOH 58  217 217 HOH HOH A . 
C 3 HOH 59  218 218 HOH HOH A . 
C 3 HOH 60  219 219 HOH HOH A . 
C 3 HOH 61  220 220 HOH HOH A . 
C 3 HOH 62  221 221 HOH HOH A . 
C 3 HOH 63  222 222 HOH HOH A . 
C 3 HOH 64  223 223 HOH HOH A . 
C 3 HOH 65  224 224 HOH HOH A . 
C 3 HOH 66  225 225 HOH HOH A . 
C 3 HOH 67  226 226 HOH HOH A . 
C 3 HOH 68  227 227 HOH HOH A . 
C 3 HOH 69  228 228 HOH HOH A . 
C 3 HOH 70  229 229 HOH HOH A . 
C 3 HOH 71  230 230 HOH HOH A . 
C 3 HOH 72  231 231 HOH HOH A . 
C 3 HOH 73  232 232 HOH HOH A . 
C 3 HOH 74  233 233 HOH HOH A . 
C 3 HOH 75  234 234 HOH HOH A . 
C 3 HOH 76  235 235 HOH HOH A . 
C 3 HOH 77  236 236 HOH HOH A . 
C 3 HOH 78  237 237 HOH HOH A . 
C 3 HOH 79  238 238 HOH HOH A . 
C 3 HOH 80  239 239 HOH HOH A . 
C 3 HOH 81  240 240 HOH HOH A . 
C 3 HOH 82  241 241 HOH HOH A . 
C 3 HOH 83  242 242 HOH HOH A . 
C 3 HOH 84  243 243 HOH HOH A . 
C 3 HOH 85  244 244 HOH HOH A . 
C 3 HOH 86  245 245 HOH HOH A . 
C 3 HOH 87  246 246 HOH HOH A . 
C 3 HOH 88  247 247 HOH HOH A . 
C 3 HOH 89  248 248 HOH HOH A . 
C 3 HOH 90  249 249 HOH HOH A . 
C 3 HOH 91  250 250 HOH HOH A . 
C 3 HOH 92  251 251 HOH HOH A . 
C 3 HOH 93  252 252 HOH HOH A . 
C 3 HOH 94  253 253 HOH HOH A . 
C 3 HOH 95  254 254 HOH HOH A . 
C 3 HOH 96  255 255 HOH HOH A . 
C 3 HOH 97  256 256 HOH HOH A . 
C 3 HOH 98  257 257 HOH HOH A . 
C 3 HOH 99  258 258 HOH HOH A . 
C 3 HOH 100 259 259 HOH HOH A . 
C 3 HOH 101 260 260 HOH HOH A . 
C 3 HOH 102 261 261 HOH HOH A . 
C 3 HOH 103 262 262 HOH HOH A . 
C 3 HOH 104 263 263 HOH HOH A . 
C 3 HOH 105 264 264 HOH HOH A . 
C 3 HOH 106 266 266 HOH HOH A . 
C 3 HOH 107 267 267 HOH HOH A . 
C 3 HOH 108 268 268 HOH HOH A . 
C 3 HOH 109 269 269 HOH HOH A . 
C 3 HOH 110 270 270 HOH HOH A . 
C 3 HOH 111 271 271 HOH HOH A . 
C 3 HOH 112 272 272 HOH HOH A . 
C 3 HOH 113 274 274 HOH HOH A . 
C 3 HOH 114 275 275 HOH HOH A . 
C 3 HOH 115 276 276 HOH HOH A . 
C 3 HOH 116 277 277 HOH HOH A . 
C 3 HOH 117 279 279 HOH HOH A . 
C 3 HOH 118 280 280 HOH HOH A . 
C 3 HOH 119 281 281 HOH HOH A . 
C 3 HOH 120 282 282 HOH HOH A . 
C 3 HOH 121 283 283 HOH HOH A . 
C 3 HOH 122 284 284 HOH HOH A . 
C 3 HOH 123 285 285 HOH HOH A . 
C 3 HOH 124 286 286 HOH HOH A . 
C 3 HOH 125 287 287 HOH HOH A . 
C 3 HOH 126 288 288 HOH HOH A . 
C 3 HOH 127 289 289 HOH HOH A . 
C 3 HOH 128 290 290 HOH HOH A . 
C 3 HOH 129 291 291 HOH HOH A . 
C 3 HOH 130 292 292 HOH HOH A . 
C 3 HOH 131 293 293 HOH HOH A . 
C 3 HOH 132 294 294 HOH HOH A . 
C 3 HOH 133 295 295 HOH HOH A . 
# 
loop_
_pdbx_unobs_or_zero_occ_atoms.id 
_pdbx_unobs_or_zero_occ_atoms.PDB_model_num 
_pdbx_unobs_or_zero_occ_atoms.polymer_flag 
_pdbx_unobs_or_zero_occ_atoms.occupancy_flag 
_pdbx_unobs_or_zero_occ_atoms.auth_asym_id 
_pdbx_unobs_or_zero_occ_atoms.auth_comp_id 
_pdbx_unobs_or_zero_occ_atoms.auth_seq_id 
_pdbx_unobs_or_zero_occ_atoms.PDB_ins_code 
_pdbx_unobs_or_zero_occ_atoms.auth_atom_id 
_pdbx_unobs_or_zero_occ_atoms.label_alt_id 
_pdbx_unobs_or_zero_occ_atoms.label_asym_id 
_pdbx_unobs_or_zero_occ_atoms.label_comp_id 
_pdbx_unobs_or_zero_occ_atoms.label_seq_id 
_pdbx_unobs_or_zero_occ_atoms.label_atom_id 
1  1 Y 0 A LYS 64  ? NZ ? A LYS 65 NZ 
2  1 Y 0 A SER 78  ? C  ? A SER 79 C  
3  1 Y 0 A SER 78  ? O  ? A SER 79 O  
4  1 Y 0 A SER 78  ? OG ? A SER 79 OG 
5  1 N 0 A PHG 296 ? C1 ? B PHG ?  C1 
6  1 N 0 A PHG 296 ? C2 ? B PHG ?  C2 
7  1 N 0 A PHG 296 ? C3 ? B PHG ?  C3 
8  1 N 0 A PHG 296 ? C4 ? B PHG ?  C4 
9  1 N 0 A PHG 296 ? C5 ? B PHG ?  C5 
10 1 N 0 A PHG 296 ? C6 ? B PHG ?  C6 
# 
loop_
_software.name 
_software.classification 
_software.version 
_software.citation_id 
_software.pdbx_ordinal 
DENZO     'data reduction' .     ? 1 
SCALEPACK 'data scaling'   .     ? 2 
SHARP     phasing          .     ? 3 
X-PLOR    refinement       3.851 ? 4 
# 
_cell.entry_id           1CZS 
_cell.length_a           46.430 
_cell.length_b           51.830 
_cell.length_c           68.150 
_cell.angle_alpha        90.00 
_cell.angle_beta         90.00 
_cell.angle_gamma        90.00 
_cell.Z_PDB              4 
_cell.pdbx_unique_axis   ? 
# 
_symmetry.entry_id                         1CZS 
_symmetry.space_group_name_H-M             'P 21 21 21' 
_symmetry.pdbx_full_space_group_name_H-M   ? 
_symmetry.cell_setting                     orthorhombic 
_symmetry.Int_Tables_number                19 
# 
_exptl.entry_id          1CZS 
_exptl.method            'X-RAY DIFFRACTION' 
_exptl.crystals_number   1 
# 
_exptl_crystal.id                    1 
_exptl_crystal.density_meas          ? 
_exptl_crystal.density_Matthews      2.20 
_exptl_crystal.density_percent_sol   44 
_exptl_crystal.description           ? 
# 
_exptl_crystal_grow.crystal_id      1 
_exptl_crystal_grow.method          'VAPOR DIFFUSION, HANGING DROP' 
_exptl_crystal_grow.temp            ? 
_exptl_crystal_grow.temp_details    ? 
_exptl_crystal_grow.pH              10.20 
_exptl_crystal_grow.pdbx_details    'AMMONIUM SULFATE, pH 10.20, VAPOR DIFFUSION, HANGING DROP' 
_exptl_crystal_grow.pdbx_pH_range   ? 
# 
_diffrn.id                     1 
_diffrn.ambient_temp           100.0 
_diffrn.ambient_temp_details   ? 
_diffrn.crystal_id             1 
# 
_diffrn_detector.diffrn_id              1 
_diffrn_detector.detector               CCD 
_diffrn_detector.type                   MARRESEARCH 
_diffrn_detector.pdbx_collection_date   1998-09-20 
_diffrn_detector.details                ? 
# 
_diffrn_radiation.diffrn_id                        1 
_diffrn_radiation.wavelength_id                    1 
_diffrn_radiation.pdbx_monochromatic_or_laue_m_l   M 
_diffrn_radiation.monochromator                    ? 
_diffrn_radiation.pdbx_diffrn_protocol             'SINGLE WAVELENGTH' 
_diffrn_radiation.pdbx_scattering_type             x-ray 
# 
_diffrn_radiation_wavelength.id           1 
_diffrn_radiation_wavelength.wavelength   1.0500 
_diffrn_radiation_wavelength.wt           1.0 
# 
_diffrn_source.diffrn_id                   1 
_diffrn_source.source                      SYNCHROTRON 
_diffrn_source.type                        'MPG/DESY, HAMBURG BEAMLINE BW6' 
_diffrn_source.pdbx_synchrotron_site       'MPG/DESY, HAMBURG' 
_diffrn_source.pdbx_synchrotron_beamline   BW6 
_diffrn_source.pdbx_wavelength             1.0500 
_diffrn_source.pdbx_wavelength_list        ? 
# 
_reflns.entry_id                     1CZS 
_reflns.observed_criterion_sigma_I   1.000 
_reflns.observed_criterion_sigma_F   ? 
_reflns.d_resolution_low             13.610 
_reflns.d_resolution_high            1.900 
_reflns.number_obs                   12417 
_reflns.number_all                   ? 
_reflns.percent_possible_obs         98.5 
_reflns.pdbx_Rmerge_I_obs            0.047 
_reflns.pdbx_Rsym_value              ? 
_reflns.pdbx_netI_over_sigmaI        ? 
_reflns.B_iso_Wilson_estimate        ? 
_reflns.pdbx_redundancy              ? 
_reflns.R_free_details               ? 
_reflns.limit_h_max                  ? 
_reflns.limit_h_min                  ? 
_reflns.limit_k_max                  ? 
_reflns.limit_k_min                  ? 
_reflns.limit_l_max                  ? 
_reflns.limit_l_min                  ? 
_reflns.observed_criterion_F_max     ? 
_reflns.observed_criterion_F_min     ? 
_reflns.pdbx_diffrn_id               1 
_reflns.pdbx_ordinal                 1 
# 
_reflns_shell.d_res_high             1.90 
_reflns_shell.d_res_low              1.93 
_reflns_shell.percent_possible_all   98.7 
_reflns_shell.Rmerge_I_obs           0.225 
_reflns_shell.pdbx_Rsym_value        ? 
_reflns_shell.meanI_over_sigI_obs    ? 
_reflns_shell.pdbx_redundancy        ? 
_reflns_shell.percent_possible_obs   ? 
_reflns_shell.number_unique_all      ? 
_reflns_shell.pdbx_diffrn_id         ? 
_reflns_shell.pdbx_ordinal           1 
# 
_refine.entry_id                                 1CZS 
_refine.ls_number_reflns_obs                     12266 
_refine.ls_number_reflns_all                     ? 
_refine.pdbx_ls_sigma_I                          ? 
_refine.pdbx_ls_sigma_F                          1.000 
_refine.pdbx_data_cutoff_high_absF               ? 
_refine.pdbx_data_cutoff_low_absF                ? 
_refine.pdbx_data_cutoff_high_rms_absF           ? 
_refine.ls_d_res_low                             8.0 
_refine.ls_d_res_high                            1.90 
_refine.ls_percent_reflns_obs                    92.4 
_refine.ls_R_factor_obs                          0.196 
_refine.ls_R_factor_all                          ? 
_refine.ls_R_factor_R_work                       0.196 
_refine.ls_R_factor_R_free                       0.258 
_refine.ls_R_factor_R_free_error                 ? 
_refine.ls_R_factor_R_free_error_details         ? 
_refine.ls_percent_reflns_R_free                 5.000 
_refine.ls_number_reflns_R_free                  626 
_refine.ls_number_parameters                     ? 
_refine.ls_number_restraints                     ? 
_refine.occupancy_min                            ? 
_refine.occupancy_max                            ? 
_refine.B_iso_mean                               ? 
_refine.aniso_B[1][1]                            ? 
_refine.aniso_B[2][2]                            ? 
_refine.aniso_B[3][3]                            ? 
_refine.aniso_B[1][2]                            ? 
_refine.aniso_B[1][3]                            ? 
_refine.aniso_B[2][3]                            ? 
_refine.solvent_model_details                    ? 
_refine.solvent_model_param_ksol                 ? 
_refine.solvent_model_param_bsol                 ? 
_refine.pdbx_ls_cross_valid_method               THROUGHOUT 
_refine.details                                  ? 
_refine.pdbx_starting_model                      ? 
_refine.pdbx_method_to_determine_struct          MAD 
_refine.pdbx_isotropic_thermal_model             ? 
_refine.pdbx_stereochemistry_target_values       ? 
_refine.pdbx_stereochem_target_val_spec_case     ? 
_refine.pdbx_R_Free_selection_details            RANDOM 
_refine.pdbx_overall_ESU_R                       ? 
_refine.pdbx_overall_ESU_R_Free                  ? 
_refine.overall_SU_ML                            ? 
_refine.overall_SU_B                             ? 
_refine.ls_redundancy_reflns_obs                 ? 
_refine.B_iso_min                                ? 
_refine.B_iso_max                                ? 
_refine.pdbx_refine_id                           'X-RAY DIFFRACTION' 
_refine.pdbx_diffrn_id                           1 
_refine.pdbx_TLS_residual_ADP_flag               ? 
_refine.correlation_coeff_Fo_to_Fc               ? 
_refine.correlation_coeff_Fo_to_Fc_free          ? 
_refine.pdbx_solvent_vdw_probe_radii             ? 
_refine.pdbx_solvent_ion_probe_radii             ? 
_refine.pdbx_solvent_shrinkage_radii             ? 
_refine.pdbx_overall_phase_error                 ? 
_refine.overall_SU_R_Cruickshank_DPI             ? 
_refine.pdbx_overall_SU_R_free_Cruickshank_DPI   ? 
_refine.pdbx_overall_SU_R_Blow_DPI               ? 
_refine.pdbx_overall_SU_R_free_Blow_DPI          ? 
# 
_refine_hist.pdbx_refine_id                   'X-RAY DIFFRACTION' 
_refine_hist.cycle_id                         LAST 
_refine_hist.pdbx_number_atoms_protein        1312 
_refine_hist.pdbx_number_atoms_nucleic_acid   0 
_refine_hist.pdbx_number_atoms_ligand         7 
_refine_hist.number_atoms_solvent             133 
_refine_hist.number_atoms_total               1452 
_refine_hist.d_res_high                       1.90 
_refine_hist.d_res_low                        8.0 
# 
loop_
_refine_ls_restr.type 
_refine_ls_restr.dev_ideal 
_refine_ls_restr.dev_ideal_target 
_refine_ls_restr.weight 
_refine_ls_restr.number 
_refine_ls_restr.pdbx_refine_id 
_refine_ls_restr.pdbx_restraint_function 
x_bond_d                0.008 ? ? ? 'X-RAY DIFFRACTION' ? 
x_bond_d_na             ?     ? ? ? 'X-RAY DIFFRACTION' ? 
x_bond_d_prot           ?     ? ? ? 'X-RAY DIFFRACTION' ? 
x_angle_d               ?     ? ? ? 'X-RAY DIFFRACTION' ? 
x_angle_d_na            ?     ? ? ? 'X-RAY DIFFRACTION' ? 
x_angle_d_prot          ?     ? ? ? 'X-RAY DIFFRACTION' ? 
x_angle_deg             1.81  ? ? ? 'X-RAY DIFFRACTION' ? 
x_angle_deg_na          ?     ? ? ? 'X-RAY DIFFRACTION' ? 
x_angle_deg_prot        ?     ? ? ? 'X-RAY DIFFRACTION' ? 
x_dihedral_angle_d      ?     ? ? ? 'X-RAY DIFFRACTION' ? 
x_dihedral_angle_d_na   ?     ? ? ? 'X-RAY DIFFRACTION' ? 
x_dihedral_angle_d_prot ?     ? ? ? 'X-RAY DIFFRACTION' ? 
x_improper_angle_d      ?     ? ? ? 'X-RAY DIFFRACTION' ? 
x_improper_angle_d_na   ?     ? ? ? 'X-RAY DIFFRACTION' ? 
x_improper_angle_d_prot ?     ? ? ? 'X-RAY DIFFRACTION' ? 
x_mcbond_it             ?     ? ? ? 'X-RAY DIFFRACTION' ? 
x_mcangle_it            ?     ? ? ? 'X-RAY DIFFRACTION' ? 
x_scbond_it             ?     ? ? ? 'X-RAY DIFFRACTION' ? 
x_scangle_it            ?     ? ? ? 'X-RAY DIFFRACTION' ? 
# 
_struct.entry_id                  1CZS 
_struct.title                     'CRYSTAL STRUCTURE OF THE C2 DOMAIN OF HUMAN COAGULATION FACTOR V: COMPLEX WITH PHENYLMERCURY' 
_struct.pdbx_model_details        ? 
_struct.pdbx_CASP_flag            ? 
_struct.pdbx_model_type_details   ? 
# 
_struct_keywords.entry_id        1CZS 
_struct_keywords.pdbx_keywords   'BLOOD CLOTTING' 
_struct_keywords.text            'COAGULATION, MEMBRANE-BINDING, DISCOIDIN FAMILY, CALCIUM-INDEPENDENT, BLOOD CLOTTING' 
# 
loop_
_struct_asym.id 
_struct_asym.pdbx_blank_PDB_chainid_flag 
_struct_asym.pdbx_modified 
_struct_asym.entity_id 
_struct_asym.details 
A N N 1 ? 
B N N 2 ? 
C N N 3 ? 
# 
_struct_ref.id                         1 
_struct_ref.db_name                    UNP 
_struct_ref.db_code                    FA5_HUMAN 
_struct_ref.entity_id                  1 
_struct_ref.pdbx_db_accession          P12259 
_struct_ref.pdbx_db_isoform            ? 
_struct_ref.pdbx_seq_one_letter_code   ? 
_struct_ref.pdbx_align_begin           ? 
# 
_struct_ref_seq.align_id                      1 
_struct_ref_seq.ref_id                        1 
_struct_ref_seq.pdbx_PDB_id_code              1CZS 
_struct_ref_seq.pdbx_strand_id                A 
_struct_ref_seq.seq_align_beg                 1 
_struct_ref_seq.pdbx_seq_align_beg_ins_code   ? 
_struct_ref_seq.seq_align_end                 160 
_struct_ref_seq.pdbx_seq_align_end_ins_code   ? 
_struct_ref_seq.pdbx_db_accession             P12259 
_struct_ref_seq.db_align_beg                  2065 
_struct_ref_seq.pdbx_db_align_beg_ins_code    ? 
_struct_ref_seq.db_align_end                  2224 
_struct_ref_seq.pdbx_db_align_end_ins_code    ? 
_struct_ref_seq.pdbx_auth_seq_align_beg       0 
_struct_ref_seq.pdbx_auth_seq_align_end       159 
# 
_pdbx_struct_assembly.id                   1 
_pdbx_struct_assembly.details              author_defined_assembly 
_pdbx_struct_assembly.method_details       ? 
_pdbx_struct_assembly.oligomeric_details   monomeric 
_pdbx_struct_assembly.oligomeric_count     1 
# 
_pdbx_struct_assembly_gen.assembly_id       1 
_pdbx_struct_assembly_gen.oper_expression   1 
_pdbx_struct_assembly_gen.asym_id_list      A,B,C 
# 
_pdbx_struct_oper_list.id                   1 
_pdbx_struct_oper_list.type                 'identity operation' 
_pdbx_struct_oper_list.name                 1_555 
_pdbx_struct_oper_list.symmetry_operation   x,y,z 
_pdbx_struct_oper_list.matrix[1][1]         1.0000000000 
_pdbx_struct_oper_list.matrix[1][2]         0.0000000000 
_pdbx_struct_oper_list.matrix[1][3]         0.0000000000 
_pdbx_struct_oper_list.vector[1]            0.0000000000 
_pdbx_struct_oper_list.matrix[2][1]         0.0000000000 
_pdbx_struct_oper_list.matrix[2][2]         1.0000000000 
_pdbx_struct_oper_list.matrix[2][3]         0.0000000000 
_pdbx_struct_oper_list.vector[2]            0.0000000000 
_pdbx_struct_oper_list.matrix[3][1]         0.0000000000 
_pdbx_struct_oper_list.matrix[3][2]         0.0000000000 
_pdbx_struct_oper_list.matrix[3][3]         1.0000000000 
_pdbx_struct_oper_list.vector[3]            0.0000000000 
# 
_struct_biol.id   1 
# 
loop_
_struct_conf.conf_type_id 
_struct_conf.id 
_struct_conf.pdbx_PDB_helix_id 
_struct_conf.beg_label_comp_id 
_struct_conf.beg_label_asym_id 
_struct_conf.beg_label_seq_id 
_struct_conf.pdbx_beg_PDB_ins_code 
_struct_conf.end_label_comp_id 
_struct_conf.end_label_asym_id 
_struct_conf.end_label_seq_id 
_struct_conf.pdbx_end_PDB_ins_code 
_struct_conf.beg_auth_comp_id 
_struct_conf.beg_auth_asym_id 
_struct_conf.beg_auth_seq_id 
_struct_conf.end_auth_comp_id 
_struct_conf.end_auth_asym_id 
_struct_conf.end_auth_seq_id 
_struct_conf.pdbx_PDB_helix_class 
_struct_conf.details 
_struct_conf.pdbx_PDB_helix_length 
HELX_P HELX_P1 1 GLU A 14 ? LYS A 16 ? GLU A 13 LYS A 15 5 ? 3 
HELX_P HELX_P2 2 GLU A 33 ? ALA A 37 ? GLU A 32 ALA A 36 5 ? 5 
# 
_struct_conf_type.id          HELX_P 
_struct_conf_type.criteria    ? 
_struct_conf_type.reference   ? 
# 
loop_
_struct_conn.id 
_struct_conn.conn_type_id 
_struct_conn.pdbx_leaving_atom_flag 
_struct_conn.pdbx_PDB_id 
_struct_conn.ptnr1_label_asym_id 
_struct_conn.ptnr1_label_comp_id 
_struct_conn.ptnr1_label_seq_id 
_struct_conn.ptnr1_label_atom_id 
_struct_conn.pdbx_ptnr1_label_alt_id 
_struct_conn.pdbx_ptnr1_PDB_ins_code 
_struct_conn.pdbx_ptnr1_standard_comp_id 
_struct_conn.ptnr1_symmetry 
_struct_conn.ptnr2_label_asym_id 
_struct_conn.ptnr2_label_comp_id 
_struct_conn.ptnr2_label_seq_id 
_struct_conn.ptnr2_label_atom_id 
_struct_conn.pdbx_ptnr2_label_alt_id 
_struct_conn.pdbx_ptnr2_PDB_ins_code 
_struct_conn.ptnr1_auth_asym_id 
_struct_conn.ptnr1_auth_comp_id 
_struct_conn.ptnr1_auth_seq_id 
_struct_conn.ptnr2_auth_asym_id 
_struct_conn.ptnr2_auth_comp_id 
_struct_conn.ptnr2_auth_seq_id 
_struct_conn.ptnr2_symmetry 
_struct_conn.pdbx_ptnr3_label_atom_id 
_struct_conn.pdbx_ptnr3_label_seq_id 
_struct_conn.pdbx_ptnr3_label_comp_id 
_struct_conn.pdbx_ptnr3_label_asym_id 
_struct_conn.pdbx_ptnr3_label_alt_id 
_struct_conn.pdbx_ptnr3_PDB_ins_code 
_struct_conn.details 
_struct_conn.pdbx_dist_value 
_struct_conn.pdbx_value_order 
_struct_conn.pdbx_role 
disulf1 disulf ? ? A CYS 2  SG ? ? ? 1_555 A CYS 157 SG ? ? A CYS 1   A CYS 156 1_555 ? ? ? ? ? ? ? 2.027 ? ? 
metalc1 metalc ? ? A CYS 77 SG ? ? ? 1_555 B PHG .   HG ? ? A CYS 76  A PHG 296 1_555 ? ? ? ? ? ? ? 2.527 ? ? 
metalc2 metalc ? ? C HOH .  O  ? ? ? 1_555 B PHG .   HG ? ? A HOH 216 A PHG 296 1_555 ? ? ? ? ? ? ? 2.907 ? ? 
# 
loop_
_struct_conn_type.id 
_struct_conn_type.criteria 
_struct_conn_type.reference 
disulf ? ? 
metalc ? ? 
# 
loop_
_pdbx_struct_conn_angle.id 
_pdbx_struct_conn_angle.ptnr1_label_atom_id 
_pdbx_struct_conn_angle.ptnr1_label_alt_id 
_pdbx_struct_conn_angle.ptnr1_label_asym_id 
_pdbx_struct_conn_angle.ptnr1_label_comp_id 
_pdbx_struct_conn_angle.ptnr1_label_seq_id 
_pdbx_struct_conn_angle.ptnr1_auth_atom_id 
_pdbx_struct_conn_angle.ptnr1_auth_asym_id 
_pdbx_struct_conn_angle.ptnr1_auth_comp_id 
_pdbx_struct_conn_angle.ptnr1_auth_seq_id 
_pdbx_struct_conn_angle.ptnr1_PDB_ins_code 
_pdbx_struct_conn_angle.ptnr1_symmetry 
_pdbx_struct_conn_angle.ptnr2_label_atom_id 
_pdbx_struct_conn_angle.ptnr2_label_alt_id 
_pdbx_struct_conn_angle.ptnr2_label_asym_id 
_pdbx_struct_conn_angle.ptnr2_label_comp_id 
_pdbx_struct_conn_angle.ptnr2_label_seq_id 
_pdbx_struct_conn_angle.ptnr2_auth_atom_id 
_pdbx_struct_conn_angle.ptnr2_auth_asym_id 
_pdbx_struct_conn_angle.ptnr2_auth_comp_id 
_pdbx_struct_conn_angle.ptnr2_auth_seq_id 
_pdbx_struct_conn_angle.ptnr2_PDB_ins_code 
_pdbx_struct_conn_angle.ptnr2_symmetry 
_pdbx_struct_conn_angle.ptnr3_label_atom_id 
_pdbx_struct_conn_angle.ptnr3_label_alt_id 
_pdbx_struct_conn_angle.ptnr3_label_asym_id 
_pdbx_struct_conn_angle.ptnr3_label_comp_id 
_pdbx_struct_conn_angle.ptnr3_label_seq_id 
_pdbx_struct_conn_angle.ptnr3_auth_atom_id 
_pdbx_struct_conn_angle.ptnr3_auth_asym_id 
_pdbx_struct_conn_angle.ptnr3_auth_comp_id 
_pdbx_struct_conn_angle.ptnr3_auth_seq_id 
_pdbx_struct_conn_angle.ptnr3_PDB_ins_code 
_pdbx_struct_conn_angle.ptnr3_symmetry 
_pdbx_struct_conn_angle.value 
_pdbx_struct_conn_angle.value_esd 
1 SG ? A CYS 77 ? A CYS 76  ? 1_555 HG ? B PHG . ? A PHG 296 ? 1_555 C4 ? B PHG . ? A PHG 296 ? 1_555 169.5 ? 
2 SG ? A CYS 77 ? A CYS 76  ? 1_555 HG ? B PHG . ? A PHG 296 ? 1_555 O  ? C HOH . ? A HOH 216 ? 1_555 86.1  ? 
3 C4 ? B PHG .  ? A PHG 296 ? 1_555 HG ? B PHG . ? A PHG 296 ? 1_555 O  ? C HOH . ? A HOH 216 ? 1_555 100.4 ? 
# 
_pdbx_modification_feature.ordinal                            1 
_pdbx_modification_feature.label_comp_id                      CYS 
_pdbx_modification_feature.label_asym_id                      A 
_pdbx_modification_feature.label_seq_id                       2 
_pdbx_modification_feature.label_alt_id                       ? 
_pdbx_modification_feature.modified_residue_label_comp_id     CYS 
_pdbx_modification_feature.modified_residue_label_asym_id     A 
_pdbx_modification_feature.modified_residue_label_seq_id      157 
_pdbx_modification_feature.modified_residue_label_alt_id      ? 
_pdbx_modification_feature.auth_comp_id                       CYS 
_pdbx_modification_feature.auth_asym_id                       A 
_pdbx_modification_feature.auth_seq_id                        1 
_pdbx_modification_feature.PDB_ins_code                       ? 
_pdbx_modification_feature.symmetry                           1_555 
_pdbx_modification_feature.modified_residue_auth_comp_id      CYS 
_pdbx_modification_feature.modified_residue_auth_asym_id      A 
_pdbx_modification_feature.modified_residue_auth_seq_id       156 
_pdbx_modification_feature.modified_residue_PDB_ins_code      ? 
_pdbx_modification_feature.modified_residue_symmetry          1_555 
_pdbx_modification_feature.comp_id_linking_atom               SG 
_pdbx_modification_feature.modified_residue_id_linking_atom   SG 
_pdbx_modification_feature.modified_residue_id                . 
_pdbx_modification_feature.ref_pcm_id                         . 
_pdbx_modification_feature.ref_comp_id                        . 
_pdbx_modification_feature.type                               None 
_pdbx_modification_feature.category                           'Disulfide bridge' 
# 
_struct_mon_prot_cis.pdbx_id                1 
_struct_mon_prot_cis.label_comp_id          ASN 
_struct_mon_prot_cis.label_seq_id           129 
_struct_mon_prot_cis.label_asym_id          A 
_struct_mon_prot_cis.label_alt_id           . 
_struct_mon_prot_cis.pdbx_PDB_ins_code      ? 
_struct_mon_prot_cis.auth_comp_id           ASN 
_struct_mon_prot_cis.auth_seq_id            128 
_struct_mon_prot_cis.auth_asym_id           A 
_struct_mon_prot_cis.pdbx_label_comp_id_2   PRO 
_struct_mon_prot_cis.pdbx_label_seq_id_2    130 
_struct_mon_prot_cis.pdbx_label_asym_id_2   A 
_struct_mon_prot_cis.pdbx_PDB_ins_code_2    ? 
_struct_mon_prot_cis.pdbx_auth_comp_id_2    PRO 
_struct_mon_prot_cis.pdbx_auth_seq_id_2     129 
_struct_mon_prot_cis.pdbx_auth_asym_id_2    A 
_struct_mon_prot_cis.pdbx_PDB_model_num     1 
_struct_mon_prot_cis.pdbx_omega_angle       8.80 
# 
loop_
_struct_sheet.id 
_struct_sheet.type 
_struct_sheet.number_strands 
_struct_sheet.details 
A ? 1 ? 
B ? 1 ? 
C ? 1 ? 
D ? 1 ? 
E ? 1 ? 
F ? 1 ? 
G ? 1 ? 
H ? 1 ? 
# 
loop_
_struct_sheet_range.sheet_id 
_struct_sheet_range.id 
_struct_sheet_range.beg_label_comp_id 
_struct_sheet_range.beg_label_asym_id 
_struct_sheet_range.beg_label_seq_id 
_struct_sheet_range.pdbx_beg_PDB_ins_code 
_struct_sheet_range.end_label_comp_id 
_struct_sheet_range.end_label_asym_id 
_struct_sheet_range.end_label_seq_id 
_struct_sheet_range.pdbx_end_PDB_ins_code 
_struct_sheet_range.beg_auth_comp_id 
_struct_sheet_range.beg_auth_asym_id 
_struct_sheet_range.beg_auth_seq_id 
_struct_sheet_range.end_auth_comp_id 
_struct_sheet_range.end_auth_asym_id 
_struct_sheet_range.end_auth_seq_id 
A 1 GLN A 17  ? SER A 21  ? GLN A 16  SER A 20  
B 1 TRP A 58  ? ASP A 62  ? TRP A 57  ASP A 61  
C 1 ALA A 71  ? GLY A 76  ? ALA A 70  GLY A 75  
D 1 VAL A 86  ? SER A 94  ? VAL A 85  SER A 93  
E 1 PHE A 114 ? THR A 118 ? PHE A 113 THR A 117 
F 1 VAL A 124 ? PHE A 128 ? VAL A 123 PHE A 127 
G 1 PHE A 136 ? ILE A 140 ? PHE A 135 ILE A 139 
H 1 ARG A 151 ? PHE A 155 ? ARG A 150 PHE A 154 
# 
_struct_site.id                   AC1 
_struct_site.pdbx_evidence_code   Software 
_struct_site.pdbx_auth_asym_id    A 
_struct_site.pdbx_auth_comp_id    PHG 
_struct_site.pdbx_auth_seq_id     296 
_struct_site.pdbx_auth_ins_code   ? 
_struct_site.pdbx_num_residues    4 
_struct_site.details              'BINDING SITE FOR RESIDUE PHG A 296' 
# 
loop_
_struct_site_gen.id 
_struct_site_gen.site_id 
_struct_site_gen.pdbx_num_res 
_struct_site_gen.label_comp_id 
_struct_site_gen.label_asym_id 
_struct_site_gen.label_seq_id 
_struct_site_gen.pdbx_auth_ins_code 
_struct_site_gen.auth_comp_id 
_struct_site_gen.auth_asym_id 
_struct_site_gen.auth_seq_id 
_struct_site_gen.label_atom_id 
_struct_site_gen.label_alt_id 
_struct_site_gen.symmetry 
_struct_site_gen.details 
1 AC1 4 GLN A 49 ? GLN A 48  . ? 1_555 ? 
2 AC1 4 CYS A 77 ? CYS A 76  . ? 1_555 ? 
3 AC1 4 MET A 84 ? MET A 83  . ? 1_555 ? 
4 AC1 4 HOH C .  ? HOH A 216 . ? 1_555 ? 
# 
_pdbx_entry_details.entry_id                   1CZS 
_pdbx_entry_details.compound_details           ? 
_pdbx_entry_details.source_details             ? 
_pdbx_entry_details.nonpolymer_details         ? 
_pdbx_entry_details.sequence_details           ? 
_pdbx_entry_details.has_ligand_of_interest     ? 
_pdbx_entry_details.has_protein_modification   Y 
# 
loop_
_pdbx_validate_torsion.id 
_pdbx_validate_torsion.PDB_model_num 
_pdbx_validate_torsion.auth_comp_id 
_pdbx_validate_torsion.auth_asym_id 
_pdbx_validate_torsion.auth_seq_id 
_pdbx_validate_torsion.PDB_ins_code 
_pdbx_validate_torsion.label_alt_id 
_pdbx_validate_torsion.phi 
_pdbx_validate_torsion.psi 
1 1 SER A 2   ? ? -152.00 24.45   
2 1 PHE A 34  ? ? -69.36  0.89    
3 1 LEU A 63  ? ? 72.86   -19.84  
4 1 SER A 78  ? ? -158.25 86.95   
5 1 LEU A 79  ? ? 85.03   -136.09 
6 1 GLU A 98  ? ? 70.55   111.46  
7 1 GLN A 145 ? ? 69.69   -61.81  
# 
loop_
_pdbx_unobs_or_zero_occ_residues.id 
_pdbx_unobs_or_zero_occ_residues.PDB_model_num 
_pdbx_unobs_or_zero_occ_residues.polymer_flag 
_pdbx_unobs_or_zero_occ_residues.occupancy_flag 
_pdbx_unobs_or_zero_occ_residues.auth_asym_id 
_pdbx_unobs_or_zero_occ_residues.auth_comp_id 
_pdbx_unobs_or_zero_occ_residues.auth_seq_id 
_pdbx_unobs_or_zero_occ_residues.PDB_ins_code 
_pdbx_unobs_or_zero_occ_residues.label_asym_id 
_pdbx_unobs_or_zero_occ_residues.label_comp_id 
_pdbx_unobs_or_zero_occ_residues.label_seq_id 
1 1 Y 0 A LEU 79 ? A LEU 80 
2 1 Y 0 A SER 80 ? A SER 81 
# 
loop_
_chem_comp_atom.comp_id 
_chem_comp_atom.atom_id 
_chem_comp_atom.type_symbol 
_chem_comp_atom.pdbx_aromatic_flag 
_chem_comp_atom.pdbx_stereo_config 
_chem_comp_atom.pdbx_ordinal 
ALA N    N  N N 1   
ALA CA   C  N S 2   
ALA C    C  N N 3   
ALA O    O  N N 4   
ALA CB   C  N N 5   
ALA OXT  O  N N 6   
ALA H    H  N N 7   
ALA H2   H  N N 8   
ALA HA   H  N N 9   
ALA HB1  H  N N 10  
ALA HB2  H  N N 11  
ALA HB3  H  N N 12  
ALA HXT  H  N N 13  
ARG N    N  N N 14  
ARG CA   C  N S 15  
ARG C    C  N N 16  
ARG O    O  N N 17  
ARG CB   C  N N 18  
ARG CG   C  N N 19  
ARG CD   C  N N 20  
ARG NE   N  N N 21  
ARG CZ   C  N N 22  
ARG NH1  N  N N 23  
ARG NH2  N  N N 24  
ARG OXT  O  N N 25  
ARG H    H  N N 26  
ARG H2   H  N N 27  
ARG HA   H  N N 28  
ARG HB2  H  N N 29  
ARG HB3  H  N N 30  
ARG HG2  H  N N 31  
ARG HG3  H  N N 32  
ARG HD2  H  N N 33  
ARG HD3  H  N N 34  
ARG HE   H  N N 35  
ARG HH11 H  N N 36  
ARG HH12 H  N N 37  
ARG HH21 H  N N 38  
ARG HH22 H  N N 39  
ARG HXT  H  N N 40  
ASN N    N  N N 41  
ASN CA   C  N S 42  
ASN C    C  N N 43  
ASN O    O  N N 44  
ASN CB   C  N N 45  
ASN CG   C  N N 46  
ASN OD1  O  N N 47  
ASN ND2  N  N N 48  
ASN OXT  O  N N 49  
ASN H    H  N N 50  
ASN H2   H  N N 51  
ASN HA   H  N N 52  
ASN HB2  H  N N 53  
ASN HB3  H  N N 54  
ASN HD21 H  N N 55  
ASN HD22 H  N N 56  
ASN HXT  H  N N 57  
ASP N    N  N N 58  
ASP CA   C  N S 59  
ASP C    C  N N 60  
ASP O    O  N N 61  
ASP CB   C  N N 62  
ASP CG   C  N N 63  
ASP OD1  O  N N 64  
ASP OD2  O  N N 65  
ASP OXT  O  N N 66  
ASP H    H  N N 67  
ASP H2   H  N N 68  
ASP HA   H  N N 69  
ASP HB2  H  N N 70  
ASP HB3  H  N N 71  
ASP HD2  H  N N 72  
ASP HXT  H  N N 73  
CYS N    N  N N 74  
CYS CA   C  N R 75  
CYS C    C  N N 76  
CYS O    O  N N 77  
CYS CB   C  N N 78  
CYS SG   S  N N 79  
CYS OXT  O  N N 80  
CYS H    H  N N 81  
CYS H2   H  N N 82  
CYS HA   H  N N 83  
CYS HB2  H  N N 84  
CYS HB3  H  N N 85  
CYS HG   H  N N 86  
CYS HXT  H  N N 87  
GLN N    N  N N 88  
GLN CA   C  N S 89  
GLN C    C  N N 90  
GLN O    O  N N 91  
GLN CB   C  N N 92  
GLN CG   C  N N 93  
GLN CD   C  N N 94  
GLN OE1  O  N N 95  
GLN NE2  N  N N 96  
GLN OXT  O  N N 97  
GLN H    H  N N 98  
GLN H2   H  N N 99  
GLN HA   H  N N 100 
GLN HB2  H  N N 101 
GLN HB3  H  N N 102 
GLN HG2  H  N N 103 
GLN HG3  H  N N 104 
GLN HE21 H  N N 105 
GLN HE22 H  N N 106 
GLN HXT  H  N N 107 
GLU N    N  N N 108 
GLU CA   C  N S 109 
GLU C    C  N N 110 
GLU O    O  N N 111 
GLU CB   C  N N 112 
GLU CG   C  N N 113 
GLU CD   C  N N 114 
GLU OE1  O  N N 115 
GLU OE2  O  N N 116 
GLU OXT  O  N N 117 
GLU H    H  N N 118 
GLU H2   H  N N 119 
GLU HA   H  N N 120 
GLU HB2  H  N N 121 
GLU HB3  H  N N 122 
GLU HG2  H  N N 123 
GLU HG3  H  N N 124 
GLU HE2  H  N N 125 
GLU HXT  H  N N 126 
GLY N    N  N N 127 
GLY CA   C  N N 128 
GLY C    C  N N 129 
GLY O    O  N N 130 
GLY OXT  O  N N 131 
GLY H    H  N N 132 
GLY H2   H  N N 133 
GLY HA2  H  N N 134 
GLY HA3  H  N N 135 
GLY HXT  H  N N 136 
HIS N    N  N N 137 
HIS CA   C  N S 138 
HIS C    C  N N 139 
HIS O    O  N N 140 
HIS CB   C  N N 141 
HIS CG   C  Y N 142 
HIS ND1  N  Y N 143 
HIS CD2  C  Y N 144 
HIS CE1  C  Y N 145 
HIS NE2  N  Y N 146 
HIS OXT  O  N N 147 
HIS H    H  N N 148 
HIS H2   H  N N 149 
HIS HA   H  N N 150 
HIS HB2  H  N N 151 
HIS HB3  H  N N 152 
HIS HD1  H  N N 153 
HIS HD2  H  N N 154 
HIS HE1  H  N N 155 
HIS HE2  H  N N 156 
HIS HXT  H  N N 157 
HOH O    O  N N 158 
HOH H1   H  N N 159 
HOH H2   H  N N 160 
ILE N    N  N N 161 
ILE CA   C  N S 162 
ILE C    C  N N 163 
ILE O    O  N N 164 
ILE CB   C  N S 165 
ILE CG1  C  N N 166 
ILE CG2  C  N N 167 
ILE CD1  C  N N 168 
ILE OXT  O  N N 169 
ILE H    H  N N 170 
ILE H2   H  N N 171 
ILE HA   H  N N 172 
ILE HB   H  N N 173 
ILE HG12 H  N N 174 
ILE HG13 H  N N 175 
ILE HG21 H  N N 176 
ILE HG22 H  N N 177 
ILE HG23 H  N N 178 
ILE HD11 H  N N 179 
ILE HD12 H  N N 180 
ILE HD13 H  N N 181 
ILE HXT  H  N N 182 
LEU N    N  N N 183 
LEU CA   C  N S 184 
LEU C    C  N N 185 
LEU O    O  N N 186 
LEU CB   C  N N 187 
LEU CG   C  N N 188 
LEU CD1  C  N N 189 
LEU CD2  C  N N 190 
LEU OXT  O  N N 191 
LEU H    H  N N 192 
LEU H2   H  N N 193 
LEU HA   H  N N 194 
LEU HB2  H  N N 195 
LEU HB3  H  N N 196 
LEU HG   H  N N 197 
LEU HD11 H  N N 198 
LEU HD12 H  N N 199 
LEU HD13 H  N N 200 
LEU HD21 H  N N 201 
LEU HD22 H  N N 202 
LEU HD23 H  N N 203 
LEU HXT  H  N N 204 
LYS N    N  N N 205 
LYS CA   C  N S 206 
LYS C    C  N N 207 
LYS O    O  N N 208 
LYS CB   C  N N 209 
LYS CG   C  N N 210 
LYS CD   C  N N 211 
LYS CE   C  N N 212 
LYS NZ   N  N N 213 
LYS OXT  O  N N 214 
LYS H    H  N N 215 
LYS H2   H  N N 216 
LYS HA   H  N N 217 
LYS HB2  H  N N 218 
LYS HB3  H  N N 219 
LYS HG2  H  N N 220 
LYS HG3  H  N N 221 
LYS HD2  H  N N 222 
LYS HD3  H  N N 223 
LYS HE2  H  N N 224 
LYS HE3  H  N N 225 
LYS HZ1  H  N N 226 
LYS HZ2  H  N N 227 
LYS HZ3  H  N N 228 
LYS HXT  H  N N 229 
MET N    N  N N 230 
MET CA   C  N S 231 
MET C    C  N N 232 
MET O    O  N N 233 
MET CB   C  N N 234 
MET CG   C  N N 235 
MET SD   S  N N 236 
MET CE   C  N N 237 
MET OXT  O  N N 238 
MET H    H  N N 239 
MET H2   H  N N 240 
MET HA   H  N N 241 
MET HB2  H  N N 242 
MET HB3  H  N N 243 
MET HG2  H  N N 244 
MET HG3  H  N N 245 
MET HE1  H  N N 246 
MET HE2  H  N N 247 
MET HE3  H  N N 248 
MET HXT  H  N N 249 
PHE N    N  N N 250 
PHE CA   C  N S 251 
PHE C    C  N N 252 
PHE O    O  N N 253 
PHE CB   C  N N 254 
PHE CG   C  Y N 255 
PHE CD1  C  Y N 256 
PHE CD2  C  Y N 257 
PHE CE1  C  Y N 258 
PHE CE2  C  Y N 259 
PHE CZ   C  Y N 260 
PHE OXT  O  N N 261 
PHE H    H  N N 262 
PHE H2   H  N N 263 
PHE HA   H  N N 264 
PHE HB2  H  N N 265 
PHE HB3  H  N N 266 
PHE HD1  H  N N 267 
PHE HD2  H  N N 268 
PHE HE1  H  N N 269 
PHE HE2  H  N N 270 
PHE HZ   H  N N 271 
PHE HXT  H  N N 272 
PHG C1   C  Y N 273 
PHG C2   C  Y N 274 
PHG C3   C  Y N 275 
PHG C4   C  Y N 276 
PHG C5   C  Y N 277 
PHG C6   C  Y N 278 
PHG HG   HG N N 279 
PHG H1   H  N N 280 
PHG H2   H  N N 281 
PHG H3   H  N N 282 
PHG H5   H  N N 283 
PHG H6   H  N N 284 
PRO N    N  N N 285 
PRO CA   C  N S 286 
PRO C    C  N N 287 
PRO O    O  N N 288 
PRO CB   C  N N 289 
PRO CG   C  N N 290 
PRO CD   C  N N 291 
PRO OXT  O  N N 292 
PRO H    H  N N 293 
PRO HA   H  N N 294 
PRO HB2  H  N N 295 
PRO HB3  H  N N 296 
PRO HG2  H  N N 297 
PRO HG3  H  N N 298 
PRO HD2  H  N N 299 
PRO HD3  H  N N 300 
PRO HXT  H  N N 301 
SER N    N  N N 302 
SER CA   C  N S 303 
SER C    C  N N 304 
SER O    O  N N 305 
SER CB   C  N N 306 
SER OG   O  N N 307 
SER OXT  O  N N 308 
SER H    H  N N 309 
SER H2   H  N N 310 
SER HA   H  N N 311 
SER HB2  H  N N 312 
SER HB3  H  N N 313 
SER HG   H  N N 314 
SER HXT  H  N N 315 
THR N    N  N N 316 
THR CA   C  N S 317 
THR C    C  N N 318 
THR O    O  N N 319 
THR CB   C  N R 320 
THR OG1  O  N N 321 
THR CG2  C  N N 322 
THR OXT  O  N N 323 
THR H    H  N N 324 
THR H2   H  N N 325 
THR HA   H  N N 326 
THR HB   H  N N 327 
THR HG1  H  N N 328 
THR HG21 H  N N 329 
THR HG22 H  N N 330 
THR HG23 H  N N 331 
THR HXT  H  N N 332 
TRP N    N  N N 333 
TRP CA   C  N S 334 
TRP C    C  N N 335 
TRP O    O  N N 336 
TRP CB   C  N N 337 
TRP CG   C  Y N 338 
TRP CD1  C  Y N 339 
TRP CD2  C  Y N 340 
TRP NE1  N  Y N 341 
TRP CE2  C  Y N 342 
TRP CE3  C  Y N 343 
TRP CZ2  C  Y N 344 
TRP CZ3  C  Y N 345 
TRP CH2  C  Y N 346 
TRP OXT  O  N N 347 
TRP H    H  N N 348 
TRP H2   H  N N 349 
TRP HA   H  N N 350 
TRP HB2  H  N N 351 
TRP HB3  H  N N 352 
TRP HD1  H  N N 353 
TRP HE1  H  N N 354 
TRP HE3  H  N N 355 
TRP HZ2  H  N N 356 
TRP HZ3  H  N N 357 
TRP HH2  H  N N 358 
TRP HXT  H  N N 359 
TYR N    N  N N 360 
TYR CA   C  N S 361 
TYR C    C  N N 362 
TYR O    O  N N 363 
TYR CB   C  N N 364 
TYR CG   C  Y N 365 
TYR CD1  C  Y N 366 
TYR CD2  C  Y N 367 
TYR CE1  C  Y N 368 
TYR CE2  C  Y N 369 
TYR CZ   C  Y N 370 
TYR OH   O  N N 371 
TYR OXT  O  N N 372 
TYR H    H  N N 373 
TYR H2   H  N N 374 
TYR HA   H  N N 375 
TYR HB2  H  N N 376 
TYR HB3  H  N N 377 
TYR HD1  H  N N 378 
TYR HD2  H  N N 379 
TYR HE1  H  N N 380 
TYR HE2  H  N N 381 
TYR HH   H  N N 382 
TYR HXT  H  N N 383 
VAL N    N  N N 384 
VAL CA   C  N S 385 
VAL C    C  N N 386 
VAL O    O  N N 387 
VAL CB   C  N N 388 
VAL CG1  C  N N 389 
VAL CG2  C  N N 390 
VAL OXT  O  N N 391 
VAL H    H  N N 392 
VAL H2   H  N N 393 
VAL HA   H  N N 394 
VAL HB   H  N N 395 
VAL HG11 H  N N 396 
VAL HG12 H  N N 397 
VAL HG13 H  N N 398 
VAL HG21 H  N N 399 
VAL HG22 H  N N 400 
VAL HG23 H  N N 401 
VAL HXT  H  N N 402 
# 
loop_
_chem_comp_bond.comp_id 
_chem_comp_bond.atom_id_1 
_chem_comp_bond.atom_id_2 
_chem_comp_bond.value_order 
_chem_comp_bond.pdbx_aromatic_flag 
_chem_comp_bond.pdbx_stereo_config 
_chem_comp_bond.pdbx_ordinal 
ALA N   CA   sing N N 1   
ALA N   H    sing N N 2   
ALA N   H2   sing N N 3   
ALA CA  C    sing N N 4   
ALA CA  CB   sing N N 5   
ALA CA  HA   sing N N 6   
ALA C   O    doub N N 7   
ALA C   OXT  sing N N 8   
ALA CB  HB1  sing N N 9   
ALA CB  HB2  sing N N 10  
ALA CB  HB3  sing N N 11  
ALA OXT HXT  sing N N 12  
ARG N   CA   sing N N 13  
ARG N   H    sing N N 14  
ARG N   H2   sing N N 15  
ARG CA  C    sing N N 16  
ARG CA  CB   sing N N 17  
ARG CA  HA   sing N N 18  
ARG C   O    doub N N 19  
ARG C   OXT  sing N N 20  
ARG CB  CG   sing N N 21  
ARG CB  HB2  sing N N 22  
ARG CB  HB3  sing N N 23  
ARG CG  CD   sing N N 24  
ARG CG  HG2  sing N N 25  
ARG CG  HG3  sing N N 26  
ARG CD  NE   sing N N 27  
ARG CD  HD2  sing N N 28  
ARG CD  HD3  sing N N 29  
ARG NE  CZ   sing N N 30  
ARG NE  HE   sing N N 31  
ARG CZ  NH1  sing N N 32  
ARG CZ  NH2  doub N N 33  
ARG NH1 HH11 sing N N 34  
ARG NH1 HH12 sing N N 35  
ARG NH2 HH21 sing N N 36  
ARG NH2 HH22 sing N N 37  
ARG OXT HXT  sing N N 38  
ASN N   CA   sing N N 39  
ASN N   H    sing N N 40  
ASN N   H2   sing N N 41  
ASN CA  C    sing N N 42  
ASN CA  CB   sing N N 43  
ASN CA  HA   sing N N 44  
ASN C   O    doub N N 45  
ASN C   OXT  sing N N 46  
ASN CB  CG   sing N N 47  
ASN CB  HB2  sing N N 48  
ASN CB  HB3  sing N N 49  
ASN CG  OD1  doub N N 50  
ASN CG  ND2  sing N N 51  
ASN ND2 HD21 sing N N 52  
ASN ND2 HD22 sing N N 53  
ASN OXT HXT  sing N N 54  
ASP N   CA   sing N N 55  
ASP N   H    sing N N 56  
ASP N   H2   sing N N 57  
ASP CA  C    sing N N 58  
ASP CA  CB   sing N N 59  
ASP CA  HA   sing N N 60  
ASP C   O    doub N N 61  
ASP C   OXT  sing N N 62  
ASP CB  CG   sing N N 63  
ASP CB  HB2  sing N N 64  
ASP CB  HB3  sing N N 65  
ASP CG  OD1  doub N N 66  
ASP CG  OD2  sing N N 67  
ASP OD2 HD2  sing N N 68  
ASP OXT HXT  sing N N 69  
CYS N   CA   sing N N 70  
CYS N   H    sing N N 71  
CYS N   H2   sing N N 72  
CYS CA  C    sing N N 73  
CYS CA  CB   sing N N 74  
CYS CA  HA   sing N N 75  
CYS C   O    doub N N 76  
CYS C   OXT  sing N N 77  
CYS CB  SG   sing N N 78  
CYS CB  HB2  sing N N 79  
CYS CB  HB3  sing N N 80  
CYS SG  HG   sing N N 81  
CYS OXT HXT  sing N N 82  
GLN N   CA   sing N N 83  
GLN N   H    sing N N 84  
GLN N   H2   sing N N 85  
GLN CA  C    sing N N 86  
GLN CA  CB   sing N N 87  
GLN CA  HA   sing N N 88  
GLN C   O    doub N N 89  
GLN C   OXT  sing N N 90  
GLN CB  CG   sing N N 91  
GLN CB  HB2  sing N N 92  
GLN CB  HB3  sing N N 93  
GLN CG  CD   sing N N 94  
GLN CG  HG2  sing N N 95  
GLN CG  HG3  sing N N 96  
GLN CD  OE1  doub N N 97  
GLN CD  NE2  sing N N 98  
GLN NE2 HE21 sing N N 99  
GLN NE2 HE22 sing N N 100 
GLN OXT HXT  sing N N 101 
GLU N   CA   sing N N 102 
GLU N   H    sing N N 103 
GLU N   H2   sing N N 104 
GLU CA  C    sing N N 105 
GLU CA  CB   sing N N 106 
GLU CA  HA   sing N N 107 
GLU C   O    doub N N 108 
GLU C   OXT  sing N N 109 
GLU CB  CG   sing N N 110 
GLU CB  HB2  sing N N 111 
GLU CB  HB3  sing N N 112 
GLU CG  CD   sing N N 113 
GLU CG  HG2  sing N N 114 
GLU CG  HG3  sing N N 115 
GLU CD  OE1  doub N N 116 
GLU CD  OE2  sing N N 117 
GLU OE2 HE2  sing N N 118 
GLU OXT HXT  sing N N 119 
GLY N   CA   sing N N 120 
GLY N   H    sing N N 121 
GLY N   H2   sing N N 122 
GLY CA  C    sing N N 123 
GLY CA  HA2  sing N N 124 
GLY CA  HA3  sing N N 125 
GLY C   O    doub N N 126 
GLY C   OXT  sing N N 127 
GLY OXT HXT  sing N N 128 
HIS N   CA   sing N N 129 
HIS N   H    sing N N 130 
HIS N   H2   sing N N 131 
HIS CA  C    sing N N 132 
HIS CA  CB   sing N N 133 
HIS CA  HA   sing N N 134 
HIS C   O    doub N N 135 
HIS C   OXT  sing N N 136 
HIS CB  CG   sing N N 137 
HIS CB  HB2  sing N N 138 
HIS CB  HB3  sing N N 139 
HIS CG  ND1  sing Y N 140 
HIS CG  CD2  doub Y N 141 
HIS ND1 CE1  doub Y N 142 
HIS ND1 HD1  sing N N 143 
HIS CD2 NE2  sing Y N 144 
HIS CD2 HD2  sing N N 145 
HIS CE1 NE2  sing Y N 146 
HIS CE1 HE1  sing N N 147 
HIS NE2 HE2  sing N N 148 
HIS OXT HXT  sing N N 149 
HOH O   H1   sing N N 150 
HOH O   H2   sing N N 151 
ILE N   CA   sing N N 152 
ILE N   H    sing N N 153 
ILE N   H2   sing N N 154 
ILE CA  C    sing N N 155 
ILE CA  CB   sing N N 156 
ILE CA  HA   sing N N 157 
ILE C   O    doub N N 158 
ILE C   OXT  sing N N 159 
ILE CB  CG1  sing N N 160 
ILE CB  CG2  sing N N 161 
ILE CB  HB   sing N N 162 
ILE CG1 CD1  sing N N 163 
ILE CG1 HG12 sing N N 164 
ILE CG1 HG13 sing N N 165 
ILE CG2 HG21 sing N N 166 
ILE CG2 HG22 sing N N 167 
ILE CG2 HG23 sing N N 168 
ILE CD1 HD11 sing N N 169 
ILE CD1 HD12 sing N N 170 
ILE CD1 HD13 sing N N 171 
ILE OXT HXT  sing N N 172 
LEU N   CA   sing N N 173 
LEU N   H    sing N N 174 
LEU N   H2   sing N N 175 
LEU CA  C    sing N N 176 
LEU CA  CB   sing N N 177 
LEU CA  HA   sing N N 178 
LEU C   O    doub N N 179 
LEU C   OXT  sing N N 180 
LEU CB  CG   sing N N 181 
LEU CB  HB2  sing N N 182 
LEU CB  HB3  sing N N 183 
LEU CG  CD1  sing N N 184 
LEU CG  CD2  sing N N 185 
LEU CG  HG   sing N N 186 
LEU CD1 HD11 sing N N 187 
LEU CD1 HD12 sing N N 188 
LEU CD1 HD13 sing N N 189 
LEU CD2 HD21 sing N N 190 
LEU CD2 HD22 sing N N 191 
LEU CD2 HD23 sing N N 192 
LEU OXT HXT  sing N N 193 
LYS N   CA   sing N N 194 
LYS N   H    sing N N 195 
LYS N   H2   sing N N 196 
LYS CA  C    sing N N 197 
LYS CA  CB   sing N N 198 
LYS CA  HA   sing N N 199 
LYS C   O    doub N N 200 
LYS C   OXT  sing N N 201 
LYS CB  CG   sing N N 202 
LYS CB  HB2  sing N N 203 
LYS CB  HB3  sing N N 204 
LYS CG  CD   sing N N 205 
LYS CG  HG2  sing N N 206 
LYS CG  HG3  sing N N 207 
LYS CD  CE   sing N N 208 
LYS CD  HD2  sing N N 209 
LYS CD  HD3  sing N N 210 
LYS CE  NZ   sing N N 211 
LYS CE  HE2  sing N N 212 
LYS CE  HE3  sing N N 213 
LYS NZ  HZ1  sing N N 214 
LYS NZ  HZ2  sing N N 215 
LYS NZ  HZ3  sing N N 216 
LYS OXT HXT  sing N N 217 
MET N   CA   sing N N 218 
MET N   H    sing N N 219 
MET N   H2   sing N N 220 
MET CA  C    sing N N 221 
MET CA  CB   sing N N 222 
MET CA  HA   sing N N 223 
MET C   O    doub N N 224 
MET C   OXT  sing N N 225 
MET CB  CG   sing N N 226 
MET CB  HB2  sing N N 227 
MET CB  HB3  sing N N 228 
MET CG  SD   sing N N 229 
MET CG  HG2  sing N N 230 
MET CG  HG3  sing N N 231 
MET SD  CE   sing N N 232 
MET CE  HE1  sing N N 233 
MET CE  HE2  sing N N 234 
MET CE  HE3  sing N N 235 
MET OXT HXT  sing N N 236 
PHE N   CA   sing N N 237 
PHE N   H    sing N N 238 
PHE N   H2   sing N N 239 
PHE CA  C    sing N N 240 
PHE CA  CB   sing N N 241 
PHE CA  HA   sing N N 242 
PHE C   O    doub N N 243 
PHE C   OXT  sing N N 244 
PHE CB  CG   sing N N 245 
PHE CB  HB2  sing N N 246 
PHE CB  HB3  sing N N 247 
PHE CG  CD1  doub Y N 248 
PHE CG  CD2  sing Y N 249 
PHE CD1 CE1  sing Y N 250 
PHE CD1 HD1  sing N N 251 
PHE CD2 CE2  doub Y N 252 
PHE CD2 HD2  sing N N 253 
PHE CE1 CZ   doub Y N 254 
PHE CE1 HE1  sing N N 255 
PHE CE2 CZ   sing Y N 256 
PHE CE2 HE2  sing N N 257 
PHE CZ  HZ   sing N N 258 
PHE OXT HXT  sing N N 259 
PHG C1  C2   doub Y N 260 
PHG C1  C6   sing Y N 261 
PHG C1  H1   sing N N 262 
PHG C2  C3   sing Y N 263 
PHG C2  H2   sing N N 264 
PHG C3  C4   doub Y N 265 
PHG C3  H3   sing N N 266 
PHG C4  C5   sing Y N 267 
PHG C4  HG   sing N N 268 
PHG C5  C6   doub Y N 269 
PHG C5  H5   sing N N 270 
PHG C6  H6   sing N N 271 
PRO N   CA   sing N N 272 
PRO N   CD   sing N N 273 
PRO N   H    sing N N 274 
PRO CA  C    sing N N 275 
PRO CA  CB   sing N N 276 
PRO CA  HA   sing N N 277 
PRO C   O    doub N N 278 
PRO C   OXT  sing N N 279 
PRO CB  CG   sing N N 280 
PRO CB  HB2  sing N N 281 
PRO CB  HB3  sing N N 282 
PRO CG  CD   sing N N 283 
PRO CG  HG2  sing N N 284 
PRO CG  HG3  sing N N 285 
PRO CD  HD2  sing N N 286 
PRO CD  HD3  sing N N 287 
PRO OXT HXT  sing N N 288 
SER N   CA   sing N N 289 
SER N   H    sing N N 290 
SER N   H2   sing N N 291 
SER CA  C    sing N N 292 
SER CA  CB   sing N N 293 
SER CA  HA   sing N N 294 
SER C   O    doub N N 295 
SER C   OXT  sing N N 296 
SER CB  OG   sing N N 297 
SER CB  HB2  sing N N 298 
SER CB  HB3  sing N N 299 
SER OG  HG   sing N N 300 
SER OXT HXT  sing N N 301 
THR N   CA   sing N N 302 
THR N   H    sing N N 303 
THR N   H2   sing N N 304 
THR CA  C    sing N N 305 
THR CA  CB   sing N N 306 
THR CA  HA   sing N N 307 
THR C   O    doub N N 308 
THR C   OXT  sing N N 309 
THR CB  OG1  sing N N 310 
THR CB  CG2  sing N N 311 
THR CB  HB   sing N N 312 
THR OG1 HG1  sing N N 313 
THR CG2 HG21 sing N N 314 
THR CG2 HG22 sing N N 315 
THR CG2 HG23 sing N N 316 
THR OXT HXT  sing N N 317 
TRP N   CA   sing N N 318 
TRP N   H    sing N N 319 
TRP N   H2   sing N N 320 
TRP CA  C    sing N N 321 
TRP CA  CB   sing N N 322 
TRP CA  HA   sing N N 323 
TRP C   O    doub N N 324 
TRP C   OXT  sing N N 325 
TRP CB  CG   sing N N 326 
TRP CB  HB2  sing N N 327 
TRP CB  HB3  sing N N 328 
TRP CG  CD1  doub Y N 329 
TRP CG  CD2  sing Y N 330 
TRP CD1 NE1  sing Y N 331 
TRP CD1 HD1  sing N N 332 
TRP CD2 CE2  doub Y N 333 
TRP CD2 CE3  sing Y N 334 
TRP NE1 CE2  sing Y N 335 
TRP NE1 HE1  sing N N 336 
TRP CE2 CZ2  sing Y N 337 
TRP CE3 CZ3  doub Y N 338 
TRP CE3 HE3  sing N N 339 
TRP CZ2 CH2  doub Y N 340 
TRP CZ2 HZ2  sing N N 341 
TRP CZ3 CH2  sing Y N 342 
TRP CZ3 HZ3  sing N N 343 
TRP CH2 HH2  sing N N 344 
TRP OXT HXT  sing N N 345 
TYR N   CA   sing N N 346 
TYR N   H    sing N N 347 
TYR N   H2   sing N N 348 
TYR CA  C    sing N N 349 
TYR CA  CB   sing N N 350 
TYR CA  HA   sing N N 351 
TYR C   O    doub N N 352 
TYR C   OXT  sing N N 353 
TYR CB  CG   sing N N 354 
TYR CB  HB2  sing N N 355 
TYR CB  HB3  sing N N 356 
TYR CG  CD1  doub Y N 357 
TYR CG  CD2  sing Y N 358 
TYR CD1 CE1  sing Y N 359 
TYR CD1 HD1  sing N N 360 
TYR CD2 CE2  doub Y N 361 
TYR CD2 HD2  sing N N 362 
TYR CE1 CZ   doub Y N 363 
TYR CE1 HE1  sing N N 364 
TYR CE2 CZ   sing Y N 365 
TYR CE2 HE2  sing N N 366 
TYR CZ  OH   sing N N 367 
TYR OH  HH   sing N N 368 
TYR OXT HXT  sing N N 369 
VAL N   CA   sing N N 370 
VAL N   H    sing N N 371 
VAL N   H2   sing N N 372 
VAL CA  C    sing N N 373 
VAL CA  CB   sing N N 374 
VAL CA  HA   sing N N 375 
VAL C   O    doub N N 376 
VAL C   OXT  sing N N 377 
VAL CB  CG1  sing N N 378 
VAL CB  CG2  sing N N 379 
VAL CB  HB   sing N N 380 
VAL CG1 HG11 sing N N 381 
VAL CG1 HG12 sing N N 382 
VAL CG1 HG13 sing N N 383 
VAL CG2 HG21 sing N N 384 
VAL CG2 HG22 sing N N 385 
VAL CG2 HG23 sing N N 386 
VAL OXT HXT  sing N N 387 
# 
_atom_sites.entry_id                    1CZS 
_atom_sites.fract_transf_matrix[1][1]   0.01046527 
_atom_sites.fract_transf_matrix[1][2]   0.00069999 
_atom_sites.fract_transf_matrix[1][3]   0.01881153 
_atom_sites.fract_transf_matrix[2][1]   0.00587905 
_atom_sites.fract_transf_matrix[2][2]   -0.01819253 
_atom_sites.fract_transf_matrix[2][3]   -0.00259369 
_atom_sites.fract_transf_matrix[3][1]   0.01202065 
_atom_sites.fract_transf_matrix[3][2]   0.00486377 
_atom_sites.fract_transf_matrix[3][3]   -0.00686834 
_atom_sites.fract_transf_vector[1]      0.021262 
_atom_sites.fract_transf_vector[2]      0.540676 
_atom_sites.fract_transf_vector[3]      -0.042473 
# 
loop_
_atom_type.symbol 
C  
HG 
N  
O  
S  
# 
loop_
_atom_site.group_PDB 
_atom_site.id 
_atom_site.type_symbol 
_atom_site.label_atom_id 
_atom_site.label_alt_id 
_atom_site.label_comp_id 
_atom_site.label_asym_id 
_atom_site.label_entity_id 
_atom_site.label_seq_id 
_atom_site.pdbx_PDB_ins_code 
_atom_site.Cartn_x 
_atom_site.Cartn_y 
_atom_site.Cartn_z 
_atom_site.occupancy 
_atom_site.B_iso_or_equiv 
_atom_site.pdbx_formal_charge 
_atom_site.auth_seq_id 
_atom_site.auth_comp_id 
_atom_site.auth_asym_id 
_atom_site.auth_atom_id 
_atom_site.pdbx_PDB_model_num 
ATOM   1    N  N   . GLY A 1 1   ? 17.799  2.116   15.321  1.00 55.54 ? 0   GLY A N   1 
ATOM   2    C  CA  . GLY A 1 1   ? 17.132  1.266   14.299  1.00 51.70 ? 0   GLY A CA  1 
ATOM   3    C  C   . GLY A 1 1   ? 16.323  2.145   13.369  1.00 48.05 ? 0   GLY A C   1 
ATOM   4    O  O   . GLY A 1 1   ? 16.239  3.363   13.571  1.00 49.85 ? 0   GLY A O   1 
ATOM   5    N  N   . CYS A 1 2   ? 15.737  1.531   12.352  1.00 41.36 ? 1   CYS A N   1 
ATOM   6    C  CA  . CYS A 1 2   ? 14.924  2.249   11.381  1.00 35.64 ? 1   CYS A CA  1 
ATOM   7    C  C   . CYS A 1 2   ? 13.738  1.321   11.151  1.00 31.79 ? 1   CYS A C   1 
ATOM   8    O  O   . CYS A 1 2   ? 13.729  0.529   10.211  1.00 30.82 ? 1   CYS A O   1 
ATOM   9    C  CB  . CYS A 1 2   ? 15.729  2.439   10.095  1.00 33.45 ? 1   CYS A CB  1 
ATOM   10   S  SG  . CYS A 1 2   ? 14.955  3.510   8.851   1.00 25.77 ? 1   CYS A SG  1 
ATOM   11   N  N   . SER A 1 3   ? 12.773  1.379   12.060  1.00 28.44 ? 2   SER A N   1 
ATOM   12   C  CA  . SER A 1 3   ? 11.608  0.508   11.992  1.00 28.38 ? 2   SER A CA  1 
ATOM   13   C  C   . SER A 1 3   ? 10.376  1.136   12.636  1.00 27.05 ? 2   SER A C   1 
ATOM   14   O  O   . SER A 1 3   ? 9.444   0.445   13.048  1.00 28.16 ? 2   SER A O   1 
ATOM   15   C  CB  . SER A 1 3   ? 11.947  -0.804  12.692  1.00 29.84 ? 2   SER A CB  1 
ATOM   16   O  OG  . SER A 1 3   ? 12.587  -0.529  13.929  1.00 33.82 ? 2   SER A OG  1 
ATOM   17   N  N   . THR A 1 4   ? 10.356  2.455   12.693  1.00 25.59 ? 3   THR A N   1 
ATOM   18   C  CA  . THR A 1 4   ? 9.240   3.150   13.280  1.00 24.91 ? 3   THR A CA  1 
ATOM   19   C  C   . THR A 1 4   ? 8.112   3.254   12.263  1.00 25.30 ? 3   THR A C   1 
ATOM   20   O  O   . THR A 1 4   ? 8.355   3.512   11.075  1.00 24.65 ? 3   THR A O   1 
ATOM   21   C  CB  . THR A 1 4   ? 9.673   4.546   13.707  1.00 26.81 ? 3   THR A CB  1 
ATOM   22   O  OG1 . THR A 1 4   ? 10.758  4.421   14.632  1.00 30.54 ? 3   THR A OG1 1 
ATOM   23   C  CG2 . THR A 1 4   ? 8.521   5.306   14.362  1.00 30.21 ? 3   THR A CG2 1 
ATOM   24   N  N   . PRO A 1 5   ? 6.877   2.937   12.686  1.00 25.46 ? 4   PRO A N   1 
ATOM   25   C  CA  . PRO A 1 5   ? 5.739   3.027   11.768  1.00 25.49 ? 4   PRO A CA  1 
ATOM   26   C  C   . PRO A 1 5   ? 5.679   4.480   11.295  1.00 25.29 ? 4   PRO A C   1 
ATOM   27   O  O   . PRO A 1 5   ? 5.730   5.395   12.111  1.00 28.22 ? 4   PRO A O   1 
ATOM   28   C  CB  . PRO A 1 5   ? 4.548   2.644   12.657  1.00 27.20 ? 4   PRO A CB  1 
ATOM   29   C  CG  . PRO A 1 5   ? 5.040   2.899   14.066  1.00 29.28 ? 4   PRO A CG  1 
ATOM   30   C  CD  . PRO A 1 5   ? 6.456   2.418   13.997  1.00 25.77 ? 4   PRO A CD  1 
ATOM   31   N  N   . LEU A 1 6   ? 5.608   4.685   9.982   1.00 22.48 ? 5   LEU A N   1 
ATOM   32   C  CA  . LEU A 1 6   ? 5.604   6.027   9.405   1.00 20.79 ? 5   LEU A CA  1 
ATOM   33   C  C   . LEU A 1 6   ? 4.350   6.896   9.520   1.00 20.99 ? 5   LEU A C   1 
ATOM   34   O  O   . LEU A 1 6   ? 4.401   8.082   9.192   1.00 21.32 ? 5   LEU A O   1 
ATOM   35   C  CB  . LEU A 1 6   ? 6.108   5.993   7.955   1.00 19.08 ? 5   LEU A CB  1 
ATOM   36   C  CG  . LEU A 1 6   ? 7.543   5.481   7.779   1.00 18.49 ? 5   LEU A CG  1 
ATOM   37   C  CD1 . LEU A 1 6   ? 7.929   5.510   6.304   1.00 16.08 ? 5   LEU A CD1 1 
ATOM   38   C  CD2 . LEU A 1 6   ? 8.518   6.313   8.618   1.00 17.72 ? 5   LEU A CD2 1 
ATOM   39   N  N   . GLY A 1 7   ? 3.224   6.323   9.940   1.00 20.29 ? 6   GLY A N   1 
ATOM   40   C  CA  . GLY A 1 7   ? 2.038   7.147   10.102  1.00 17.05 ? 6   GLY A CA  1 
ATOM   41   C  C   . GLY A 1 7   ? 0.723   6.783   9.449   1.00 17.01 ? 6   GLY A C   1 
ATOM   42   O  O   . GLY A 1 7   ? -0.183  7.612   9.436   1.00 16.97 ? 6   GLY A O   1 
ATOM   43   N  N   . MET A 1 8   ? 0.592   5.580   8.897   1.00 17.60 ? 7   MET A N   1 
ATOM   44   C  CA  . MET A 1 8   ? -0.677  5.194   8.274   1.00 16.91 ? 7   MET A CA  1 
ATOM   45   C  C   . MET A 1 8   ? -1.742  4.936   9.336   1.00 16.34 ? 7   MET A C   1 
ATOM   46   O  O   . MET A 1 8   ? -2.808  5.535   9.313   1.00 18.00 ? 7   MET A O   1 
ATOM   47   C  CB  . MET A 1 8   ? -0.509  3.950   7.394   1.00 18.70 ? 7   MET A CB  1 
ATOM   48   C  CG  . MET A 1 8   ? 0.346   4.156   6.146   1.00 16.80 ? 7   MET A CG  1 
ATOM   49   S  SD  . MET A 1 8   ? -0.320  5.376   5.017   1.00 17.98 ? 7   MET A SD  1 
ATOM   50   C  CE  . MET A 1 8   ? -1.653  4.454   4.216   1.00 16.80 ? 7   MET A CE  1 
ATOM   51   N  N   . GLU A 1 9   ? -1.432  4.064   10.288  1.00 17.19 ? 8   GLU A N   1 
ATOM   52   C  CA  . GLU A 1 9   ? -2.372  3.733   11.352  1.00 18.30 ? 8   GLU A CA  1 
ATOM   53   C  C   . GLU A 1 9   ? -2.608  4.874   12.337  1.00 20.59 ? 8   GLU A C   1 
ATOM   54   O  O   . GLU A 1 9   ? -3.754  5.129   12.711  1.00 21.86 ? 8   GLU A O   1 
ATOM   55   C  CB  . GLU A 1 9   ? -1.919  2.479   12.106  1.00 18.37 ? 8   GLU A CB  1 
ATOM   56   C  CG  . GLU A 1 9   ? -2.807  2.119   13.283  1.00 19.34 ? 8   GLU A CG  1 
ATOM   57   C  CD  . GLU A 1 9   ? -2.491  0.762   13.882  1.00 20.35 ? 8   GLU A CD  1 
ATOM   58   O  OE1 . GLU A 1 9   ? -1.365  0.267   13.705  1.00 22.08 ? 8   GLU A OE1 1 
ATOM   59   O  OE2 . GLU A 1 9   ? -3.379  0.180   14.531  1.00 21.86 ? 8   GLU A OE2 1 
ATOM   60   N  N   . ASN A 1 10  ? -1.547  5.570   12.747  1.00 20.45 ? 9   ASN A N   1 
ATOM   61   C  CA  . ASN A 1 10  ? -1.714  6.658   13.712  1.00 21.37 ? 9   ASN A CA  1 
ATOM   62   C  C   . ASN A 1 10  ? -2.203  7.990   13.132  1.00 22.76 ? 9   ASN A C   1 
ATOM   63   O  O   . ASN A 1 10  ? -2.590  8.897   13.877  1.00 23.32 ? 9   ASN A O   1 
ATOM   64   C  CB  . ASN A 1 10  ? -0.458  6.844   14.572  1.00 22.57 ? 9   ASN A CB  1 
ATOM   65   C  CG  . ASN A 1 10  ? 0.733   7.368   13.789  1.00 24.37 ? 9   ASN A CG  1 
ATOM   66   O  OD1 . ASN A 1 10  ? 0.587   8.038   12.769  1.00 24.32 ? 9   ASN A OD1 1 
ATOM   67   N  ND2 . ASN A 1 10  ? 1.925   7.081   14.286  1.00 23.25 ? 9   ASN A ND2 1 
ATOM   68   N  N   . GLY A 1 11  ? -2.206  8.095   11.806  1.00 20.48 ? 10  GLY A N   1 
ATOM   69   C  CA  . GLY A 1 11  ? -2.677  9.305   11.162  1.00 19.77 ? 10  GLY A CA  1 
ATOM   70   C  C   . GLY A 1 11  ? -1.654  10.388  10.874  1.00 21.57 ? 10  GLY A C   1 
ATOM   71   O  O   . GLY A 1 11  ? -2.024  11.438  10.328  1.00 20.14 ? 10  GLY A O   1 
ATOM   72   N  N   . LYS A 1 12  ? -0.391  10.169  11.239  1.00 23.32 ? 11  LYS A N   1 
ATOM   73   C  CA  . LYS A 1 12  ? 0.655   11.157  10.971  1.00 23.41 ? 11  LYS A CA  1 
ATOM   74   C  C   . LYS A 1 12  ? 0.718   11.418  9.482   1.00 23.41 ? 11  LYS A C   1 
ATOM   75   O  O   . LYS A 1 12  ? 1.026   12.526  9.057   1.00 25.11 ? 11  LYS A O   1 
ATOM   76   C  CB  . LYS A 1 12  ? 2.010   10.678  11.469  1.00 27.48 ? 11  LYS A CB  1 
ATOM   77   C  CG  . LYS A 1 12  ? 2.139   10.721  12.969  1.00 32.05 ? 11  LYS A CG  1 
ATOM   78   C  CD  . LYS A 1 12  ? 3.552   10.403  13.405  1.00 34.35 ? 11  LYS A CD  1 
ATOM   79   C  CE  . LYS A 1 12  ? 3.660   10.518  14.903  1.00 35.65 ? 11  LYS A CE  1 
ATOM   80   N  NZ  . LYS A 1 12  ? 3.216   11.870  15.340  1.00 38.87 ? 11  LYS A NZ  1 
ATOM   81   N  N   . ILE A 1 13  ? 0.476   10.371  8.697   1.00 23.87 ? 12  ILE A N   1 
ATOM   82   C  CA  . ILE A 1 13  ? 0.429   10.484  7.246   1.00 22.04 ? 12  ILE A CA  1 
ATOM   83   C  C   . ILE A 1 13  ? -1.029  10.891  7.004   1.00 25.51 ? 12  ILE A C   1 
ATOM   84   O  O   . ILE A 1 13  ? -1.945  10.082  7.166   1.00 26.64 ? 12  ILE A O   1 
ATOM   85   C  CB  . ILE A 1 13  ? 0.739   9.136   6.552   1.00 18.45 ? 12  ILE A CB  1 
ATOM   86   C  CG1 . ILE A 1 13  ? 2.228   8.804   6.696   1.00 17.15 ? 12  ILE A CG1 1 
ATOM   87   C  CG2 . ILE A 1 13  ? 0.359   9.199   5.082   1.00 16.70 ? 12  ILE A CG2 1 
ATOM   88   C  CD1 . ILE A 1 13  ? 2.644   7.494   6.060   1.00 17.33 ? 12  ILE A CD1 1 
ATOM   89   N  N   . GLU A 1 14  ? -1.241  12.163  6.690   1.00 27.69 ? 13  GLU A N   1 
ATOM   90   C  CA  . GLU A 1 14  ? -2.582  12.695  6.485   1.00 28.05 ? 13  GLU A CA  1 
ATOM   91   C  C   . GLU A 1 14  ? -3.246  12.213  5.216   1.00 26.64 ? 13  GLU A C   1 
ATOM   92   O  O   . GLU A 1 14  ? -2.572  11.805  4.272   1.00 27.41 ? 13  GLU A O   1 
ATOM   93   C  CB  . GLU A 1 14  ? -2.542  14.218  6.519   1.00 30.17 ? 13  GLU A CB  1 
ATOM   94   C  CG  . GLU A 1 14  ? -1.787  14.741  7.735   1.00 38.41 ? 13  GLU A CG  1 
ATOM   95   C  CD  . GLU A 1 14  ? -1.929  16.237  7.944   1.00 42.70 ? 13  GLU A CD  1 
ATOM   96   O  OE1 . GLU A 1 14  ? -2.173  16.972  6.957   1.00 48.08 ? 13  GLU A OE1 1 
ATOM   97   O  OE2 . GLU A 1 14  ? -1.792  16.677  9.108   1.00 45.74 ? 13  GLU A OE2 1 
ATOM   98   N  N   . ASN A 1 15  ? -4.573  12.299  5.194   1.00 24.03 ? 14  ASN A N   1 
ATOM   99   C  CA  . ASN A 1 15  ? -5.368  11.870  4.049   1.00 23.11 ? 14  ASN A CA  1 
ATOM   100  C  C   . ASN A 1 15  ? -4.863  12.407  2.722   1.00 22.91 ? 14  ASN A C   1 
ATOM   101  O  O   . ASN A 1 15  ? -4.772  11.675  1.743   1.00 22.23 ? 14  ASN A O   1 
ATOM   102  C  CB  . ASN A 1 15  ? -6.836  12.266  4.236   1.00 23.57 ? 14  ASN A CB  1 
ATOM   103  C  CG  . ASN A 1 15  ? -7.532  11.442  5.296   1.00 24.13 ? 14  ASN A CG  1 
ATOM   104  O  OD1 . ASN A 1 15  ? -6.935  10.554  5.900   1.00 25.10 ? 14  ASN A OD1 1 
ATOM   105  N  ND2 . ASN A 1 15  ? -8.809  11.723  5.521   1.00 21.87 ? 14  ASN A ND2 1 
ATOM   106  N  N   . LYS A 1 16  ? -4.527  13.692  2.690   1.00 24.09 ? 15  LYS A N   1 
ATOM   107  C  CA  . LYS A 1 16  ? -4.029  14.331  1.471   1.00 25.57 ? 15  LYS A CA  1 
ATOM   108  C  C   . LYS A 1 16  ? -2.782  13.666  0.870   1.00 23.78 ? 15  LYS A C   1 
ATOM   109  O  O   . LYS A 1 16  ? -2.550  13.753  -0.337  1.00 22.83 ? 15  LYS A O   1 
ATOM   110  C  CB  . LYS A 1 16  ? -3.753  15.822  1.722   1.00 29.23 ? 15  LYS A CB  1 
ATOM   111  C  CG  . LYS A 1 16  ? -3.105  16.129  3.076   1.00 36.19 ? 15  LYS A CG  1 
ATOM   112  C  CD  . LYS A 1 16  ? -2.416  17.494  3.102   1.00 40.94 ? 15  LYS A CD  1 
ATOM   113  C  CE  . LYS A 1 16  ? -0.912  17.373  2.822   1.00 45.28 ? 15  LYS A CE  1 
ATOM   114  N  NZ  . LYS A 1 16  ? -0.578  16.737  1.502   1.00 46.22 ? 15  LYS A NZ  1 
ATOM   115  N  N   . GLN A 1 17  ? -1.992  12.997  1.709   1.00 22.02 ? 16  GLN A N   1 
ATOM   116  C  CA  . GLN A 1 17  ? -0.767  12.337  1.263   1.00 21.75 ? 16  GLN A CA  1 
ATOM   117  C  C   . GLN A 1 17  ? -0.997  10.971  0.603   1.00 22.08 ? 16  GLN A C   1 
ATOM   118  O  O   . GLN A 1 17  ? -0.069  10.390  0.027   1.00 22.12 ? 16  GLN A O   1 
ATOM   119  C  CB  . GLN A 1 17  ? 0.190   12.166  2.442   1.00 23.28 ? 16  GLN A CB  1 
ATOM   120  C  CG  . GLN A 1 17  ? 0.643   13.468  3.094   1.00 25.24 ? 16  GLN A CG  1 
ATOM   121  C  CD  . GLN A 1 17  ? 1.304   13.240  4.441   1.00 24.50 ? 16  GLN A CD  1 
ATOM   122  O  OE1 . GLN A 1 17  ? 0.854   13.759  5.458   1.00 27.27 ? 16  GLN A OE1 1 
ATOM   123  N  NE2 . GLN A 1 17  ? 2.366   12.455  4.457   1.00 23.44 ? 16  GLN A NE2 1 
ATOM   124  N  N   . ILE A 1 18  ? -2.219  10.454  0.681   1.00 20.14 ? 17  ILE A N   1 
ATOM   125  C  CA  . ILE A 1 18  ? -2.525  9.153   0.100   1.00 19.73 ? 17  ILE A CA  1 
ATOM   126  C  C   . ILE A 1 18  ? -3.518  9.284   -1.052  1.00 19.55 ? 17  ILE A C   1 
ATOM   127  O  O   . ILE A 1 18  ? -4.641  9.762   -0.869  1.00 17.29 ? 17  ILE A O   1 
ATOM   128  C  CB  . ILE A 1 18  ? -3.102  8.196   1.163   1.00 19.23 ? 17  ILE A CB  1 
ATOM   129  C  CG1 . ILE A 1 18  ? -2.237  8.231   2.433   1.00 19.67 ? 17  ILE A CG1 1 
ATOM   130  C  CG2 . ILE A 1 18  ? -3.180  6.780   0.595   1.00 17.26 ? 17  ILE A CG2 1 
ATOM   131  C  CD1 . ILE A 1 18  ? -2.942  7.730   3.682   1.00 19.70 ? 17  ILE A CD1 1 
ATOM   132  N  N   . THR A 1 19  ? -3.099  8.836   -2.231  1.00 20.25 ? 18  THR A N   1 
ATOM   133  C  CA  . THR A 1 19  ? -3.921  8.902   -3.437  1.00 19.92 ? 18  THR A CA  1 
ATOM   134  C  C   . THR A 1 19  ? -3.855  7.557   -4.178  1.00 21.75 ? 18  THR A C   1 
ATOM   135  O  O   . THR A 1 19  ? -3.036  6.694   -3.833  1.00 21.31 ? 18  THR A O   1 
ATOM   136  C  CB  . THR A 1 19  ? -3.433  10.039  -4.367  1.00 17.38 ? 18  THR A CB  1 
ATOM   137  O  OG1 . THR A 1 19  ? -2.078  9.791   -4.764  1.00 19.99 ? 18  THR A OG1 1 
ATOM   138  C  CG2 . THR A 1 19  ? -3.493  11.387  -3.654  1.00 14.83 ? 18  THR A CG2 1 
ATOM   139  N  N   . ALA A 1 20  ? -4.716  7.360   -5.176  1.00 20.64 ? 19  ALA A N   1 
ATOM   140  C  CA  . ALA A 1 20  ? -4.712  6.105   -5.931  1.00 20.63 ? 19  ALA A CA  1 
ATOM   141  C  C   . ALA A 1 20  ? -5.134  6.306   -7.362  1.00 20.63 ? 19  ALA A C   1 
ATOM   142  O  O   . ALA A 1 20  ? -5.657  7.359   -7.719  1.00 19.39 ? 19  ALA A O   1 
ATOM   143  C  CB  . ALA A 1 20  ? -5.623  5.079   -5.282  1.00 18.02 ? 19  ALA A CB  1 
ATOM   144  N  N   . SER A 1 21  ? -4.918  5.274   -8.174  1.00 21.36 ? 20  SER A N   1 
ATOM   145  C  CA  . SER A 1 21  ? -5.284  5.301   -9.586  1.00 22.13 ? 20  SER A CA  1 
ATOM   146  C  C   . SER A 1 21  ? -6.791  5.495   -9.703  1.00 23.35 ? 20  SER A C   1 
ATOM   147  O  O   . SER A 1 21  ? -7.269  6.160   -10.625 1.00 24.67 ? 20  SER A O   1 
ATOM   148  C  CB  . SER A 1 21  ? -4.859  3.999   -10.269 1.00 20.01 ? 20  SER A CB  1 
ATOM   149  O  OG  . SER A 1 21  ? -5.221  2.891   -9.469  1.00 20.35 ? 20  SER A OG  1 
ATOM   150  N  N   . SER A 1 22  ? -7.523  4.930   -8.745  1.00 21.95 ? 21  SER A N   1 
ATOM   151  C  CA  . SER A 1 22  ? -8.978  5.027   -8.696  1.00 21.69 ? 21  SER A CA  1 
ATOM   152  C  C   . SER A 1 22  ? -9.449  4.411   -7.385  1.00 23.37 ? 21  SER A C   1 
ATOM   153  O  O   . SER A 1 22  ? -8.654  3.840   -6.636  1.00 21.36 ? 21  SER A O   1 
ATOM   154  C  CB  . SER A 1 22  ? -9.593  4.246   -9.854  1.00 20.52 ? 21  SER A CB  1 
ATOM   155  O  OG  . SER A 1 22  ? -9.401  2.850   -9.687  1.00 17.05 ? 21  SER A OG  1 
ATOM   156  N  N   . PHE A 1 23  ? -10.736 4.553   -7.097  1.00 24.41 ? 22  PHE A N   1 
ATOM   157  C  CA  . PHE A 1 23  ? -11.308 3.958   -5.900  1.00 26.04 ? 22  PHE A CA  1 
ATOM   158  C  C   . PHE A 1 23  ? -12.779 3.637   -6.129  1.00 26.28 ? 22  PHE A C   1 
ATOM   159  O  O   . PHE A 1 23  ? -13.444 4.287   -6.933  1.00 25.16 ? 22  PHE A O   1 
ATOM   160  C  CB  . PHE A 1 23  ? -11.101 4.840   -4.661  1.00 24.90 ? 22  PHE A CB  1 
ATOM   161  C  CG  . PHE A 1 23  ? -11.862 6.135   -4.680  1.00 25.32 ? 22  PHE A CG  1 
ATOM   162  C  CD1 . PHE A 1 23  ? -13.171 6.192   -4.206  1.00 25.05 ? 22  PHE A CD1 1 
ATOM   163  C  CD2 . PHE A 1 23  ? -11.250 7.309   -5.115  1.00 26.32 ? 22  PHE A CD2 1 
ATOM   164  C  CE1 . PHE A 1 23  ? -13.857 7.399   -4.153  1.00 27.41 ? 22  PHE A CE1 1 
ATOM   165  C  CE2 . PHE A 1 23  ? -11.925 8.522   -5.066  1.00 27.38 ? 22  PHE A CE2 1 
ATOM   166  C  CZ  . PHE A 1 23  ? -13.233 8.568   -4.585  1.00 27.58 ? 22  PHE A CZ  1 
ATOM   167  N  N   . LYS A 1 24  ? -13.252 2.581   -5.478  1.00 27.41 ? 23  LYS A N   1 
ATOM   168  C  CA  . LYS A 1 24  ? -14.635 2.150   -5.602  1.00 28.89 ? 23  LYS A CA  1 
ATOM   169  C  C   . LYS A 1 24  ? -15.550 3.129   -4.877  1.00 30.61 ? 23  LYS A C   1 
ATOM   170  O  O   . LYS A 1 24  ? -15.267 3.573   -3.757  1.00 28.13 ? 23  LYS A O   1 
ATOM   171  C  CB  . LYS A 1 24  ? -14.806 0.740   -5.030  1.00 29.03 ? 23  LYS A CB  1 
ATOM   172  C  CG  . LYS A 1 24  ? -16.174 0.107   -5.251  1.00 31.08 ? 23  LYS A CG  1 
ATOM   173  C  CD  . LYS A 1 24  ? -16.162 -1.343  -4.768  1.00 37.35 ? 23  LYS A CD  1 
ATOM   174  C  CE  . LYS A 1 24  ? -17.397 -2.133  -5.208  1.00 43.32 ? 23  LYS A CE  1 
ATOM   175  N  NZ  . LYS A 1 24  ? -18.657 -1.685  -4.537  1.00 48.95 ? 23  LYS A NZ  1 
ATOM   176  N  N   . LYS A 1 25  ? -16.640 3.467   -5.548  1.00 31.89 ? 24  LYS A N   1 
ATOM   177  C  CA  . LYS A 1 25  ? -17.648 4.373   -5.036  1.00 33.79 ? 24  LYS A CA  1 
ATOM   178  C  C   . LYS A 1 25  ? -18.943 3.598   -5.265  1.00 33.71 ? 24  LYS A C   1 
ATOM   179  O  O   . LYS A 1 25  ? -19.303 3.330   -6.412  1.00 35.73 ? 24  LYS A O   1 
ATOM   180  C  CB  . LYS A 1 25  ? -17.625 5.653   -5.876  1.00 35.91 ? 24  LYS A CB  1 
ATOM   181  C  CG  . LYS A 1 25  ? -18.567 6.738   -5.418  1.00 42.46 ? 24  LYS A CG  1 
ATOM   182  C  CD  . LYS A 1 25  ? -18.470 7.972   -6.301  1.00 44.97 ? 24  LYS A CD  1 
ATOM   183  C  CE  . LYS A 1 25  ? -18.922 7.662   -7.726  1.00 47.06 ? 24  LYS A CE  1 
ATOM   184  N  NZ  . LYS A 1 25  ? -18.824 8.846   -8.624  1.00 49.35 ? 24  LYS A NZ  1 
ATOM   185  N  N   . SER A 1 26  ? -19.583 3.147   -4.188  1.00 30.50 ? 25  SER A N   1 
ATOM   186  C  CA  . SER A 1 26  ? -20.824 2.383   -4.309  1.00 29.83 ? 25  SER A CA  1 
ATOM   187  C  C   . SER A 1 26  ? -22.017 3.282   -4.629  1.00 30.63 ? 25  SER A C   1 
ATOM   188  O  O   . SER A 1 26  ? -21.954 4.505   -4.456  1.00 30.03 ? 25  SER A O   1 
ATOM   189  C  CB  . SER A 1 26  ? -21.109 1.579   -3.032  1.00 27.82 ? 25  SER A CB  1 
ATOM   190  O  OG  . SER A 1 26  ? -21.828 2.332   -2.063  1.00 24.89 ? 25  SER A OG  1 
ATOM   191  N  N   . TRP A 1 27  ? -23.102 2.662   -5.090  1.00 30.52 ? 26  TRP A N   1 
ATOM   192  C  CA  . TRP A 1 27  ? -24.330 3.383   -5.422  1.00 31.44 ? 26  TRP A CA  1 
ATOM   193  C  C   . TRP A 1 27  ? -24.924 4.041   -4.196  1.00 32.05 ? 26  TRP A C   1 
ATOM   194  O  O   . TRP A 1 27  ? -25.774 4.924   -4.308  1.00 33.41 ? 26  TRP A O   1 
ATOM   195  C  CB  . TRP A 1 27  ? -25.378 2.432   -6.006  1.00 28.77 ? 26  TRP A CB  1 
ATOM   196  C  CG  . TRP A 1 27  ? -25.049 1.973   -7.367  1.00 25.60 ? 26  TRP A CG  1 
ATOM   197  C  CD1 . TRP A 1 27  ? -24.680 0.715   -7.745  1.00 22.53 ? 26  TRP A CD1 1 
ATOM   198  C  CD2 . TRP A 1 27  ? -25.011 2.778   -8.541  1.00 24.89 ? 26  TRP A CD2 1 
ATOM   199  N  NE1 . TRP A 1 27  ? -24.404 0.692   -9.085  1.00 22.25 ? 26  TRP A NE1 1 
ATOM   200  C  CE2 . TRP A 1 27  ? -24.596 1.944   -9.601  1.00 22.58 ? 26  TRP A CE2 1 
ATOM   201  C  CE3 . TRP A 1 27  ? -25.281 4.126   -8.801  1.00 24.43 ? 26  TRP A CE3 1 
ATOM   202  C  CZ2 . TRP A 1 27  ? -24.444 2.415   -10.906 1.00 22.34 ? 26  TRP A CZ2 1 
ATOM   203  C  CZ3 . TRP A 1 27  ? -25.130 4.595   -10.097 1.00 25.40 ? 26  TRP A CZ3 1 
ATOM   204  C  CH2 . TRP A 1 27  ? -24.713 3.739   -11.136 1.00 22.70 ? 26  TRP A CH2 1 
ATOM   205  N  N   . TRP A 1 28  ? -24.462 3.628   -3.024  1.00 34.20 ? 27  TRP A N   1 
ATOM   206  C  CA  . TRP A 1 28  ? -24.995 4.165   -1.791  1.00 36.08 ? 27  TRP A CA  1 
ATOM   207  C  C   . TRP A 1 28  ? -23.944 4.796   -0.898  1.00 36.02 ? 27  TRP A C   1 
ATOM   208  O  O   . TRP A 1 28  ? -23.652 4.286   0.179   1.00 39.26 ? 27  TRP A O   1 
ATOM   209  C  CB  . TRP A 1 28  ? -25.766 3.070   -1.059  1.00 39.50 ? 27  TRP A CB  1 
ATOM   210  C  CG  . TRP A 1 28  ? -26.768 2.406   -1.957  1.00 43.43 ? 27  TRP A CG  1 
ATOM   211  C  CD1 . TRP A 1 28  ? -28.039 2.837   -2.233  1.00 45.74 ? 27  TRP A CD1 1 
ATOM   212  C  CD2 . TRP A 1 28  ? -26.559 1.232   -2.757  1.00 44.26 ? 27  TRP A CD2 1 
ATOM   213  N  NE1 . TRP A 1 28  ? -28.628 2.007   -3.161  1.00 46.79 ? 27  TRP A NE1 1 
ATOM   214  C  CE2 . TRP A 1 28  ? -27.744 1.017   -3.499  1.00 45.19 ? 27  TRP A CE2 1 
ATOM   215  C  CE3 . TRP A 1 28  ? -25.484 0.350   -2.923  1.00 42.72 ? 27  TRP A CE3 1 
ATOM   216  C  CZ2 . TRP A 1 28  ? -27.884 -0.051  -4.395  1.00 45.25 ? 27  TRP A CZ2 1 
ATOM   217  C  CZ3 . TRP A 1 28  ? -25.622 -0.710  -3.814  1.00 44.03 ? 27  TRP A CZ3 1 
ATOM   218  C  CH2 . TRP A 1 28  ? -26.816 -0.901  -4.540  1.00 45.65 ? 27  TRP A CH2 1 
ATOM   219  N  N   . GLY A 1 29  ? -23.325 5.860   -1.404  1.00 34.16 ? 28  GLY A N   1 
ATOM   220  C  CA  . GLY A 1 29  ? -22.330 6.616   -0.655  1.00 34.67 ? 28  GLY A CA  1 
ATOM   221  C  C   . GLY A 1 29  ? -21.076 6.005   -0.035  1.00 34.42 ? 28  GLY A C   1 
ATOM   222  O  O   . GLY A 1 29  ? -20.339 6.711   0.659   1.00 35.54 ? 28  GLY A O   1 
ATOM   223  N  N   . ASP A 1 30  ? -20.825 4.720   -0.236  1.00 33.87 ? 29  ASP A N   1 
ATOM   224  C  CA  . ASP A 1 30  ? -19.625 4.119   0.330   1.00 33.18 ? 29  ASP A CA  1 
ATOM   225  C  C   . ASP A 1 30  ? -18.466 4.415   -0.614  1.00 32.01 ? 29  ASP A C   1 
ATOM   226  O  O   . ASP A 1 30  ? -18.473 3.987   -1.768  1.00 31.20 ? 29  ASP A O   1 
ATOM   227  C  CB  . ASP A 1 30  ? -19.803 2.612   0.487   1.00 35.31 ? 29  ASP A CB  1 
ATOM   228  C  CG  . ASP A 1 30  ? -21.046 2.261   1.267   1.00 38.24 ? 29  ASP A CG  1 
ATOM   229  O  OD1 . ASP A 1 30  ? -21.092 2.575   2.474   1.00 37.66 ? 29  ASP A OD1 1 
ATOM   230  O  OD2 . ASP A 1 30  ? -21.988 1.701   0.666   1.00 42.25 ? 29  ASP A OD2 1 
ATOM   231  N  N   . TYR A 1 31  ? -17.518 5.220   -0.152  1.00 28.30 ? 30  TYR A N   1 
ATOM   232  C  CA  . TYR A 1 31  ? -16.362 5.563   -0.966  1.00 27.32 ? 30  TYR A CA  1 
ATOM   233  C  C   . TYR A 1 31  ? -15.146 4.924   -0.310  1.00 25.60 ? 30  TYR A C   1 
ATOM   234  O  O   . TYR A 1 31  ? -14.732 5.329   0.777   1.00 22.02 ? 30  TYR A O   1 
ATOM   235  C  CB  . TYR A 1 31  ? -16.159 7.077   -1.035  1.00 31.32 ? 30  TYR A CB  1 
ATOM   236  C  CG  . TYR A 1 31  ? -17.283 7.879   -1.670  1.00 37.65 ? 30  TYR A CG  1 
ATOM   237  C  CD1 . TYR A 1 31  ? -18.497 7.287   -2.025  1.00 39.03 ? 30  TYR A CD1 1 
ATOM   238  C  CD2 . TYR A 1 31  ? -17.123 9.245   -1.920  1.00 41.00 ? 30  TYR A CD2 1 
ATOM   239  C  CE1 . TYR A 1 31  ? -19.522 8.037   -2.618  1.00 43.31 ? 30  TYR A CE1 1 
ATOM   240  C  CE2 . TYR A 1 31  ? -18.136 10.000  -2.512  1.00 43.72 ? 30  TYR A CE2 1 
ATOM   241  C  CZ  . TYR A 1 31  ? -19.331 9.394   -2.862  1.00 43.80 ? 30  TYR A CZ  1 
ATOM   242  O  OH  . TYR A 1 31  ? -20.307 10.139  -3.488  1.00 44.27 ? 30  TYR A OH  1 
ATOM   243  N  N   . TRP A 1 32  ? -14.583 3.918   -0.967  1.00 23.42 ? 31  TRP A N   1 
ATOM   244  C  CA  . TRP A 1 32  ? -13.414 3.222   -0.449  1.00 22.06 ? 31  TRP A CA  1 
ATOM   245  C  C   . TRP A 1 32  ? -12.180 3.998   -0.887  1.00 22.39 ? 31  TRP A C   1 
ATOM   246  O  O   . TRP A 1 32  ? -11.335 3.490   -1.635  1.00 23.26 ? 31  TRP A O   1 
ATOM   247  C  CB  . TRP A 1 32  ? -13.398 1.809   -1.004  1.00 20.71 ? 31  TRP A CB  1 
ATOM   248  C  CG  . TRP A 1 32  ? -14.627 1.069   -0.643  1.00 20.68 ? 31  TRP A CG  1 
ATOM   249  C  CD1 . TRP A 1 32  ? -15.837 1.119   -1.280  1.00 18.75 ? 31  TRP A CD1 1 
ATOM   250  C  CD2 . TRP A 1 32  ? -14.792 0.199   0.476   1.00 21.87 ? 31  TRP A CD2 1 
ATOM   251  N  NE1 . TRP A 1 32  ? -16.746 0.338   -0.615  1.00 22.52 ? 31  TRP A NE1 1 
ATOM   252  C  CE2 . TRP A 1 32  ? -16.132 -0.241  0.465   1.00 21.56 ? 31  TRP A CE2 1 
ATOM   253  C  CE3 . TRP A 1 32  ? -13.938 -0.253  1.489   1.00 22.61 ? 31  TRP A CE3 1 
ATOM   254  C  CZ2 . TRP A 1 32  ? -16.638 -1.107  1.431   1.00 26.02 ? 31  TRP A CZ2 1 
ATOM   255  C  CZ3 . TRP A 1 32  ? -14.440 -1.114  2.452   1.00 25.96 ? 31  TRP A CZ3 1 
ATOM   256  C  CH2 . TRP A 1 32  ? -15.778 -1.534  2.416   1.00 27.06 ? 31  TRP A CH2 1 
ATOM   257  N  N   . GLU A 1 33  ? -12.091 5.236   -0.408  1.00 21.25 ? 32  GLU A N   1 
ATOM   258  C  CA  . GLU A 1 33  ? -11.014 6.150   -0.759  1.00 21.92 ? 32  GLU A CA  1 
ATOM   259  C  C   . GLU A 1 33  ? -9.629  5.678   -0.363  1.00 20.51 ? 32  GLU A C   1 
ATOM   260  O  O   . GLU A 1 33  ? -9.472  4.916   0.590   1.00 20.06 ? 32  GLU A O   1 
ATOM   261  C  CB  . GLU A 1 33  ? -11.327 7.546   -0.222  1.00 22.63 ? 32  GLU A CB  1 
ATOM   262  C  CG  . GLU A 1 33  ? -12.524 8.165   -0.938  1.00 25.63 ? 32  GLU A CG  1 
ATOM   263  C  CD  . GLU A 1 33  ? -12.907 9.517   -0.398  1.00 29.89 ? 32  GLU A CD  1 
ATOM   264  O  OE1 . GLU A 1 33  ? -13.641 9.565   0.606   1.00 32.13 ? 32  GLU A OE1 1 
ATOM   265  O  OE2 . GLU A 1 33  ? -12.475 10.537  -0.971  1.00 32.10 ? 32  GLU A OE2 1 
ATOM   266  N  N   . PRO A 1 34  ? -8.603  6.106   -1.116  1.00 20.30 ? 33  PRO A N   1 
ATOM   267  C  CA  . PRO A 1 34  ? -7.206  5.730   -0.862  1.00 20.45 ? 33  PRO A CA  1 
ATOM   268  C  C   . PRO A 1 34  ? -6.773  5.919   0.597   1.00 19.66 ? 33  PRO A C   1 
ATOM   269  O  O   . PRO A 1 34  ? -6.125  5.046   1.171   1.00 21.18 ? 33  PRO A O   1 
ATOM   270  C  CB  . PRO A 1 34  ? -6.433  6.644   -1.815  1.00 19.40 ? 33  PRO A CB  1 
ATOM   271  C  CG  . PRO A 1 34  ? -7.401  6.846   -2.938  1.00 18.07 ? 33  PRO A CG  1 
ATOM   272  C  CD  . PRO A 1 34  ? -8.688  7.076   -2.221  1.00 18.02 ? 33  PRO A CD  1 
ATOM   273  N  N   . PHE A 1 35  ? -7.163  7.037   1.206   1.00 18.63 ? 34  PHE A N   1 
ATOM   274  C  CA  . PHE A 1 35  ? -6.803  7.303   2.597   1.00 18.60 ? 34  PHE A CA  1 
ATOM   275  C  C   . PHE A 1 35  ? -7.480  6.410   3.642   1.00 18.82 ? 34  PHE A C   1 
ATOM   276  O  O   . PHE A 1 35  ? -7.254  6.576   4.838   1.00 21.16 ? 34  PHE A O   1 
ATOM   277  C  CB  . PHE A 1 35  ? -7.008  8.772   2.941   1.00 19.30 ? 34  PHE A CB  1 
ATOM   278  C  CG  . PHE A 1 35  ? -8.359  9.298   2.582   1.00 22.67 ? 34  PHE A CG  1 
ATOM   279  C  CD1 . PHE A 1 35  ? -9.439  9.115   3.437   1.00 24.04 ? 34  PHE A CD1 1 
ATOM   280  C  CD2 . PHE A 1 35  ? -8.548  10.009  1.404   1.00 23.95 ? 34  PHE A CD2 1 
ATOM   281  C  CE1 . PHE A 1 35  ? -10.690 9.638   3.123   1.00 24.05 ? 34  PHE A CE1 1 
ATOM   282  C  CE2 . PHE A 1 35  ? -9.793  10.533  1.083   1.00 26.37 ? 34  PHE A CE2 1 
ATOM   283  C  CZ  . PHE A 1 35  ? -10.864 10.346  1.948   1.00 26.16 ? 34  PHE A CZ  1 
ATOM   284  N  N   . ARG A 1 36  ? -8.310  5.472   3.201   1.00 17.42 ? 35  ARG A N   1 
ATOM   285  C  CA  . ARG A 1 36  ? -8.965  4.542   4.119   1.00 17.03 ? 35  ARG A CA  1 
ATOM   286  C  C   . ARG A 1 36  ? -8.065  3.314   4.351   1.00 18.14 ? 35  ARG A C   1 
ATOM   287  O  O   . ARG A 1 36  ? -8.296  2.528   5.274   1.00 18.41 ? 35  ARG A O   1 
ATOM   288  C  CB  . ARG A 1 36  ? -10.307 4.082   3.541   1.00 18.90 ? 35  ARG A CB  1 
ATOM   289  C  CG  . ARG A 1 36  ? -11.322 5.191   3.349   1.00 23.65 ? 35  ARG A CG  1 
ATOM   290  C  CD  . ARG A 1 36  ? -11.750 5.782   4.675   1.00 26.24 ? 35  ARG A CD  1 
ATOM   291  N  NE  . ARG A 1 36  ? -12.793 6.787   4.508   1.00 32.60 ? 35  ARG A NE  1 
ATOM   292  C  CZ  . ARG A 1 36  ? -12.989 7.817   5.331   1.00 37.52 ? 35  ARG A CZ  1 
ATOM   293  N  NH1 . ARG A 1 36  ? -12.212 7.984   6.393   1.00 40.54 ? 35  ARG A NH1 1 
ATOM   294  N  NH2 . ARG A 1 36  ? -13.953 8.697   5.085   1.00 39.01 ? 35  ARG A NH2 1 
ATOM   295  N  N   . ALA A 1 37  ? -7.028  3.167   3.525   1.00 17.85 ? 36  ALA A N   1 
ATOM   296  C  CA  . ALA A 1 37  ? -6.098  2.030   3.602   1.00 17.73 ? 36  ALA A CA  1 
ATOM   297  C  C   . ALA A 1 37  ? -5.124  2.080   4.787   1.00 19.16 ? 36  ALA A C   1 
ATOM   298  O  O   . ALA A 1 37  ? -3.901  1.960   4.612   1.00 18.61 ? 36  ALA A O   1 
ATOM   299  C  CB  . ALA A 1 37  ? -5.329  1.915   2.294   1.00 15.70 ? 36  ALA A CB  1 
ATOM   300  N  N   . ARG A 1 38  ? -5.674  2.178   5.992   1.00 18.75 ? 37  ARG A N   1 
ATOM   301  C  CA  . ARG A 1 38  ? -4.875  2.268   7.201   1.00 18.11 ? 37  ARG A CA  1 
ATOM   302  C  C   . ARG A 1 38  ? -4.942  0.980   8.024   1.00 18.53 ? 37  ARG A C   1 
ATOM   303  O  O   . ARG A 1 38  ? -6.025  0.448   8.283   1.00 18.67 ? 37  ARG A O   1 
ATOM   304  C  CB  . ARG A 1 38  ? -5.336  3.475   8.019   1.00 16.70 ? 37  ARG A CB  1 
ATOM   305  C  CG  . ARG A 1 38  ? -5.301  4.771   7.222   1.00 18.24 ? 37  ARG A CG  1 
ATOM   306  C  CD  . ARG A 1 38  ? -5.719  5.968   8.060   1.00 17.16 ? 37  ARG A CD  1 
ATOM   307  N  NE  . ARG A 1 38  ? -5.659  7.228   7.319   1.00 17.67 ? 37  ARG A NE  1 
ATOM   308  C  CZ  . ARG A 1 38  ? -4.596  8.028   7.272   1.00 17.68 ? 37  ARG A CZ  1 
ATOM   309  N  NH1 . ARG A 1 38  ? -3.485  7.703   7.909   1.00 15.61 ? 37  ARG A NH1 1 
ATOM   310  N  NH2 . ARG A 1 38  ? -4.664  9.202   6.660   1.00 14.97 ? 37  ARG A NH2 1 
ATOM   311  N  N   . LEU A 1 39  ? -3.773  0.464   8.390   1.00 18.90 ? 38  LEU A N   1 
ATOM   312  C  CA  . LEU A 1 39  ? -3.651  -0.772  9.176   1.00 19.38 ? 38  LEU A CA  1 
ATOM   313  C  C   . LEU A 1 39  ? -4.676  -0.845  10.308  1.00 20.18 ? 38  LEU A C   1 
ATOM   314  O  O   . LEU A 1 39  ? -4.841  0.112   11.067  1.00 20.54 ? 38  LEU A O   1 
ATOM   315  C  CB  . LEU A 1 39  ? -2.244  -0.861  9.787   1.00 19.28 ? 38  LEU A CB  1 
ATOM   316  C  CG  . LEU A 1 39  ? -1.316  -2.082  9.713   1.00 20.87 ? 38  LEU A CG  1 
ATOM   317  C  CD1 . LEU A 1 39  ? -0.873  -2.477  11.097  1.00 16.89 ? 38  LEU A CD1 1 
ATOM   318  C  CD2 . LEU A 1 39  ? -1.941  -3.240  8.991   1.00 22.66 ? 38  LEU A CD2 1 
ATOM   319  N  N   . ASN A 1 40  ? -5.359  -1.982  10.402  1.00 20.23 ? 39  ASN A N   1 
ATOM   320  C  CA  . ASN A 1 40  ? -6.356  -2.264  11.438  1.00 19.31 ? 39  ASN A CA  1 
ATOM   321  C  C   . ASN A 1 40  ? -7.601  -1.386  11.433  1.00 20.49 ? 39  ASN A C   1 
ATOM   322  O  O   . ASN A 1 40  ? -8.393  -1.463  12.369  1.00 23.76 ? 39  ASN A O   1 
ATOM   323  C  CB  . ASN A 1 40  ? -5.735  -2.219  12.842  1.00 17.15 ? 39  ASN A CB  1 
ATOM   324  C  CG  . ASN A 1 40  ? -4.511  -3.101  12.983  1.00 15.06 ? 39  ASN A CG  1 
ATOM   325  O  OD1 . ASN A 1 40  ? -4.520  -4.269  12.604  1.00 18.66 ? 39  ASN A OD1 1 
ATOM   326  N  ND2 . ASN A 1 40  ? -3.444  -2.539  13.519  1.00 15.24 ? 39  ASN A ND2 1 
ATOM   327  N  N   . ALA A 1 41  ? -7.802  -0.568  10.404  1.00 18.49 ? 40  ALA A N   1 
ATOM   328  C  CA  . ALA A 1 41  ? -8.989  0.284   10.366  1.00 19.67 ? 40  ALA A CA  1 
ATOM   329  C  C   . ALA A 1 41  ? -10.258 -0.566  10.419  1.00 21.25 ? 40  ALA A C   1 
ATOM   330  O  O   . ALA A 1 41  ? -10.336 -1.632  9.795   1.00 19.25 ? 40  ALA A O   1 
ATOM   331  C  CB  . ALA A 1 41  ? -8.989  1.167   9.122   1.00 17.13 ? 40  ALA A CB  1 
ATOM   332  N  N   . GLN A 1 42  ? -11.224 -0.111  11.213  1.00 21.61 ? 41  GLN A N   1 
ATOM   333  C  CA  . GLN A 1 42  ? -12.497 -0.800  11.373  1.00 21.84 ? 41  GLN A CA  1 
ATOM   334  C  C   . GLN A 1 42  ? -13.609 0.065   10.790  1.00 23.94 ? 41  GLN A C   1 
ATOM   335  O  O   . GLN A 1 42  ? -13.407 1.250   10.510  1.00 25.39 ? 41  GLN A O   1 
ATOM   336  C  CB  . GLN A 1 42  ? -12.787 -1.052  12.858  1.00 20.45 ? 41  GLN A CB  1 
ATOM   337  C  CG  . GLN A 1 42  ? -11.768 -1.920  13.578  1.00 18.81 ? 41  GLN A CG  1 
ATOM   338  C  CD  . GLN A 1 42  ? -11.630 -3.286  12.952  1.00 21.89 ? 41  GLN A CD  1 
ATOM   339  O  OE1 . GLN A 1 42  ? -12.608 -4.024  12.823  1.00 21.51 ? 41  GLN A OE1 1 
ATOM   340  N  NE2 . GLN A 1 42  ? -10.415 -3.636  12.559  1.00 22.98 ? 41  GLN A NE2 1 
ATOM   341  N  N   . GLY A 1 43  ? -14.779 -0.528  10.594  1.00 26.88 ? 42  GLY A N   1 
ATOM   342  C  CA  . GLY A 1 43  ? -15.898 0.235   10.076  1.00 30.32 ? 42  GLY A CA  1 
ATOM   343  C  C   . GLY A 1 43  ? -16.449 -0.234  8.750   1.00 32.58 ? 42  GLY A C   1 
ATOM   344  O  O   . GLY A 1 43  ? -15.907 -1.140  8.115   1.00 32.54 ? 42  GLY A O   1 
ATOM   345  N  N   . ARG A 1 44  ? -17.539 0.410   8.339   1.00 35.51 ? 43  ARG A N   1 
ATOM   346  C  CA  . ARG A 1 44  ? -18.232 0.115   7.089   1.00 35.10 ? 43  ARG A CA  1 
ATOM   347  C  C   . ARG A 1 44  ? -17.247 0.179   5.914   1.00 33.45 ? 43  ARG A C   1 
ATOM   348  O  O   . ARG A 1 44  ? -17.063 -0.794  5.173   1.00 34.10 ? 43  ARG A O   1 
ATOM   349  C  CB  . ARG A 1 44  ? -19.379 1.121   6.912   1.00 37.14 ? 43  ARG A CB  1 
ATOM   350  C  CG  . ARG A 1 44  ? -20.275 0.860   5.721   1.00 40.41 ? 43  ARG A CG  1 
ATOM   351  C  CD  . ARG A 1 44  ? -21.600 1.601   5.838   1.00 41.07 ? 43  ARG A CD  1 
ATOM   352  N  NE  . ARG A 1 44  ? -22.417 1.438   4.639   1.00 43.67 ? 43  ARG A NE  1 
ATOM   353  C  CZ  . ARG A 1 44  ? -22.862 0.272   4.169   1.00 47.28 ? 43  ARG A CZ  1 
ATOM   354  N  NH1 . ARG A 1 44  ? -22.582 -0.868  4.794   1.00 47.18 ? 43  ARG A NH1 1 
ATOM   355  N  NH2 . ARG A 1 44  ? -23.562 0.241   3.042   1.00 49.51 ? 43  ARG A NH2 1 
ATOM   356  N  N   . VAL A 1 45  ? -16.639 1.345   5.743   1.00 29.80 ? 44  VAL A N   1 
ATOM   357  C  CA  . VAL A 1 45  ? -15.646 1.560   4.705   1.00 26.65 ? 44  VAL A CA  1 
ATOM   358  C  C   . VAL A 1 45  ? -14.352 1.633   5.499   1.00 26.49 ? 44  VAL A C   1 
ATOM   359  O  O   . VAL A 1 45  ? -14.097 2.617   6.197   1.00 27.01 ? 44  VAL A O   1 
ATOM   360  C  CB  . VAL A 1 45  ? -15.891 2.880   3.966   1.00 25.98 ? 44  VAL A CB  1 
ATOM   361  C  CG1 . VAL A 1 45  ? -14.725 3.193   3.047   1.00 27.04 ? 44  VAL A CG1 1 
ATOM   362  C  CG2 . VAL A 1 45  ? -17.187 2.793   3.172   1.00 25.27 ? 44  VAL A CG2 1 
ATOM   363  N  N   . ASN A 1 46  ? -13.557 0.574   5.432   1.00 24.20 ? 45  ASN A N   1 
ATOM   364  C  CA  . ASN A 1 46  ? -12.326 0.527   6.202   1.00 22.87 ? 45  ASN A CA  1 
ATOM   365  C  C   . ASN A 1 46  ? -11.079 0.213   5.383   1.00 22.80 ? 45  ASN A C   1 
ATOM   366  O  O   . ASN A 1 46  ? -10.042 -0.149  5.943   1.00 23.93 ? 45  ASN A O   1 
ATOM   367  C  CB  . ASN A 1 46  ? -12.479 -0.507  7.328   1.00 20.88 ? 45  ASN A CB  1 
ATOM   368  C  CG  . ASN A 1 46  ? -12.562 -1.944  6.806   1.00 26.24 ? 45  ASN A CG  1 
ATOM   369  O  OD1 . ASN A 1 46  ? -13.091 -2.195  5.716   1.00 25.73 ? 45  ASN A OD1 1 
ATOM   370  N  ND2 . ASN A 1 46  ? -12.004 -2.886  7.562   1.00 26.26 ? 45  ASN A ND2 1 
ATOM   371  N  N   . ALA A 1 47  ? -11.152 0.375   4.067   1.00 21.30 ? 46  ALA A N   1 
ATOM   372  C  CA  . ALA A 1 47  ? -9.993  0.074   3.229   1.00 19.70 ? 46  ALA A CA  1 
ATOM   373  C  C   . ALA A 1 47  ? -10.100 0.756   1.889   1.00 18.16 ? 46  ALA A C   1 
ATOM   374  O  O   . ALA A 1 47  ? -11.158 1.276   1.537   1.00 18.72 ? 46  ALA A O   1 
ATOM   375  C  CB  . ALA A 1 47  ? -9.881  -1.437  3.013   1.00 17.48 ? 46  ALA A CB  1 
ATOM   376  N  N   . TRP A 1 48  ? -8.981  0.822   1.179   1.00 16.44 ? 47  TRP A N   1 
ATOM   377  C  CA  . TRP A 1 48  ? -8.986  1.376   -0.163  1.00 14.36 ? 47  TRP A CA  1 
ATOM   378  C  C   . TRP A 1 48  ? -9.392  0.204   -1.043  1.00 15.66 ? 47  TRP A C   1 
ATOM   379  O  O   . TRP A 1 48  ? -8.953  -0.928  -0.817  1.00 15.36 ? 47  TRP A O   1 
ATOM   380  C  CB  . TRP A 1 48  ? -7.590  1.841   -0.598  1.00 13.70 ? 47  TRP A CB  1 
ATOM   381  C  CG  . TRP A 1 48  ? -7.491  2.073   -2.095  1.00 14.74 ? 47  TRP A CG  1 
ATOM   382  C  CD1 . TRP A 1 48  ? -8.180  2.997   -2.820  1.00 14.94 ? 47  TRP A CD1 1 
ATOM   383  C  CD2 . TRP A 1 48  ? -6.702  1.328   -3.044  1.00 13.45 ? 47  TRP A CD2 1 
ATOM   384  N  NE1 . TRP A 1 48  ? -7.883  2.875   -4.153  1.00 16.24 ? 47  TRP A NE1 1 
ATOM   385  C  CE2 . TRP A 1 48  ? -6.974  1.862   -4.322  1.00 15.96 ? 47  TRP A CE2 1 
ATOM   386  C  CE3 . TRP A 1 48  ? -5.797  0.262   -2.939  1.00 12.98 ? 47  TRP A CE3 1 
ATOM   387  C  CZ2 . TRP A 1 48  ? -6.371  1.369   -5.494  1.00 13.38 ? 47  TRP A CZ2 1 
ATOM   388  C  CZ3 . TRP A 1 48  ? -5.196  -0.231  -4.100  1.00 11.79 ? 47  TRP A CZ3 1 
ATOM   389  C  CH2 . TRP A 1 48  ? -5.488  0.327   -5.361  1.00 15.18 ? 47  TRP A CH2 1 
ATOM   390  N  N   . GLN A 1 49  ? -10.275 0.459   -1.998  1.00 16.41 ? 48  GLN A N   1 
ATOM   391  C  CA  . GLN A 1 49  ? -10.687 -0.561  -2.952  1.00 16.85 ? 48  GLN A CA  1 
ATOM   392  C  C   . GLN A 1 49  ? -10.586 0.131   -4.290  1.00 15.81 ? 48  GLN A C   1 
ATOM   393  O  O   . GLN A 1 49  ? -11.042 1.270   -4.437  1.00 14.60 ? 48  GLN A O   1 
ATOM   394  C  CB  . GLN A 1 49  ? -12.129 -1.022  -2.741  1.00 16.96 ? 48  GLN A CB  1 
ATOM   395  C  CG  . GLN A 1 49  ? -12.327 -2.044  -1.649  1.00 22.05 ? 48  GLN A CG  1 
ATOM   396  C  CD  . GLN A 1 49  ? -13.697 -2.683  -1.716  1.00 23.67 ? 48  GLN A CD  1 
ATOM   397  O  OE1 . GLN A 1 49  ? -14.203 -2.983  -2.806  1.00 25.14 ? 48  GLN A OE1 1 
ATOM   398  N  NE2 . GLN A 1 49  ? -14.310 -2.902  -0.559  1.00 23.54 ? 48  GLN A NE2 1 
ATOM   399  N  N   . ALA A 1 50  ? -9.930  -0.520  -5.241  1.00 15.68 ? 49  ALA A N   1 
ATOM   400  C  CA  . ALA A 1 50  ? -9.790  0.041   -6.580  1.00 18.18 ? 49  ALA A CA  1 
ATOM   401  C  C   . ALA A 1 50  ? -11.173 0.047   -7.248  1.00 18.49 ? 49  ALA A C   1 
ATOM   402  O  O   . ALA A 1 50  ? -12.036 -0.770  -6.908  1.00 16.92 ? 49  ALA A O   1 
ATOM   403  C  CB  . ALA A 1 50  ? -8.811  -0.795  -7.404  1.00 16.04 ? 49  ALA A CB  1 
ATOM   404  N  N   . LYS A 1 51  ? -11.386 0.976   -8.177  1.00 19.07 ? 50  LYS A N   1 
ATOM   405  C  CA  . LYS A 1 51  ? -12.657 1.062   -8.885  1.00 19.14 ? 50  LYS A CA  1 
ATOM   406  C  C   . LYS A 1 51  ? -12.762 -0.123  -9.834  1.00 20.01 ? 50  LYS A C   1 
ATOM   407  O  O   . LYS A 1 51  ? -13.841 -0.684  -10.023 1.00 21.96 ? 50  LYS A O   1 
ATOM   408  C  CB  . LYS A 1 51  ? -12.745 2.366   -9.676  1.00 21.28 ? 50  LYS A CB  1 
ATOM   409  C  CG  . LYS A 1 51  ? -14.067 2.556   -10.406 1.00 25.96 ? 50  LYS A CG  1 
ATOM   410  C  CD  . LYS A 1 51  ? -14.076 3.855   -11.207 1.00 30.05 ? 50  LYS A CD  1 
ATOM   411  C  CE  . LYS A 1 51  ? -15.278 3.935   -12.146 1.00 31.90 ? 50  LYS A CE  1 
ATOM   412  N  NZ  . LYS A 1 51  ? -15.336 5.245   -12.862 1.00 34.64 ? 50  LYS A NZ  1 
ATOM   413  N  N   . ALA A 1 52  ? -11.625 -0.508  -10.411 1.00 19.50 ? 51  ALA A N   1 
ATOM   414  C  CA  . ALA A 1 52  ? -11.552 -1.628  -11.342 1.00 19.55 ? 51  ALA A CA  1 
ATOM   415  C  C   . ALA A 1 52  ? -10.399 -2.548  -10.960 1.00 18.62 ? 51  ALA A C   1 
ATOM   416  O  O   . ALA A 1 52  ? -9.344  -2.085  -10.526 1.00 18.10 ? 51  ALA A O   1 
ATOM   417  C  CB  . ALA A 1 52  ? -11.368 -1.116  -12.763 1.00 20.11 ? 51  ALA A CB  1 
ATOM   418  N  N   . ASN A 1 53  ? -10.609 -3.853  -11.087 1.00 19.54 ? 52  ASN A N   1 
ATOM   419  C  CA  . ASN A 1 53  ? -9.563  -4.820  -10.757 1.00 20.21 ? 52  ASN A CA  1 
ATOM   420  C  C   . ASN A 1 53  ? -8.765  -5.160  -11.996 1.00 20.30 ? 52  ASN A C   1 
ATOM   421  O  O   . ASN A 1 53  ? -9.124  -6.074  -12.729 1.00 23.18 ? 52  ASN A O   1 
ATOM   422  C  CB  . ASN A 1 53  ? -10.151 -6.111  -10.180 1.00 19.24 ? 52  ASN A CB  1 
ATOM   423  C  CG  . ASN A 1 53  ? -10.972 -5.876  -8.926  1.00 22.83 ? 52  ASN A CG  1 
ATOM   424  O  OD1 . ASN A 1 53  ? -12.066 -6.422  -8.782  1.00 27.12 ? 52  ASN A OD1 1 
ATOM   425  N  ND2 . ASN A 1 53  ? -10.449 -5.074  -8.009  1.00 16.16 ? 52  ASN A ND2 1 
ATOM   426  N  N   . ASN A 1 54  ? -7.672  -4.445  -12.222 1.00 21.30 ? 53  ASN A N   1 
ATOM   427  C  CA  . ASN A 1 54  ? -6.835  -4.694  -13.388 1.00 22.84 ? 53  ASN A CA  1 
ATOM   428  C  C   . ASN A 1 54  ? -5.381  -4.387  -13.083 1.00 23.77 ? 53  ASN A C   1 
ATOM   429  O  O   . ASN A 1 54  ? -5.039  -4.097  -11.938 1.00 25.30 ? 53  ASN A O   1 
ATOM   430  C  CB  . ASN A 1 54  ? -7.313  -3.867  -14.588 1.00 22.40 ? 53  ASN A CB  1 
ATOM   431  C  CG  . ASN A 1 54  ? -7.308  -2.386  -14.315 1.00 21.98 ? 53  ASN A CG  1 
ATOM   432  O  OD1 . ASN A 1 54  ? -6.359  -1.852  -13.753 1.00 19.95 ? 53  ASN A OD1 1 
ATOM   433  N  ND2 . ASN A 1 54  ? -8.366  -1.710  -14.723 1.00 23.46 ? 53  ASN A ND2 1 
ATOM   434  N  N   . ASN A 1 55  ? -4.541  -4.399  -14.116 1.00 22.45 ? 54  ASN A N   1 
ATOM   435  C  CA  . ASN A 1 55  ? -3.113  -4.152  -13.957 1.00 22.85 ? 54  ASN A CA  1 
ATOM   436  C  C   . ASN A 1 55  ? -2.672  -2.698  -14.077 1.00 22.94 ? 54  ASN A C   1 
ATOM   437  O  O   . ASN A 1 55  ? -1.486  -2.419  -14.262 1.00 23.62 ? 54  ASN A O   1 
ATOM   438  C  CB  . ASN A 1 55  ? -2.306  -5.031  -14.926 1.00 24.80 ? 54  ASN A CB  1 
ATOM   439  C  CG  . ASN A 1 55  ? -2.592  -4.724  -16.394 1.00 28.00 ? 54  ASN A CG  1 
ATOM   440  O  OD1 . ASN A 1 55  ? -3.429  -3.874  -16.721 1.00 30.54 ? 54  ASN A OD1 1 
ATOM   441  N  ND2 . ASN A 1 55  ? -1.905  -5.430  -17.285 1.00 25.88 ? 54  ASN A ND2 1 
ATOM   442  N  N   . LYS A 1 56  ? -3.611  -1.772  -13.946 1.00 22.76 ? 55  LYS A N   1 
ATOM   443  C  CA  . LYS A 1 56  ? -3.293  -0.351  -14.038 1.00 24.60 ? 55  LYS A CA  1 
ATOM   444  C  C   . LYS A 1 56  ? -3.583  0.361   -12.713 1.00 25.82 ? 55  LYS A C   1 
ATOM   445  O  O   . LYS A 1 56  ? -3.683  1.594   -12.674 1.00 29.00 ? 55  LYS A O   1 
ATOM   446  C  CB  . LYS A 1 56  ? -4.120  0.298   -15.145 1.00 26.12 ? 55  LYS A CB  1 
ATOM   447  C  CG  . LYS A 1 56  ? -3.854  -0.207  -16.549 1.00 32.14 ? 55  LYS A CG  1 
ATOM   448  C  CD  . LYS A 1 56  ? -4.837  0.434   -17.530 1.00 40.48 ? 55  LYS A CD  1 
ATOM   449  C  CE  . LYS A 1 56  ? -4.846  1.972   -17.391 1.00 47.10 ? 55  LYS A CE  1 
ATOM   450  N  NZ  . LYS A 1 56  ? -5.860  2.686   -18.238 1.00 48.74 ? 55  LYS A NZ  1 
ATOM   451  N  N   . GLN A 1 57  ? -3.725  -0.404  -11.634 1.00 24.01 ? 56  GLN A N   1 
ATOM   452  C  CA  . GLN A 1 57  ? -4.024  0.177   -10.328 1.00 22.43 ? 56  GLN A CA  1 
ATOM   453  C  C   . GLN A 1 57  ? -2.777  0.420   -9.476  1.00 21.58 ? 56  GLN A C   1 
ATOM   454  O  O   . GLN A 1 57  ? -1.741  -0.220  -9.670  1.00 20.91 ? 56  GLN A O   1 
ATOM   455  C  CB  . GLN A 1 57  ? -5.020  -0.700  -9.549  1.00 23.38 ? 56  GLN A CB  1 
ATOM   456  C  CG  . GLN A 1 57  ? -6.328  -1.009  -10.286 1.00 23.08 ? 56  GLN A CG  1 
ATOM   457  C  CD  . GLN A 1 57  ? -7.001  0.232   -10.859 1.00 24.64 ? 56  GLN A CD  1 
ATOM   458  O  OE1 . GLN A 1 57  ? -7.274  0.307   -12.056 1.00 28.15 ? 56  GLN A OE1 1 
ATOM   459  N  NE2 . GLN A 1 57  ? -7.267  1.208   -10.009 1.00 18.88 ? 56  GLN A NE2 1 
ATOM   460  N  N   . TRP A 1 58  ? -2.880  1.390   -8.572  1.00 18.57 ? 57  TRP A N   1 
ATOM   461  C  CA  . TRP A 1 58  ? -1.800  1.741   -7.661  1.00 19.78 ? 57  TRP A CA  1 
ATOM   462  C  C   . TRP A 1 58  ? -2.299  2.607   -6.524  1.00 20.48 ? 57  TRP A C   1 
ATOM   463  O  O   . TRP A 1 58  ? -3.267  3.353   -6.684  1.00 19.78 ? 57  TRP A O   1 
ATOM   464  C  CB  . TRP A 1 58  ? -0.657  2.472   -8.381  1.00 21.24 ? 57  TRP A CB  1 
ATOM   465  C  CG  . TRP A 1 58  ? -1.070  3.636   -9.224  1.00 19.05 ? 57  TRP A CG  1 
ATOM   466  C  CD1 . TRP A 1 58  ? -1.279  3.624   -10.569 1.00 20.55 ? 57  TRP A CD1 1 
ATOM   467  C  CD2 . TRP A 1 58  ? -1.337  4.974   -8.788  1.00 19.29 ? 57  TRP A CD2 1 
ATOM   468  N  NE1 . TRP A 1 58  ? -1.667  4.867   -11.001 1.00 22.58 ? 57  TRP A NE1 1 
ATOM   469  C  CE2 . TRP A 1 58  ? -1.712  5.716   -9.928  1.00 21.20 ? 57  TRP A CE2 1 
ATOM   470  C  CE3 . TRP A 1 58  ? -1.302  5.616   -7.547  1.00 19.62 ? 57  TRP A CE3 1 
ATOM   471  C  CZ2 . TRP A 1 58  ? -2.052  7.071   -9.863  1.00 18.47 ? 57  TRP A CZ2 1 
ATOM   472  C  CZ3 . TRP A 1 58  ? -1.642  6.968   -7.486  1.00 19.76 ? 57  TRP A CZ3 1 
ATOM   473  C  CH2 . TRP A 1 58  ? -2.012  7.676   -8.636  1.00 17.96 ? 57  TRP A CH2 1 
ATOM   474  N  N   . LEU A 1 59  ? -1.667  2.453   -5.367  1.00 19.79 ? 58  LEU A N   1 
ATOM   475  C  CA  . LEU A 1 59  ? -1.980  3.231   -4.175  1.00 19.43 ? 58  LEU A CA  1 
ATOM   476  C  C   . LEU A 1 59  ? -0.671  3.944   -3.888  1.00 19.89 ? 58  LEU A C   1 
ATOM   477  O  O   . LEU A 1 59  ? 0.369   3.307   -3.735  1.00 19.75 ? 58  LEU A O   1 
ATOM   478  C  CB  . LEU A 1 59  ? -2.354  2.323   -3.002  1.00 20.28 ? 58  LEU A CB  1 
ATOM   479  C  CG  . LEU A 1 59  ? -2.848  2.978   -1.700  1.00 22.47 ? 58  LEU A CG  1 
ATOM   480  C  CD1 . LEU A 1 59  ? -3.349  1.896   -0.766  1.00 24.59 ? 58  LEU A CD1 1 
ATOM   481  C  CD2 . LEU A 1 59  ? -1.747  3.773   -1.009  1.00 23.90 ? 58  LEU A CD2 1 
ATOM   482  N  N   . GLU A 1 60  ? -0.727  5.261   -3.802  1.00 20.01 ? 59  GLU A N   1 
ATOM   483  C  CA  . GLU A 1 60  ? 0.463   6.066   -3.575  1.00 20.85 ? 59  GLU A CA  1 
ATOM   484  C  C   . GLU A 1 60  ? 0.459   6.773   -2.231  1.00 21.96 ? 59  GLU A C   1 
ATOM   485  O  O   . GLU A 1 60  ? -0.567  7.304   -1.783  1.00 21.28 ? 59  GLU A O   1 
ATOM   486  C  CB  . GLU A 1 60  ? 0.581   7.104   -4.689  1.00 21.33 ? 59  GLU A CB  1 
ATOM   487  C  CG  . GLU A 1 60  ? 1.762   8.048   -4.578  1.00 19.02 ? 59  GLU A CG  1 
ATOM   488  C  CD  . GLU A 1 60  ? 1.665   9.176   -5.581  1.00 18.80 ? 59  GLU A CD  1 
ATOM   489  O  OE1 . GLU A 1 60  ? 1.485   8.893   -6.778  1.00 19.17 ? 59  GLU A OE1 1 
ATOM   490  O  OE2 . GLU A 1 60  ? 1.740   10.346  -5.166  1.00 21.40 ? 59  GLU A OE2 1 
ATOM   491  N  N   . ILE A 1 61  ? 1.623   6.779   -1.595  1.00 21.25 ? 60  ILE A N   1 
ATOM   492  C  CA  . ILE A 1 61  ? 1.799   7.439   -0.315  1.00 21.27 ? 60  ILE A CA  1 
ATOM   493  C  C   . ILE A 1 61  ? 2.946   8.443   -0.456  1.00 22.30 ? 60  ILE A C   1 
ATOM   494  O  O   . ILE A 1 61  ? 4.049   8.089   -0.895  1.00 21.68 ? 60  ILE A O   1 
ATOM   495  C  CB  . ILE A 1 61  ? 2.108   6.421   0.792   1.00 21.17 ? 60  ILE A CB  1 
ATOM   496  C  CG1 . ILE A 1 61  ? 0.909   5.492   0.968   1.00 20.00 ? 60  ILE A CG1 1 
ATOM   497  C  CG2 . ILE A 1 61  ? 2.441   7.140   2.100   1.00 19.99 ? 60  ILE A CG2 1 
ATOM   498  C  CD1 . ILE A 1 61  ? 1.224   4.233   1.697   1.00 26.63 ? 60  ILE A CD1 1 
ATOM   499  N  N   . ASP A 1 62  ? 2.636   9.709   -0.183  1.00 21.45 ? 61  ASP A N   1 
ATOM   500  C  CA  . ASP A 1 62  ? 3.606   10.794  -0.250  1.00 21.35 ? 61  ASP A CA  1 
ATOM   501  C  C   . ASP A 1 62  ? 4.060   11.066  1.169   1.00 21.46 ? 61  ASP A C   1 
ATOM   502  O  O   . ASP A 1 62  ? 3.290   11.587  1.973   1.00 21.58 ? 61  ASP A O   1 
ATOM   503  C  CB  . ASP A 1 62  ? 2.947   12.055  -0.826  1.00 21.94 ? 61  ASP A CB  1 
ATOM   504  C  CG  . ASP A 1 62  ? 3.915   13.232  -0.946  1.00 23.68 ? 61  ASP A CG  1 
ATOM   505  O  OD1 . ASP A 1 62  ? 5.098   13.084  -0.608  1.00 21.56 ? 61  ASP A OD1 1 
ATOM   506  O  OD2 . ASP A 1 62  ? 3.490   14.316  -1.400  1.00 25.11 ? 61  ASP A OD2 1 
ATOM   507  N  N   . LEU A 1 63  ? 5.312   10.730  1.468   1.00 22.24 ? 62  LEU A N   1 
ATOM   508  C  CA  . LEU A 1 63  ? 5.883   10.936  2.802   1.00 23.26 ? 62  LEU A CA  1 
ATOM   509  C  C   . LEU A 1 63  ? 6.328   12.391  3.047   1.00 24.13 ? 62  LEU A C   1 
ATOM   510  O  O   . LEU A 1 63  ? 6.869   12.723  4.109   1.00 23.95 ? 62  LEU A O   1 
ATOM   511  C  CB  . LEU A 1 63  ? 7.055   9.977   3.016   1.00 22.12 ? 62  LEU A CB  1 
ATOM   512  C  CG  . LEU A 1 63  ? 6.720   8.481   2.943   1.00 22.98 ? 62  LEU A CG  1 
ATOM   513  C  CD1 . LEU A 1 63  ? 8.002   7.673   2.953   1.00 22.03 ? 62  LEU A CD1 1 
ATOM   514  C  CD2 . LEU A 1 63  ? 5.826   8.076   4.105   1.00 20.43 ? 62  LEU A CD2 1 
ATOM   515  N  N   . LEU A 1 64  ? 6.098   13.242  2.051   1.00 24.27 ? 63  LEU A N   1 
ATOM   516  C  CA  . LEU A 1 64  ? 6.430   14.666  2.088   1.00 25.70 ? 63  LEU A CA  1 
ATOM   517  C  C   . LEU A 1 64  ? 7.915   15.006  1.981   1.00 27.43 ? 63  LEU A C   1 
ATOM   518  O  O   . LEU A 1 64  ? 8.263   16.129  1.617   1.00 29.32 ? 63  LEU A O   1 
ATOM   519  C  CB  . LEU A 1 64  ? 5.784   15.342  3.295   1.00 25.40 ? 63  LEU A CB  1 
ATOM   520  C  CG  . LEU A 1 64  ? 4.256   15.261  3.263   1.00 26.16 ? 63  LEU A CG  1 
ATOM   521  C  CD1 . LEU A 1 64  ? 3.681   15.866  4.524   1.00 27.09 ? 63  LEU A CD1 1 
ATOM   522  C  CD2 . LEU A 1 64  ? 3.712   15.958  2.032   1.00 23.89 ? 63  LEU A CD2 1 
ATOM   523  N  N   . LYS A 1 65  ? 8.783   14.039  2.269   1.00 26.03 ? 64  LYS A N   1 
ATOM   524  C  CA  . LYS A 1 65  ? 10.232  14.222  2.158   1.00 23.35 ? 64  LYS A CA  1 
ATOM   525  C  C   . LYS A 1 65  ? 10.898  12.864  1.976   1.00 23.85 ? 64  LYS A C   1 
ATOM   526  O  O   . LYS A 1 65  ? 10.295  11.826  2.259   1.00 24.36 ? 64  LYS A O   1 
ATOM   527  C  CB  . LYS A 1 65  ? 10.809  14.930  3.388   1.00 21.55 ? 64  LYS A CB  1 
ATOM   528  C  CG  . LYS A 1 65  ? 10.642  14.198  4.694   1.00 20.29 ? 64  LYS A CG  1 
ATOM   529  C  CD  . LYS A 1 65  ? 11.333  14.961  5.810   1.00 22.64 ? 64  LYS A CD  1 
ATOM   530  C  CE  . LYS A 1 65  ? 10.986  14.414  7.190   1.00 23.25 ? 64  LYS A CE  1 
ATOM   531  N  NZ  . LYS A 1 65  ? 11.668  15.161  8.281   0.00 22.81 ? 64  LYS A NZ  1 
ATOM   532  N  N   . ILE A 1 66  ? 12.126  12.867  1.471   1.00 22.60 ? 65  ILE A N   1 
ATOM   533  C  CA  . ILE A 1 66  ? 12.860  11.629  1.261   1.00 21.48 ? 65  ILE A CA  1 
ATOM   534  C  C   . ILE A 1 66  ? 13.184  10.982  2.602   1.00 20.59 ? 65  ILE A C   1 
ATOM   535  O  O   . ILE A 1 66  ? 13.783  11.604  3.488   1.00 19.93 ? 65  ILE A O   1 
ATOM   536  C  CB  . ILE A 1 66  ? 14.146  11.878  0.466   1.00 23.37 ? 65  ILE A CB  1 
ATOM   537  C  CG1 . ILE A 1 66  ? 13.798  12.420  -0.925  1.00 23.88 ? 65  ILE A CG1 1 
ATOM   538  C  CG2 . ILE A 1 66  ? 14.967  10.593  0.373   1.00 24.20 ? 65  ILE A CG2 1 
ATOM   539  C  CD1 . ILE A 1 66  ? 15.002  12.765  -1.764  1.00 26.93 ? 65  ILE A CD1 1 
ATOM   540  N  N   . LYS A 1 67  ? 12.741  9.742   2.760   1.00 20.66 ? 66  LYS A N   1 
ATOM   541  C  CA  . LYS A 1 67  ? 12.951  8.984   3.984   1.00 19.36 ? 66  LYS A CA  1 
ATOM   542  C  C   . LYS A 1 67  ? 13.524  7.622   3.631   1.00 19.76 ? 66  LYS A C   1 
ATOM   543  O  O   . LYS A 1 67  ? 13.712  7.294   2.458   1.00 20.00 ? 66  LYS A O   1 
ATOM   544  C  CB  . LYS A 1 67  ? 11.619  8.758   4.697   1.00 20.44 ? 66  LYS A CB  1 
ATOM   545  C  CG  . LYS A 1 67  ? 10.859  10.000  5.093   1.00 21.94 ? 66  LYS A CG  1 
ATOM   546  C  CD  . LYS A 1 67  ? 9.918   9.665   6.228   1.00 23.90 ? 66  LYS A CD  1 
ATOM   547  C  CE  . LYS A 1 67  ? 9.228   10.904  6.743   1.00 27.70 ? 66  LYS A CE  1 
ATOM   548  N  NZ  . LYS A 1 67  ? 8.619   10.685  8.086   1.00 31.33 ? 66  LYS A NZ  1 
ATOM   549  N  N   . LYS A 1 68  ? 13.777  6.824   4.658   1.00 21.73 ? 67  LYS A N   1 
ATOM   550  C  CA  . LYS A 1 68  ? 14.291  5.468   4.491   1.00 23.16 ? 67  LYS A CA  1 
ATOM   551  C  C   . LYS A 1 68  ? 13.138  4.532   4.845   1.00 21.96 ? 67  LYS A C   1 
ATOM   552  O  O   . LYS A 1 68  ? 12.661  4.528   5.982   1.00 22.44 ? 67  LYS A O   1 
ATOM   553  C  CB  . LYS A 1 68  ? 15.464  5.215   5.446   1.00 24.94 ? 67  LYS A CB  1 
ATOM   554  C  CG  . LYS A 1 68  ? 15.995  3.791   5.415   1.00 27.66 ? 67  LYS A CG  1 
ATOM   555  C  CD  . LYS A 1 68  ? 17.184  3.664   4.494   1.00 30.80 ? 67  LYS A CD  1 
ATOM   556  C  CE  . LYS A 1 68  ? 18.463  3.973   5.230   1.00 32.32 ? 67  LYS A CE  1 
ATOM   557  N  NZ  . LYS A 1 68  ? 18.718  2.961   6.292   1.00 37.07 ? 67  LYS A NZ  1 
ATOM   558  N  N   . ILE A 1 69  ? 12.658  3.783   3.864   1.00 19.39 ? 68  ILE A N   1 
ATOM   559  C  CA  . ILE A 1 69  ? 11.564  2.855   4.083   1.00 19.18 ? 68  ILE A CA  1 
ATOM   560  C  C   . ILE A 1 69  ? 12.159  1.451   4.185   1.00 19.57 ? 68  ILE A C   1 
ATOM   561  O  O   . ILE A 1 69  ? 12.779  0.946   3.246   1.00 19.00 ? 68  ILE A O   1 
ATOM   562  C  CB  . ILE A 1 69  ? 10.515  2.925   2.951   1.00 18.30 ? 68  ILE A CB  1 
ATOM   563  C  CG1 . ILE A 1 69  ? 9.994   4.356   2.793   1.00 19.11 ? 68  ILE A CG1 1 
ATOM   564  C  CG2 . ILE A 1 69  ? 9.356   1.997   3.268   1.00 18.45 ? 68  ILE A CG2 1 
ATOM   565  C  CD1 . ILE A 1 69  ? 10.743  5.186   1.780   1.00 18.50 ? 68  ILE A CD1 1 
ATOM   566  N  N   . THR A 1 70  ? 11.943  0.820   5.331   1.00 19.75 ? 69  THR A N   1 
ATOM   567  C  CA  . THR A 1 70  ? 12.503  -0.490  5.603   1.00 18.44 ? 69  THR A CA  1 
ATOM   568  C  C   . THR A 1 70  ? 11.531  -1.651  5.530   1.00 18.80 ? 69  THR A C   1 
ATOM   569  O  O   . THR A 1 70  ? 11.948  -2.791  5.346   1.00 19.76 ? 69  THR A O   1 
ATOM   570  C  CB  . THR A 1 70  ? 13.194  -0.487  6.971   1.00 17.37 ? 69  THR A CB  1 
ATOM   571  O  OG1 . THR A 1 70  ? 12.273  -0.003  7.962   1.00 18.50 ? 69  THR A OG1 1 
ATOM   572  C  CG2 . THR A 1 70  ? 14.418  0.429   6.944   1.00 14.95 ? 69  THR A CG2 1 
ATOM   573  N  N   . ALA A 1 71  ? 10.240  -1.378  5.651   1.00 18.87 ? 70  ALA A N   1 
ATOM   574  C  CA  . ALA A 1 71  ? 9.257   -2.453  5.589   1.00 18.91 ? 70  ALA A CA  1 
ATOM   575  C  C   . ALA A 1 71  ? 7.852   -1.954  5.299   1.00 17.86 ? 70  ALA A C   1 
ATOM   576  O  O   . ALA A 1 71  ? 7.576   -0.750  5.352   1.00 15.66 ? 70  ALA A O   1 
ATOM   577  C  CB  . ALA A 1 71  ? 9.273   -3.269  6.890   1.00 17.71 ? 70  ALA A CB  1 
ATOM   578  N  N   . ILE A 1 72  ? 6.982   -2.902  4.973   1.00 17.03 ? 71  ILE A N   1 
ATOM   579  C  CA  . ILE A 1 72  ? 5.586   -2.629  4.673   1.00 16.69 ? 71  ILE A CA  1 
ATOM   580  C  C   . ILE A 1 72  ? 4.734   -3.796  5.169   1.00 17.32 ? 71  ILE A C   1 
ATOM   581  O  O   . ILE A 1 72  ? 5.196   -4.943  5.200   1.00 16.51 ? 71  ILE A O   1 
ATOM   582  C  CB  . ILE A 1 72  ? 5.357   -2.434  3.120   1.00 16.28 ? 71  ILE A CB  1 
ATOM   583  C  CG1 . ILE A 1 72  ? 3.866   -2.247  2.809   1.00 14.14 ? 71  ILE A CG1 1 
ATOM   584  C  CG2 . ILE A 1 72  ? 5.895   -3.625  2.325   1.00 14.68 ? 71  ILE A CG2 1 
ATOM   585  C  CD1 . ILE A 1 72  ? 3.585   -1.911  1.366   1.00 15.38 ? 71  ILE A CD1 1 
ATOM   586  N  N   . ILE A 1 73  ? 3.538   -3.479  5.651   1.00 16.19 ? 72  ILE A N   1 
ATOM   587  C  CA  . ILE A 1 73  ? 2.580   -4.492  6.092   1.00 16.68 ? 72  ILE A CA  1 
ATOM   588  C  C   . ILE A 1 73  ? 1.259   -4.210  5.365   1.00 16.25 ? 72  ILE A C   1 
ATOM   589  O  O   . ILE A 1 73  ? 0.864   -3.053  5.227   1.00 15.14 ? 72  ILE A O   1 
ATOM   590  C  CB  . ILE A 1 73  ? 2.292   -4.429  7.608   1.00 16.32 ? 72  ILE A CB  1 
ATOM   591  C  CG1 . ILE A 1 73  ? 3.531   -4.819  8.414   1.00 15.54 ? 72  ILE A CG1 1 
ATOM   592  C  CG2 . ILE A 1 73  ? 1.113   -5.354  7.953   1.00 16.61 ? 72  ILE A CG2 1 
ATOM   593  C  CD1 . ILE A 1 73  ? 3.314   -4.766  9.917   1.00 17.46 ? 72  ILE A CD1 1 
ATOM   594  N  N   . THR A 1 74  ? 0.601   -5.253  4.871   1.00 15.50 ? 73  THR A N   1 
ATOM   595  C  CA  . THR A 1 74  ? -0.682  -5.080  4.205   1.00 15.73 ? 73  THR A CA  1 
ATOM   596  C  C   . THR A 1 74  ? -1.719  -6.034  4.799   1.00 15.44 ? 73  THR A C   1 
ATOM   597  O  O   . THR A 1 74  ? -1.365  -7.017  5.456   1.00 16.46 ? 73  THR A O   1 
ATOM   598  C  CB  . THR A 1 74  ? -0.591  -5.332  2.666   1.00 16.40 ? 73  THR A CB  1 
ATOM   599  O  OG1 . THR A 1 74  ? -0.226  -6.694  2.413   1.00 16.68 ? 73  THR A OG1 1 
ATOM   600  C  CG2 . THR A 1 74  ? 0.425   -4.397  2.009   1.00 13.55 ? 73  THR A CG2 1 
ATOM   601  N  N   . GLN A 1 75  ? -2.989  -5.683  4.620   1.00 16.50 ? 74  GLN A N   1 
ATOM   602  C  CA  . GLN A 1 75  ? -4.159  -6.462  5.050   1.00 16.50 ? 74  GLN A CA  1 
ATOM   603  C  C   . GLN A 1 75  ? -5.179  -6.233  3.943   1.00 16.17 ? 74  GLN A C   1 
ATOM   604  O  O   . GLN A 1 75  ? -5.047  -5.284  3.153   1.00 18.51 ? 74  GLN A O   1 
ATOM   605  C  CB  . GLN A 1 75  ? -4.827  -5.884  6.300   1.00 15.63 ? 74  GLN A CB  1 
ATOM   606  C  CG  . GLN A 1 75  ? -4.182  -6.093  7.625   1.00 14.94 ? 74  GLN A CG  1 
ATOM   607  C  CD  . GLN A 1 75  ? -4.913  -5.315  8.709   1.00 16.25 ? 74  GLN A CD  1 
ATOM   608  O  OE1 . GLN A 1 75  ? -4.995  -4.087  8.654   1.00 12.74 ? 74  GLN A OE1 1 
ATOM   609  N  NE2 . GLN A 1 75  ? -5.439  -6.022  9.702   1.00 16.23 ? 74  GLN A NE2 1 
ATOM   610  N  N   . GLY A 1 76  ? -6.216  -7.056  3.924   1.00 16.15 ? 75  GLY A N   1 
ATOM   611  C  CA  . GLY A 1 76  ? -7.282  -6.894  2.951   1.00 16.36 ? 75  GLY A CA  1 
ATOM   612  C  C   . GLY A 1 76  ? -8.470  -6.382  3.752   1.00 18.86 ? 75  GLY A C   1 
ATOM   613  O  O   . GLY A 1 76  ? -8.296  -5.557  4.653   1.00 17.25 ? 75  GLY A O   1 
ATOM   614  N  N   . CYS A 1 77  ? -9.671  -6.845  3.431   1.00 17.54 ? 76  CYS A N   1 
ATOM   615  C  CA  . CYS A 1 77  ? -10.863 -6.454  4.176   1.00 19.18 ? 76  CYS A CA  1 
ATOM   616  C  C   . CYS A 1 77  ? -11.963 -7.451  3.864   1.00 19.47 ? 76  CYS A C   1 
ATOM   617  O  O   . CYS A 1 77  ? -11.872 -8.176  2.872   1.00 18.61 ? 76  CYS A O   1 
ATOM   618  C  CB  . CYS A 1 77  ? -11.289 -5.016  3.879   1.00 20.94 ? 76  CYS A CB  1 
ATOM   619  S  SG  . CYS A 1 77  ? -11.619 -4.653  2.164   1.00 25.01 ? 76  CYS A SG  1 
ATOM   620  N  N   . LYS A 1 78  ? -12.979 -7.516  4.721   1.00 22.46 ? 77  LYS A N   1 
ATOM   621  C  CA  . LYS A 1 78  ? -14.073 -8.479  4.577   1.00 27.01 ? 77  LYS A CA  1 
ATOM   622  C  C   . LYS A 1 78  ? -15.459 -7.889  4.852   1.00 31.12 ? 77  LYS A C   1 
ATOM   623  O  O   . LYS A 1 78  ? -15.586 -6.891  5.570   1.00 34.58 ? 77  LYS A O   1 
ATOM   624  C  CB  . LYS A 1 78  ? -13.812 -9.661  5.535   1.00 28.73 ? 77  LYS A CB  1 
ATOM   625  C  CG  . LYS A 1 78  ? -15.052 -10.317 6.148   1.00 33.30 ? 77  LYS A CG  1 
ATOM   626  C  CD  . LYS A 1 78  ? -14.727 -11.300 7.277   1.00 35.07 ? 77  LYS A CD  1 
ATOM   627  C  CE  . LYS A 1 78  ? -14.257 -12.640 6.737   1.00 39.30 ? 77  LYS A CE  1 
ATOM   628  N  NZ  . LYS A 1 78  ? -14.234 -13.709 7.780   1.00 41.02 ? 77  LYS A NZ  1 
ATOM   629  N  N   . SER A 1 79  ? -16.486 -8.505  4.263   1.00 32.58 ? 78  SER A N   1 
ATOM   630  C  CA  . SER A 1 79  ? -17.875 -8.096  4.462   1.00 33.96 ? 78  SER A CA  1 
ATOM   631  C  C   . SER A 1 79  ? -18.760 -9.285  4.118   0.00 34.35 ? 78  SER A C   1 
ATOM   632  O  O   . SER A 1 79  ? -19.231 -9.413  2.988   0.00 34.40 ? 78  SER A O   1 
ATOM   633  C  CB  . SER A 1 79  ? -18.221 -6.894  3.584   1.00 34.74 ? 78  SER A CB  1 
ATOM   634  O  OG  . SER A 1 79  ? -19.490 -6.356  3.920   0.00 34.12 ? 78  SER A OG  1 
ATOM   635  N  N   . LEU A 1 80  ? -18.984 -10.134 5.118   0.00 34.83 ? 79  LEU A N   1 
ATOM   636  C  CA  . LEU A 1 80  ? -19.769 -11.364 4.995   0.00 35.33 ? 79  LEU A CA  1 
ATOM   637  C  C   . LEU A 1 80  ? -18.775 -12.405 4.481   0.00 35.71 ? 79  LEU A C   1 
ATOM   638  O  O   . LEU A 1 80  ? -17.645 -12.466 4.964   0.00 35.73 ? 79  LEU A O   1 
ATOM   639  C  CB  . LEU A 1 80  ? -20.954 -11.212 4.023   0.00 35.45 ? 79  LEU A CB  1 
ATOM   640  C  CG  . LEU A 1 80  ? -22.120 -10.268 4.317   0.00 35.48 ? 79  LEU A CG  1 
ATOM   641  C  CD1 . LEU A 1 80  ? -22.958 -10.090 3.058   0.00 35.49 ? 79  LEU A CD1 1 
ATOM   642  C  CD2 . LEU A 1 80  ? -22.957 -10.834 5.441   0.00 35.49 ? 79  LEU A CD2 1 
ATOM   643  N  N   . SER A 1 81  ? -19.177 -13.213 3.505   0.00 36.03 ? 80  SER A N   1 
ATOM   644  C  CA  . SER A 1 81  ? -18.288 -14.219 2.938   0.00 36.25 ? 80  SER A CA  1 
ATOM   645  C  C   . SER A 1 81  ? -17.361 -13.605 1.890   0.00 36.47 ? 80  SER A C   1 
ATOM   646  O  O   . SER A 1 81  ? -16.481 -14.282 1.354   0.00 36.46 ? 80  SER A O   1 
ATOM   647  C  CB  . SER A 1 81  ? -19.098 -15.357 2.315   0.00 36.13 ? 80  SER A CB  1 
ATOM   648  O  OG  . SER A 1 81  ? -20.189 -14.859 1.559   0.00 36.07 ? 80  SER A OG  1 
ATOM   649  N  N   . SER A 1 82  ? -17.560 -12.323 1.594   1.00 36.85 ? 81  SER A N   1 
ATOM   650  C  CA  . SER A 1 82  ? -16.739 -11.647 0.607   1.00 37.06 ? 81  SER A CA  1 
ATOM   651  C  C   . SER A 1 82  ? -15.428 -11.172 1.210   1.00 35.54 ? 81  SER A C   1 
ATOM   652  O  O   . SER A 1 82  ? -15.377 -10.184 1.951   1.00 35.92 ? 81  SER A O   1 
ATOM   653  C  CB  . SER A 1 82  ? -17.504 -10.495 -0.023  1.00 36.89 ? 81  SER A CB  1 
ATOM   654  O  OG  . SER A 1 82  ? -17.925 -9.596  0.977   1.00 45.63 ? 81  SER A OG  1 
ATOM   655  N  N   . GLU A 1 83  ? -14.385 -11.945 0.936   1.00 34.91 ? 82  GLU A N   1 
ATOM   656  C  CA  . GLU A 1 83  ? -13.046 -11.670 1.412   1.00 32.25 ? 82  GLU A CA  1 
ATOM   657  C  C   . GLU A 1 83  ? -12.237 -11.055 0.286   1.00 29.66 ? 82  GLU A C   1 
ATOM   658  O  O   . GLU A 1 83  ? -12.103 -11.649 -0.784  1.00 31.06 ? 82  GLU A O   1 
ATOM   659  C  CB  . GLU A 1 83  ? -12.397 -12.974 1.859   1.00 35.65 ? 82  GLU A CB  1 
ATOM   660  C  CG  . GLU A 1 83  ? -13.141 -13.682 2.974   1.00 40.11 ? 82  GLU A CG  1 
ATOM   661  C  CD  . GLU A 1 83  ? -12.285 -14.711 3.686   1.00 46.12 ? 82  GLU A CD  1 
ATOM   662  O  OE1 . GLU A 1 83  ? -11.036 -14.612 3.625   1.00 48.25 ? 82  GLU A OE1 1 
ATOM   663  O  OE2 . GLU A 1 83  ? -12.863 -15.614 4.326   1.00 50.49 ? 82  GLU A OE2 1 
ATOM   664  N  N   . MET A 1 84  ? -11.717 -9.859  0.514   1.00 25.46 ? 83  MET A N   1 
ATOM   665  C  CA  . MET A 1 84  ? -10.922 -9.185  -0.498  1.00 23.26 ? 83  MET A CA  1 
ATOM   666  C  C   . MET A 1 84  ? -9.525  -8.957  0.047   1.00 21.34 ? 83  MET A C   1 
ATOM   667  O  O   . MET A 1 84  ? -9.358  -8.624  1.225   1.00 21.40 ? 83  MET A O   1 
ATOM   668  C  CB  . MET A 1 84  ? -11.524 -7.824  -0.851  1.00 23.89 ? 83  MET A CB  1 
ATOM   669  C  CG  . MET A 1 84  ? -13.017 -7.802  -1.044  1.00 24.28 ? 83  MET A CG  1 
ATOM   670  S  SD  . MET A 1 84  ? -13.544 -6.180  -1.573  1.00 24.59 ? 83  MET A SD  1 
ATOM   671  C  CE  . MET A 1 84  ? -15.031 -6.621  -2.442  1.00 22.27 ? 83  MET A CE  1 
ATOM   672  N  N   . TYR A 1 85  ? -8.524  -9.131  -0.807  1.00 19.35 ? 84  TYR A N   1 
ATOM   673  C  CA  . TYR A 1 85  ? -7.139  -8.908  -0.414  1.00 18.27 ? 84  TYR A CA  1 
ATOM   674  C  C   . TYR A 1 85  ? -6.188  -9.032  -1.597  1.00 17.65 ? 84  TYR A C   1 
ATOM   675  O  O   . TYR A 1 85  ? -6.488  -9.717  -2.572  1.00 17.49 ? 84  TYR A O   1 
ATOM   676  C  CB  . TYR A 1 85  ? -6.727  -9.850  0.739   1.00 16.21 ? 84  TYR A CB  1 
ATOM   677  C  CG  . TYR A 1 85  ? -6.937  -11.337 0.504   1.00 20.10 ? 84  TYR A CG  1 
ATOM   678  C  CD1 . TYR A 1 85  ? -5.933  -12.125 -0.062  1.00 18.46 ? 84  TYR A CD1 1 
ATOM   679  C  CD2 . TYR A 1 85  ? -8.125  -11.964 0.888   1.00 20.66 ? 84  TYR A CD2 1 
ATOM   680  C  CE1 . TYR A 1 85  ? -6.104  -13.493 -0.239  1.00 19.45 ? 84  TYR A CE1 1 
ATOM   681  C  CE2 . TYR A 1 85  ? -8.306  -13.333 0.717   1.00 21.65 ? 84  TYR A CE2 1 
ATOM   682  C  CZ  . TYR A 1 85  ? -7.291  -14.093 0.155   1.00 22.31 ? 84  TYR A CZ  1 
ATOM   683  O  OH  . TYR A 1 85  ? -7.450  -15.456 -0.002  1.00 23.25 ? 84  TYR A OH  1 
ATOM   684  N  N   . VAL A 1 86  ? -5.084  -8.298  -1.539  1.00 17.25 ? 85  VAL A N   1 
ATOM   685  C  CA  . VAL A 1 86  ? -4.065  -8.347  -2.578  1.00 16.69 ? 85  VAL A CA  1 
ATOM   686  C  C   . VAL A 1 86  ? -3.120  -9.500  -2.209  1.00 16.95 ? 85  VAL A C   1 
ATOM   687  O  O   . VAL A 1 86  ? -2.570  -9.542  -1.108  1.00 16.84 ? 85  VAL A O   1 
ATOM   688  C  CB  . VAL A 1 86  ? -3.280  -7.008  -2.677  1.00 14.53 ? 85  VAL A CB  1 
ATOM   689  C  CG1 . VAL A 1 86  ? -2.137  -7.119  -3.695  1.00 9.19  ? 85  VAL A CG1 1 
ATOM   690  C  CG2 . VAL A 1 86  ? -4.231  -5.885  -3.071  1.00 12.45 ? 85  VAL A CG2 1 
ATOM   691  N  N   . LYS A 1 87  ? -2.969  -10.445 -3.129  1.00 16.12 ? 86  LYS A N   1 
ATOM   692  C  CA  . LYS A 1 87  ? -2.124  -11.615 -2.924  1.00 17.95 ? 86  LYS A CA  1 
ATOM   693  C  C   . LYS A 1 87  ? -0.638  -11.387 -3.222  1.00 18.30 ? 86  LYS A C   1 
ATOM   694  O  O   . LYS A 1 87  ? 0.225   -12.031 -2.623  1.00 19.04 ? 86  LYS A O   1 
ATOM   695  C  CB  . LYS A 1 87  ? -2.656  -12.781 -3.753  1.00 17.91 ? 86  LYS A CB  1 
ATOM   696  C  CG  . LYS A 1 87  ? -4.022  -13.265 -3.317  1.00 20.11 ? 86  LYS A CG  1 
ATOM   697  C  CD  . LYS A 1 87  ? -4.688  -14.041 -4.425  1.00 23.75 ? 86  LYS A CD  1 
ATOM   698  C  CE  . LYS A 1 87  ? -3.858  -15.237 -4.845  1.00 26.73 ? 86  LYS A CE  1 
ATOM   699  N  NZ  . LYS A 1 87  ? -4.426  -15.897 -6.059  1.00 30.26 ? 86  LYS A NZ  1 
ATOM   700  N  N   . SER A 1 88  ? -0.340  -10.514 -4.178  1.00 18.23 ? 87  SER A N   1 
ATOM   701  C  CA  . SER A 1 88  ? 1.042   -10.200 -4.522  1.00 16.60 ? 87  SER A CA  1 
ATOM   702  C  C   . SER A 1 88  ? 1.058   -8.820  -5.166  1.00 16.15 ? 87  SER A C   1 
ATOM   703  O  O   . SER A 1 88  ? 0.045   -8.372  -5.733  1.00 15.39 ? 87  SER A O   1 
ATOM   704  C  CB  . SER A 1 88  ? 1.653   -11.257 -5.453  1.00 13.26 ? 87  SER A CB  1 
ATOM   705  O  OG  . SER A 1 88  ? 1.138   -11.158 -6.764  1.00 16.05 ? 87  SER A OG  1 
ATOM   706  N  N   . TYR A 1 89  ? 2.193   -8.135  -5.067  1.00 14.36 ? 88  TYR A N   1 
ATOM   707  C  CA  . TYR A 1 89  ? 2.304   -6.788  -5.608  1.00 16.61 ? 88  TYR A CA  1 
ATOM   708  C  C   . TYR A 1 89  ? 3.753   -6.377  -5.817  1.00 16.49 ? 88  TYR A C   1 
ATOM   709  O  O   . TYR A 1 89  ? 4.671   -7.030  -5.306  1.00 16.51 ? 88  TYR A O   1 
ATOM   710  C  CB  . TYR A 1 89  ? 1.647   -5.800  -4.630  1.00 15.43 ? 88  TYR A CB  1 
ATOM   711  C  CG  . TYR A 1 89  ? 2.187   -5.876  -3.207  1.00 15.93 ? 88  TYR A CG  1 
ATOM   712  C  CD1 . TYR A 1 89  ? 3.319   -5.154  -2.827  1.00 15.98 ? 88  TYR A CD1 1 
ATOM   713  C  CD2 . TYR A 1 89  ? 1.566   -6.670  -2.242  1.00 13.96 ? 88  TYR A CD2 1 
ATOM   714  C  CE1 . TYR A 1 89  ? 3.823   -5.217  -1.519  1.00 17.29 ? 88  TYR A CE1 1 
ATOM   715  C  CE2 . TYR A 1 89  ? 2.064   -6.743  -0.927  1.00 15.92 ? 88  TYR A CE2 1 
ATOM   716  C  CZ  . TYR A 1 89  ? 3.189   -6.011  -0.576  1.00 17.21 ? 88  TYR A CZ  1 
ATOM   717  O  OH  . TYR A 1 89  ? 3.680   -6.057  0.710   1.00 14.54 ? 88  TYR A OH  1 
ATOM   718  N  N   . THR A 1 90  ? 3.955   -5.328  -6.611  1.00 15.98 ? 89  THR A N   1 
ATOM   719  C  CA  . THR A 1 90  ? 5.294   -4.783  -6.814  1.00 14.50 ? 89  THR A CA  1 
ATOM   720  C  C   . THR A 1 90  ? 5.297   -3.421  -6.128  1.00 14.22 ? 89  THR A C   1 
ATOM   721  O  O   . THR A 1 90  ? 4.241   -2.924  -5.720  1.00 13.79 ? 89  THR A O   1 
ATOM   722  C  CB  . THR A 1 90  ? 5.693   -4.669  -8.306  1.00 11.54 ? 89  THR A CB  1 
ATOM   723  O  OG1 . THR A 1 90  ? 4.729   -3.889  -9.024  1.00 12.71 ? 89  THR A OG1 1 
ATOM   724  C  CG2 . THR A 1 90  ? 5.792   -6.064  -8.936  1.00 8.40  ? 89  THR A CG2 1 
ATOM   725  N  N   . ILE A 1 91  ? 6.475   -2.836  -5.959  1.00 15.17 ? 90  ILE A N   1 
ATOM   726  C  CA  . ILE A 1 91  ? 6.600   -1.538  -5.309  1.00 14.56 ? 90  ILE A CA  1 
ATOM   727  C  C   . ILE A 1 91  ? 7.360   -0.588  -6.226  1.00 15.93 ? 90  ILE A C   1 
ATOM   728  O  O   . ILE A 1 91  ? 8.375   -0.964  -6.817  1.00 17.77 ? 90  ILE A O   1 
ATOM   729  C  CB  . ILE A 1 91  ? 7.382   -1.660  -3.966  1.00 13.76 ? 90  ILE A CB  1 
ATOM   730  C  CG1 . ILE A 1 91  ? 6.584   -2.474  -2.937  1.00 11.13 ? 90  ILE A CG1 1 
ATOM   731  C  CG2 . ILE A 1 91  ? 7.753   -0.281  -3.437  1.00 13.57 ? 90  ILE A CG2 1 
ATOM   732  C  CD1 . ILE A 1 91  ? 5.335   -1.786  -2.390  1.00 10.18 ? 90  ILE A CD1 1 
ATOM   733  N  N   . HIS A 1 92  ? 6.833   0.618   -6.394  1.00 16.34 ? 91  HIS A N   1 
ATOM   734  C  CA  . HIS A 1 92  ? 7.473   1.645   -7.215  1.00 15.64 ? 91  HIS A CA  1 
ATOM   735  C  C   . HIS A 1 92  ? 7.758   2.811   -6.282  1.00 16.50 ? 91  HIS A C   1 
ATOM   736  O  O   . HIS A 1 92  ? 7.039   3.007   -5.301  1.00 16.08 ? 91  HIS A O   1 
ATOM   737  C  CB  . HIS A 1 92  ? 6.538   2.130   -8.332  1.00 16.66 ? 91  HIS A CB  1 
ATOM   738  C  CG  . HIS A 1 92  ? 6.269   1.116   -9.403  1.00 16.19 ? 91  HIS A CG  1 
ATOM   739  N  ND1 . HIS A 1 92  ? 5.539   1.406   -10.533 1.00 13.99 ? 91  HIS A ND1 1 
ATOM   740  C  CD2 . HIS A 1 92  ? 6.638   -0.183  -9.517  1.00 14.06 ? 91  HIS A CD2 1 
ATOM   741  C  CE1 . HIS A 1 92  ? 5.467   0.334   -11.299 1.00 14.68 ? 91  HIS A CE1 1 
ATOM   742  N  NE2 . HIS A 1 92  ? 6.128   -0.644  -10.704 1.00 16.99 ? 91  HIS A NE2 1 
ATOM   743  N  N   . TYR A 1 93  ? 8.803   3.577   -6.568  1.00 17.24 ? 92  TYR A N   1 
ATOM   744  C  CA  . TYR A 1 93  ? 9.133   4.722   -5.724  1.00 18.75 ? 92  TYR A CA  1 
ATOM   745  C  C   . TYR A 1 93  ? 9.644   5.887   -6.557  1.00 18.62 ? 92  TYR A C   1 
ATOM   746  O  O   . TYR A 1 93  ? 9.967   5.719   -7.733  1.00 18.40 ? 92  TYR A O   1 
ATOM   747  C  CB  . TYR A 1 93  ? 10.126  4.336   -4.607  1.00 17.97 ? 92  TYR A CB  1 
ATOM   748  C  CG  . TYR A 1 93  ? 11.400  3.677   -5.081  1.00 19.68 ? 92  TYR A CG  1 
ATOM   749  C  CD1 . TYR A 1 93  ? 11.439  2.311   -5.351  1.00 18.15 ? 92  TYR A CD1 1 
ATOM   750  C  CD2 . TYR A 1 93  ? 12.569  4.418   -5.258  1.00 20.47 ? 92  TYR A CD2 1 
ATOM   751  C  CE1 . TYR A 1 93  ? 12.611  1.692   -5.785  1.00 21.61 ? 92  TYR A CE1 1 
ATOM   752  C  CE2 . TYR A 1 93  ? 13.748  3.813   -5.691  1.00 19.83 ? 92  TYR A CE2 1 
ATOM   753  C  CZ  . TYR A 1 93  ? 13.765  2.448   -5.953  1.00 22.18 ? 92  TYR A CZ  1 
ATOM   754  O  OH  . TYR A 1 93  ? 14.938  1.830   -6.365  1.00 24.23 ? 92  TYR A OH  1 
ATOM   755  N  N   . SER A 1 94  ? 9.650   7.072   -5.956  1.00 21.36 ? 93  SER A N   1 
ATOM   756  C  CA  . SER A 1 94  ? 10.087  8.289   -6.627  1.00 22.49 ? 93  SER A CA  1 
ATOM   757  C  C   . SER A 1 94  ? 10.433  9.385   -5.618  1.00 24.78 ? 93  SER A C   1 
ATOM   758  O  O   . SER A 1 94  ? 9.845   9.458   -4.531  1.00 23.55 ? 93  SER A O   1 
ATOM   759  C  CB  . SER A 1 94  ? 8.970   8.795   -7.546  1.00 24.36 ? 93  SER A CB  1 
ATOM   760  O  OG  . SER A 1 94  ? 9.341   9.993   -8.216  1.00 30.14 ? 93  SER A OG  1 
ATOM   761  N  N   . GLU A 1 95  ? 11.377  10.242  -5.988  1.00 27.41 ? 94  GLU A N   1 
ATOM   762  C  CA  . GLU A 1 95  ? 11.791  11.351  -5.136  1.00 29.50 ? 94  GLU A CA  1 
ATOM   763  C  C   . GLU A 1 95  ? 10.923  12.593  -5.342  1.00 30.06 ? 94  GLU A C   1 
ATOM   764  O  O   . GLU A 1 95  ? 10.754  13.393  -4.419  1.00 29.24 ? 94  GLU A O   1 
ATOM   765  C  CB  . GLU A 1 95  ? 13.247  11.729  -5.412  1.00 31.82 ? 94  GLU A CB  1 
ATOM   766  C  CG  . GLU A 1 95  ? 14.276  10.729  -4.921  1.00 36.16 ? 94  GLU A CG  1 
ATOM   767  C  CD  . GLU A 1 95  ? 15.696  11.279  -4.965  1.00 39.23 ? 94  GLU A CD  1 
ATOM   768  O  OE1 . GLU A 1 95  ? 15.904  12.387  -5.515  1.00 40.62 ? 94  GLU A OE1 1 
ATOM   769  O  OE2 . GLU A 1 95  ? 16.607  10.600  -4.442  1.00 39.92 ? 94  GLU A OE2 1 
ATOM   770  N  N   . GLN A 1 96  ? 10.364  12.740  -6.543  1.00 31.53 ? 95  GLN A N   1 
ATOM   771  C  CA  . GLN A 1 96  ? 9.554   13.908  -6.885  1.00 33.75 ? 95  GLN A CA  1 
ATOM   772  C  C   . GLN A 1 96  ? 8.093   13.585  -7.144  1.00 34.25 ? 95  GLN A C   1 
ATOM   773  O  O   . GLN A 1 96  ? 7.246   14.478  -7.115  1.00 33.99 ? 95  GLN A O   1 
ATOM   774  C  CB  . GLN A 1 96  ? 10.121  14.587  -8.137  1.00 39.12 ? 95  GLN A CB  1 
ATOM   775  C  CG  . GLN A 1 96  ? 11.605  14.934  -8.068  1.00 45.85 ? 95  GLN A CG  1 
ATOM   776  C  CD  . GLN A 1 96  ? 11.881  16.223  -7.315  1.00 50.26 ? 95  GLN A CD  1 
ATOM   777  O  OE1 . GLN A 1 96  ? 12.208  17.243  -7.917  1.00 50.62 ? 95  GLN A OE1 1 
ATOM   778  N  NE2 . GLN A 1 96  ? 11.775  16.177  -5.991  1.00 52.87 ? 95  GLN A NE2 1 
ATOM   779  N  N   . GLY A 1 97  ? 7.798   12.326  -7.444  1.00 34.88 ? 96  GLY A N   1 
ATOM   780  C  CA  . GLY A 1 97  ? 6.423   11.948  -7.717  1.00 37.68 ? 96  GLY A CA  1 
ATOM   781  C  C   . GLY A 1 97  ? 6.200   11.833  -9.210  1.00 40.06 ? 96  GLY A C   1 
ATOM   782  O  O   . GLY A 1 97  ? 5.114   11.476  -9.668  1.00 40.71 ? 96  GLY A O   1 
ATOM   783  N  N   . VAL A 1 98  ? 7.225   12.199  -9.971  1.00 42.24 ? 97  VAL A N   1 
ATOM   784  C  CA  . VAL A 1 98  ? 7.203   12.116  -11.425 1.00 43.96 ? 97  VAL A CA  1 
ATOM   785  C  C   . VAL A 1 98  ? 8.357   11.171  -11.691 1.00 42.48 ? 97  VAL A C   1 
ATOM   786  O  O   . VAL A 1 98  ? 9.414   11.298  -11.065 1.00 44.54 ? 97  VAL A O   1 
ATOM   787  C  CB  . VAL A 1 98  ? 7.479   13.483  -12.093 1.00 46.77 ? 97  VAL A CB  1 
ATOM   788  C  CG1 . VAL A 1 98  ? 7.493   13.337  -13.617 1.00 47.97 ? 97  VAL A CG1 1 
ATOM   789  C  CG2 . VAL A 1 98  ? 6.421   14.502  -11.666 1.00 48.06 ? 97  VAL A CG2 1 
ATOM   790  N  N   . GLU A 1 99  ? 8.154   10.243  -12.618 1.00 40.12 ? 98  GLU A N   1 
ATOM   791  C  CA  . GLU A 1 99  ? 9.143   9.215   -12.946 1.00 38.57 ? 98  GLU A CA  1 
ATOM   792  C  C   . GLU A 1 99  ? 9.216   8.245   -11.778 1.00 33.93 ? 98  GLU A C   1 
ATOM   793  O  O   . GLU A 1 99  ? 9.614   8.604   -10.671 1.00 31.10 ? 98  GLU A O   1 
ATOM   794  C  CB  . GLU A 1 99  ? 10.525  9.798   -13.273 1.00 41.49 ? 98  GLU A CB  1 
ATOM   795  C  CG  . GLU A 1 99  ? 10.734  10.098  -14.762 1.00 47.67 ? 98  GLU A CG  1 
ATOM   796  C  CD  . GLU A 1 99  ? 10.493  8.880   -15.657 1.00 49.89 ? 98  GLU A CD  1 
ATOM   797  O  OE1 . GLU A 1 99  ? 11.435  8.083   -15.870 1.00 51.11 ? 98  GLU A OE1 1 
ATOM   798  O  OE2 . GLU A 1 99  ? 9.356   8.721   -16.153 1.00 52.06 ? 98  GLU A OE2 1 
ATOM   799  N  N   . TRP A 1 100 ? 8.747   7.032   -12.027 1.00 31.10 ? 99  TRP A N   1 
ATOM   800  C  CA  . TRP A 1 100 ? 8.718   5.996   -11.014 1.00 28.14 ? 99  TRP A CA  1 
ATOM   801  C  C   . TRP A 1 100 ? 9.699   4.889   -11.319 1.00 28.03 ? 99  TRP A C   1 
ATOM   802  O  O   . TRP A 1 100 ? 9.859   4.486   -12.467 1.00 29.94 ? 99  TRP A O   1 
ATOM   803  C  CB  . TRP A 1 100 ? 7.304   5.437   -10.896 1.00 26.34 ? 99  TRP A CB  1 
ATOM   804  C  CG  . TRP A 1 100 ? 6.342   6.480   -10.465 1.00 22.78 ? 99  TRP A CG  1 
ATOM   805  C  CD1 . TRP A 1 100 ? 5.694   7.375   -11.262 1.00 23.87 ? 99  TRP A CD1 1 
ATOM   806  C  CD2 . TRP A 1 100 ? 5.977   6.800   -9.119  1.00 22.93 ? 99  TRP A CD2 1 
ATOM   807  N  NE1 . TRP A 1 100 ? 4.954   8.243   -10.495 1.00 24.59 ? 99  TRP A NE1 1 
ATOM   808  C  CE2 . TRP A 1 100 ? 5.112   7.912   -9.175  1.00 23.24 ? 99  TRP A CE2 1 
ATOM   809  C  CE3 . TRP A 1 100 ? 6.306   6.256   -7.871  1.00 21.41 ? 99  TRP A CE3 1 
ATOM   810  C  CZ2 . TRP A 1 100 ? 4.570   8.495   -8.027  1.00 22.04 ? 99  TRP A CZ2 1 
ATOM   811  C  CZ3 . TRP A 1 100 ? 5.765   6.837   -6.729  1.00 20.20 ? 99  TRP A CZ3 1 
ATOM   812  C  CH2 . TRP A 1 100 ? 4.907   7.944   -6.818  1.00 20.20 ? 99  TRP A CH2 1 
ATOM   813  N  N   . LYS A 1 101 ? 10.386  4.434   -10.284 1.00 25.28 ? 100 LYS A N   1 
ATOM   814  C  CA  . LYS A 1 101 ? 11.357  3.367   -10.424 1.00 25.53 ? 100 LYS A CA  1 
ATOM   815  C  C   . LYS A 1 101 ? 10.814  2.147   -9.681  1.00 24.47 ? 100 LYS A C   1 
ATOM   816  O  O   . LYS A 1 101 ? 10.240  2.283   -8.596  1.00 26.85 ? 100 LYS A O   1 
ATOM   817  C  CB  . LYS A 1 101 ? 12.693  3.813   -9.816  1.00 27.07 ? 100 LYS A CB  1 
ATOM   818  C  CG  . LYS A 1 101 ? 13.835  2.844   -10.042 1.00 30.17 ? 100 LYS A CG  1 
ATOM   819  C  CD  . LYS A 1 101 ? 15.146  3.405   -9.531  1.00 33.45 ? 100 LYS A CD  1 
ATOM   820  C  CE  . LYS A 1 101 ? 16.265  2.385   -9.674  1.00 36.74 ? 100 LYS A CE  1 
ATOM   821  N  NZ  . LYS A 1 101 ? 15.937  1.078   -9.016  1.00 41.13 ? 100 LYS A NZ  1 
ATOM   822  N  N   . PRO A 1 102 ? 10.872  0.961   -10.304 1.00 22.79 ? 101 PRO A N   1 
ATOM   823  C  CA  . PRO A 1 102 ? 10.372  -0.240  -9.628  1.00 21.92 ? 101 PRO A CA  1 
ATOM   824  C  C   . PRO A 1 102 ? 11.422  -0.813  -8.671  1.00 21.85 ? 101 PRO A C   1 
ATOM   825  O  O   . PRO A 1 102 ? 12.630  -0.676  -8.900  1.00 21.31 ? 101 PRO A O   1 
ATOM   826  C  CB  . PRO A 1 102 ? 10.095  -1.187  -10.791 1.00 19.45 ? 101 PRO A CB  1 
ATOM   827  C  CG  . PRO A 1 102 ? 11.169  -0.841  -11.756 1.00 21.94 ? 101 PRO A CG  1 
ATOM   828  C  CD  . PRO A 1 102 ? 11.206  0.674   -11.708 1.00 21.18 ? 101 PRO A CD  1 
ATOM   829  N  N   . TYR A 1 103 ? 10.962  -1.390  -7.566  1.00 20.76 ? 102 TYR A N   1 
ATOM   830  C  CA  . TYR A 1 103 ? 11.875  -1.987  -6.606  1.00 19.53 ? 102 TYR A CA  1 
ATOM   831  C  C   . TYR A 1 103 ? 12.374  -3.274  -7.247  1.00 20.01 ? 102 TYR A C   1 
ATOM   832  O  O   . TYR A 1 103 ? 11.593  -4.166  -7.614  1.00 17.35 ? 102 TYR A O   1 
ATOM   833  C  CB  . TYR A 1 103 ? 11.190  -2.273  -5.267  1.00 18.88 ? 102 TYR A CB  1 
ATOM   834  C  CG  . TYR A 1 103 ? 12.154  -2.798  -4.235  1.00 18.34 ? 102 TYR A CG  1 
ATOM   835  C  CD1 . TYR A 1 103 ? 12.930  -1.923  -3.473  1.00 18.40 ? 102 TYR A CD1 1 
ATOM   836  C  CD2 . TYR A 1 103 ? 12.332  -4.168  -4.055  1.00 18.77 ? 102 TYR A CD2 1 
ATOM   837  C  CE1 . TYR A 1 103 ? 13.862  -2.400  -2.555  1.00 18.00 ? 102 TYR A CE1 1 
ATOM   838  C  CE2 . TYR A 1 103 ? 13.263  -4.660  -3.139  1.00 20.34 ? 102 TYR A CE2 1 
ATOM   839  C  CZ  . TYR A 1 103 ? 14.024  -3.770  -2.395  1.00 20.96 ? 102 TYR A CZ  1 
ATOM   840  O  OH  . TYR A 1 103 ? 14.947  -4.249  -1.495  1.00 24.89 ? 102 TYR A OH  1 
ATOM   841  N  N   . ARG A 1 104 ? 13.686  -3.370  -7.378  1.00 22.47 ? 103 ARG A N   1 
ATOM   842  C  CA  . ARG A 1 104 ? 14.284  -4.523  -8.013  1.00 24.69 ? 103 ARG A CA  1 
ATOM   843  C  C   . ARG A 1 104 ? 15.473  -4.992  -7.182  1.00 29.08 ? 103 ARG A C   1 
ATOM   844  O  O   . ARG A 1 104 ? 16.246  -4.173  -6.669  1.00 28.35 ? 103 ARG A O   1 
ATOM   845  C  CB  . ARG A 1 104 ? 14.722  -4.111  -9.420  1.00 22.68 ? 103 ARG A CB  1 
ATOM   846  C  CG  . ARG A 1 104 ? 14.743  -5.227  -10.414 1.00 28.68 ? 103 ARG A CG  1 
ATOM   847  C  CD  . ARG A 1 104 ? 14.876  -4.692  -11.825 1.00 27.20 ? 103 ARG A CD  1 
ATOM   848  N  NE  . ARG A 1 104 ? 13.646  -4.081  -12.325 1.00 26.00 ? 103 ARG A NE  1 
ATOM   849  C  CZ  . ARG A 1 104 ? 13.520  -3.568  -13.549 1.00 29.29 ? 103 ARG A CZ  1 
ATOM   850  N  NH1 . ARG A 1 104 ? 14.547  -3.583  -14.390 1.00 28.97 ? 103 ARG A NH1 1 
ATOM   851  N  NH2 . ARG A 1 104 ? 12.359  -3.084  -13.959 1.00 30.51 ? 103 ARG A NH2 1 
ATOM   852  N  N   . LEU A 1 105 ? 15.579  -6.303  -6.989  1.00 30.07 ? 104 LEU A N   1 
ATOM   853  C  CA  . LEU A 1 105 ? 16.690  -6.847  -6.228  1.00 33.54 ? 104 LEU A CA  1 
ATOM   854  C  C   . LEU A 1 105 ? 17.976  -6.670  -7.032  1.00 34.84 ? 104 LEU A C   1 
ATOM   855  O  O   . LEU A 1 105 ? 17.949  -6.603  -8.267  1.00 32.71 ? 104 LEU A O   1 
ATOM   856  C  CB  . LEU A 1 105 ? 16.466  -8.329  -5.908  1.00 32.74 ? 104 LEU A CB  1 
ATOM   857  C  CG  . LEU A 1 105 ? 15.372  -8.637  -4.884  1.00 35.09 ? 104 LEU A CG  1 
ATOM   858  C  CD1 . LEU A 1 105 ? 15.303  -10.134 -4.657  1.00 34.92 ? 104 LEU A CD1 1 
ATOM   859  C  CD2 . LEU A 1 105 ? 15.644  -7.906  -3.569  1.00 33.18 ? 104 LEU A CD2 1 
ATOM   860  N  N   . LYS A 1 106 ? 19.095  -6.586  -6.323  1.00 36.83 ? 105 LYS A N   1 
ATOM   861  C  CA  . LYS A 1 106 ? 20.400  -6.428  -6.953  1.00 38.93 ? 105 LYS A CA  1 
ATOM   862  C  C   . LYS A 1 106 ? 20.618  -7.595  -7.910  1.00 38.62 ? 105 LYS A C   1 
ATOM   863  O  O   . LYS A 1 106 ? 21.132  -7.430  -9.015  1.00 36.84 ? 105 LYS A O   1 
ATOM   864  C  CB  . LYS A 1 106 ? 21.496  -6.436  -5.880  1.00 42.28 ? 105 LYS A CB  1 
ATOM   865  C  CG  . LYS A 1 106 ? 21.256  -5.455  -4.731  1.00 45.64 ? 105 LYS A CG  1 
ATOM   866  C  CD  . LYS A 1 106 ? 22.260  -5.663  -3.602  1.00 47.59 ? 105 LYS A CD  1 
ATOM   867  C  CE  . LYS A 1 106 ? 22.011  -4.706  -2.444  1.00 46.61 ? 105 LYS A CE  1 
ATOM   868  N  NZ  . LYS A 1 106 ? 22.992  -4.904  -1.337  1.00 46.26 ? 105 LYS A NZ  1 
ATOM   869  N  N   . SER A 1 107 ? 20.155  -8.766  -7.490  1.00 38.37 ? 106 SER A N   1 
ATOM   870  C  CA  . SER A 1 107 ? 20.304  -9.981  -8.268  1.00 40.32 ? 106 SER A CA  1 
ATOM   871  C  C   . SER A 1 107 ? 19.259  -10.224 -9.354  1.00 40.87 ? 106 SER A C   1 
ATOM   872  O  O   . SER A 1 107 ? 19.296  -11.276 -10.001 1.00 42.94 ? 106 SER A O   1 
ATOM   873  C  CB  . SER A 1 107 ? 20.335  -11.184 -7.319  1.00 41.86 ? 106 SER A CB  1 
ATOM   874  O  OG  . SER A 1 107 ? 19.233  -11.161 -6.421  1.00 42.23 ? 106 SER A OG  1 
ATOM   875  N  N   . SER A 1 108 ? 18.356  -9.274  -9.592  1.00 38.54 ? 107 SER A N   1 
ATOM   876  C  CA  . SER A 1 108 ? 17.313  -9.496  -10.590 1.00 36.68 ? 107 SER A CA  1 
ATOM   877  C  C   . SER A 1 108 ? 17.087  -8.404  -11.624 1.00 37.21 ? 107 SER A C   1 
ATOM   878  O  O   . SER A 1 108 ? 17.203  -7.212  -11.343 1.00 38.20 ? 107 SER A O   1 
ATOM   879  C  CB  . SER A 1 108 ? 15.986  -9.814  -9.900  1.00 36.59 ? 107 SER A CB  1 
ATOM   880  O  OG  . SER A 1 108 ? 14.990  -10.174 -10.844 1.00 36.39 ? 107 SER A OG  1 
ATOM   881  N  N   . MET A 1 109 ? 16.694  -8.836  -12.816 1.00 36.09 ? 108 MET A N   1 
ATOM   882  C  CA  . MET A 1 109 ? 16.429  -7.924  -13.914 1.00 36.02 ? 108 MET A CA  1 
ATOM   883  C  C   . MET A 1 109 ? 14.927  -7.638  -14.067 1.00 33.50 ? 108 MET A C   1 
ATOM   884  O  O   . MET A 1 109 ? 14.503  -6.957  -15.008 1.00 31.61 ? 108 MET A O   1 
ATOM   885  C  CB  . MET A 1 109 ? 17.032  -8.481  -15.206 1.00 39.85 ? 108 MET A CB  1 
ATOM   886  C  CG  . MET A 1 109 ? 18.544  -8.679  -15.124 1.00 45.27 ? 108 MET A CG  1 
ATOM   887  S  SD  . MET A 1 109 ? 19.352  -9.216  -16.654 1.00 53.26 ? 108 MET A SD  1 
ATOM   888  C  CE  . MET A 1 109 ? 19.563  -7.635  -17.509 1.00 52.46 ? 108 MET A CE  1 
ATOM   889  N  N   . VAL A 1 110 ? 14.127  -8.160  -13.138 1.00 30.51 ? 109 VAL A N   1 
ATOM   890  C  CA  . VAL A 1 110 ? 12.685  -7.941  -13.155 1.00 26.79 ? 109 VAL A CA  1 
ATOM   891  C  C   . VAL A 1 110 ? 12.234  -7.374  -11.816 1.00 24.98 ? 109 VAL A C   1 
ATOM   892  O  O   . VAL A 1 110 ? 12.913  -7.532  -10.797 1.00 22.67 ? 109 VAL A O   1 
ATOM   893  C  CB  . VAL A 1 110 ? 11.879  -9.244  -13.429 1.00 26.35 ? 109 VAL A CB  1 
ATOM   894  C  CG1 . VAL A 1 110 ? 12.259  -9.835  -14.779 1.00 25.37 ? 109 VAL A CG1 1 
ATOM   895  C  CG2 . VAL A 1 110 ? 12.081  -10.252 -12.305 1.00 25.23 ? 109 VAL A CG2 1 
ATOM   896  N  N   . ASP A 1 111 ? 11.082  -6.712  -11.834 1.00 25.38 ? 110 ASP A N   1 
ATOM   897  C  CA  . ASP A 1 111 ? 10.491  -6.117  -10.639 1.00 22.96 ? 110 ASP A CA  1 
ATOM   898  C  C   . ASP A 1 111 ? 10.300  -7.178  -9.562  1.00 21.97 ? 110 ASP A C   1 
ATOM   899  O  O   . ASP A 1 111 ? 9.848   -8.296  -9.846  1.00 18.44 ? 110 ASP A O   1 
ATOM   900  C  CB  . ASP A 1 111 ? 9.130   -5.502  -10.983 1.00 23.13 ? 110 ASP A CB  1 
ATOM   901  C  CG  . ASP A 1 111 ? 9.231   -4.368  -11.993 1.00 28.13 ? 110 ASP A CG  1 
ATOM   902  O  OD1 . ASP A 1 111 ? 10.359  -3.944  -12.318 1.00 27.31 ? 110 ASP A OD1 1 
ATOM   903  O  OD2 . ASP A 1 111 ? 8.174   -3.885  -12.450 1.00 28.49 ? 110 ASP A OD2 1 
ATOM   904  N  N   . LYS A 1 112 ? 10.641  -6.821  -8.329  1.00 20.74 ? 111 LYS A N   1 
ATOM   905  C  CA  . LYS A 1 112 ? 10.494  -7.734  -7.203  1.00 20.35 ? 111 LYS A CA  1 
ATOM   906  C  C   . LYS A 1 112 ? 9.018   -7.915  -6.884  1.00 19.68 ? 111 LYS A C   1 
ATOM   907  O  O   . LYS A 1 112 ? 8.317   -6.942  -6.602  1.00 18.47 ? 111 LYS A O   1 
ATOM   908  C  CB  . LYS A 1 112 ? 11.228  -7.176  -5.974  1.00 21.68 ? 111 LYS A CB  1 
ATOM   909  C  CG  . LYS A 1 112 ? 10.891  -7.848  -4.649  1.00 25.56 ? 111 LYS A CG  1 
ATOM   910  C  CD  . LYS A 1 112 ? 11.333  -9.293  -4.589  1.00 29.50 ? 111 LYS A CD  1 
ATOM   911  C  CE  . LYS A 1 112 ? 11.070  -9.884  -3.210  1.00 32.03 ? 111 LYS A CE  1 
ATOM   912  N  NZ  . LYS A 1 112 ? 11.791  -9.128  -2.147  1.00 35.16 ? 111 LYS A NZ  1 
ATOM   913  N  N   . ILE A 1 113 ? 8.545   -9.151  -6.993  1.00 19.22 ? 112 ILE A N   1 
ATOM   914  C  CA  . ILE A 1 113 ? 7.157   -9.473  -6.681  1.00 23.29 ? 112 ILE A CA  1 
ATOM   915  C  C   . ILE A 1 113 ? 7.099   -9.806  -5.193  1.00 23.23 ? 112 ILE A C   1 
ATOM   916  O  O   . ILE A 1 113 ? 7.755   -10.742 -4.743  1.00 26.25 ? 112 ILE A O   1 
ATOM   917  C  CB  . ILE A 1 113 ? 6.654   -10.705 -7.479  1.00 23.86 ? 112 ILE A CB  1 
ATOM   918  C  CG1 . ILE A 1 113 ? 6.760   -10.455 -8.989  1.00 23.52 ? 112 ILE A CG1 1 
ATOM   919  C  CG2 . ILE A 1 113 ? 5.221   -11.039 -7.086  1.00 24.12 ? 112 ILE A CG2 1 
ATOM   920  C  CD1 . ILE A 1 113 ? 5.829   -9.387  -9.525  1.00 22.23 ? 112 ILE A CD1 1 
ATOM   921  N  N   . PHE A 1 114 ? 6.343   -9.023  -4.433  1.00 20.67 ? 113 PHE A N   1 
ATOM   922  C  CA  . PHE A 1 114 ? 6.197   -9.244  -3.003  1.00 18.67 ? 113 PHE A CA  1 
ATOM   923  C  C   . PHE A 1 114 ? 4.988   -10.111 -2.692  1.00 20.06 ? 113 PHE A C   1 
ATOM   924  O  O   . PHE A 1 114 ? 3.909   -9.916  -3.266  1.00 17.59 ? 113 PHE A O   1 
ATOM   925  C  CB  . PHE A 1 114 ? 6.058   -7.909  -2.283  1.00 14.61 ? 113 PHE A CB  1 
ATOM   926  C  CG  . PHE A 1 114 ? 7.291   -7.074  -2.329  1.00 14.25 ? 113 PHE A CG  1 
ATOM   927  C  CD1 . PHE A 1 114 ? 7.512   -6.198  -3.382  1.00 16.59 ? 113 PHE A CD1 1 
ATOM   928  C  CD2 . PHE A 1 114 ? 8.243   -7.163  -1.316  1.00 14.48 ? 113 PHE A CD2 1 
ATOM   929  C  CE1 . PHE A 1 114 ? 8.668   -5.413  -3.427  1.00 15.01 ? 113 PHE A CE1 1 
ATOM   930  C  CE2 . PHE A 1 114 ? 9.392   -6.390  -1.351  1.00 14.77 ? 113 PHE A CE2 1 
ATOM   931  C  CZ  . PHE A 1 114 ? 9.605   -5.510  -2.410  1.00 14.65 ? 113 PHE A CZ  1 
ATOM   932  N  N   . GLU A 1 115 ? 5.167   -11.061 -1.778  1.00 20.22 ? 114 GLU A N   1 
ATOM   933  C  CA  . GLU A 1 115 ? 4.077   -11.937 -1.379  1.00 23.28 ? 114 GLU A CA  1 
ATOM   934  C  C   . GLU A 1 115 ? 3.175   -11.189 -0.406  1.00 21.46 ? 114 GLU A C   1 
ATOM   935  O  O   . GLU A 1 115 ? 3.629   -10.711 0.629   1.00 19.79 ? 114 GLU A O   1 
ATOM   936  C  CB  . GLU A 1 115 ? 4.604   -13.239 -0.765  1.00 29.07 ? 114 GLU A CB  1 
ATOM   937  C  CG  . GLU A 1 115 ? 5.236   -14.194 -1.790  1.00 39.29 ? 114 GLU A CG  1 
ATOM   938  C  CD  . GLU A 1 115 ? 4.300   -14.547 -2.961  1.00 44.53 ? 114 GLU A CD  1 
ATOM   939  O  OE1 . GLU A 1 115 ? 3.094   -14.797 -2.728  1.00 47.81 ? 114 GLU A OE1 1 
ATOM   940  O  OE2 . GLU A 1 115 ? 4.774   -14.578 -4.120  1.00 48.57 ? 114 GLU A OE2 1 
ATOM   941  N  N   . GLY A 1 116 ? 1.909   -11.048 -0.791  1.00 22.28 ? 115 GLY A N   1 
ATOM   942  C  CA  . GLY A 1 116 ? 0.934   -10.329 0.008   1.00 19.73 ? 115 GLY A CA  1 
ATOM   943  C  C   . GLY A 1 116 ? 0.113   -11.176 0.956   1.00 18.64 ? 115 GLY A C   1 
ATOM   944  O  O   . GLY A 1 116 ? 0.580   -12.198 1.461   1.00 18.57 ? 115 GLY A O   1 
ATOM   945  N  N   . ASN A 1 117 ? -1.145  -10.793 1.141   1.00 16.12 ? 116 ASN A N   1 
ATOM   946  C  CA  . ASN A 1 117 ? -2.027  -11.487 2.071   1.00 14.69 ? 116 ASN A CA  1 
ATOM   947  C  C   . ASN A 1 117 ? -2.624  -12.779 1.564   1.00 15.46 ? 116 ASN A C   1 
ATOM   948  O  O   . ASN A 1 117 ? -2.622  -13.042 0.369   1.00 14.59 ? 116 ASN A O   1 
ATOM   949  C  CB  . ASN A 1 117 ? -3.154  -10.561 2.500   1.00 14.68 ? 116 ASN A CB  1 
ATOM   950  C  CG  . ASN A 1 117 ? -2.650  -9.337  3.208   1.00 14.89 ? 116 ASN A CG  1 
ATOM   951  O  OD1 . ASN A 1 117 ? -2.637  -8.248  2.642   1.00 14.13 ? 116 ASN A OD1 1 
ATOM   952  N  ND2 . ASN A 1 117 ? -2.238  -9.501  4.456   1.00 14.09 ? 116 ASN A ND2 1 
ATOM   953  N  N   . THR A 1 118 ? -3.102  -13.594 2.498   1.00 17.77 ? 117 THR A N   1 
ATOM   954  C  CA  . THR A 1 118 ? -3.749  -14.866 2.188   1.00 19.71 ? 117 THR A CA  1 
ATOM   955  C  C   . THR A 1 118 ? -5.134  -14.878 2.841   1.00 21.78 ? 117 THR A C   1 
ATOM   956  O  O   . THR A 1 118 ? -5.842  -15.879 2.807   1.00 23.97 ? 117 THR A O   1 
ATOM   957  C  CB  . THR A 1 118 ? -2.938  -16.067 2.712   1.00 18.29 ? 117 THR A CB  1 
ATOM   958  O  OG1 . THR A 1 118 ? -2.735  -15.927 4.122   1.00 21.04 ? 117 THR A OG1 1 
ATOM   959  C  CG2 . THR A 1 118 ? -1.583  -16.160 2.008   1.00 17.28 ? 117 THR A CG2 1 
ATOM   960  N  N   . ASN A 1 119 ? -5.491  -13.768 3.474   1.00 22.24 ? 118 ASN A N   1 
ATOM   961  C  CA  . ASN A 1 119 ? -6.781  -13.617 4.133   1.00 21.29 ? 118 ASN A CA  1 
ATOM   962  C  C   . ASN A 1 119 ? -7.071  -12.130 4.261   1.00 20.88 ? 118 ASN A C   1 
ATOM   963  O  O   . ASN A 1 119 ? -6.289  -11.307 3.782   1.00 19.17 ? 118 ASN A O   1 
ATOM   964  C  CB  . ASN A 1 119 ? -6.799  -14.312 5.502   1.00 20.27 ? 118 ASN A CB  1 
ATOM   965  C  CG  . ASN A 1 119 ? -5.626  -13.927 6.381   1.00 19.92 ? 118 ASN A CG  1 
ATOM   966  O  OD1 . ASN A 1 119 ? -5.190  -12.783 6.399   1.00 20.87 ? 118 ASN A OD1 1 
ATOM   967  N  ND2 . ASN A 1 119 ? -5.128  -14.886 7.133   1.00 21.04 ? 118 ASN A ND2 1 
ATOM   968  N  N   . THR A 1 120 ? -8.173  -11.786 4.921   1.00 22.92 ? 119 THR A N   1 
ATOM   969  C  CA  . THR A 1 120 ? -8.596  -10.390 5.069   1.00 22.14 ? 119 THR A CA  1 
ATOM   970  C  C   . THR A 1 120 ? -8.055  -9.519  6.203   1.00 21.60 ? 119 THR A C   1 
ATOM   971  O  O   . THR A 1 120 ? -8.038  -8.290  6.070   1.00 20.18 ? 119 THR A O   1 
ATOM   972  C  CB  . THR A 1 120 ? -10.122 -10.294 5.095   1.00 22.09 ? 119 THR A CB  1 
ATOM   973  O  OG1 . THR A 1 120 ? -10.630 -11.047 6.202   1.00 22.27 ? 119 THR A OG1 1 
ATOM   974  C  CG2 . THR A 1 120 ? -10.698 -10.843 3.795   1.00 18.24 ? 119 THR A CG2 1 
ATOM   975  N  N   . LYS A 1 121 ? -7.677  -10.107 7.334   1.00 20.42 ? 120 LYS A N   1 
ATOM   976  C  CA  . LYS A 1 121 ? -7.159  -9.272  8.405   1.00 21.05 ? 120 LYS A CA  1 
ATOM   977  C  C   . LYS A 1 121 ? -5.751  -9.610  8.868   1.00 21.80 ? 120 LYS A C   1 
ATOM   978  O  O   . LYS A 1 121 ? -5.144  -8.854  9.624   1.00 23.98 ? 120 LYS A O   1 
ATOM   979  C  CB  . LYS A 1 121 ? -8.130  -9.227  9.590   1.00 25.28 ? 120 LYS A CB  1 
ATOM   980  C  CG  . LYS A 1 121 ? -7.871  -10.224 10.706  1.00 25.03 ? 120 LYS A CG  1 
ATOM   981  C  CD  . LYS A 1 121 ? -8.694  -9.851  11.919  1.00 29.08 ? 120 LYS A CD  1 
ATOM   982  C  CE  . LYS A 1 121 ? -8.307  -10.660 13.144  1.00 32.97 ? 120 LYS A CE  1 
ATOM   983  N  NZ  . LYS A 1 121 ? -9.184  -10.322 14.307  1.00 34.79 ? 120 LYS A NZ  1 
ATOM   984  N  N   . GLY A 1 122 ? -5.221  -10.734 8.414   1.00 20.61 ? 121 GLY A N   1 
ATOM   985  C  CA  . GLY A 1 122 ? -3.882  -11.112 8.822   1.00 19.04 ? 121 GLY A CA  1 
ATOM   986  C  C   . GLY A 1 122 ? -2.855  -10.135 8.289   1.00 18.42 ? 121 GLY A C   1 
ATOM   987  O  O   . GLY A 1 122 ? -2.981  -9.648  7.164   1.00 18.19 ? 121 GLY A O   1 
ATOM   988  N  N   . HIS A 1 123 ? -1.858  -9.822  9.111   1.00 17.74 ? 122 HIS A N   1 
ATOM   989  C  CA  . HIS A 1 123 ? -0.789  -8.903  8.734   1.00 18.42 ? 122 HIS A CA  1 
ATOM   990  C  C   . HIS A 1 123 ? 0.320   -9.658  8.024   1.00 19.90 ? 122 HIS A C   1 
ATOM   991  O  O   . HIS A 1 123 ? 0.779   -10.679 8.530   1.00 21.04 ? 122 HIS A O   1 
ATOM   992  C  CB  . HIS A 1 123 ? -0.164  -8.263  9.974   1.00 15.90 ? 122 HIS A CB  1 
ATOM   993  C  CG  . HIS A 1 123 ? -1.031  -7.249  10.645  1.00 15.00 ? 122 HIS A CG  1 
ATOM   994  N  ND1 . HIS A 1 123 ? -0.601  -6.513  11.729  1.00 15.29 ? 122 HIS A ND1 1 
ATOM   995  C  CD2 . HIS A 1 123 ? -2.295  -6.845  10.398  1.00 15.25 ? 122 HIS A CD2 1 
ATOM   996  C  CE1 . HIS A 1 123 ? -1.564  -5.702  12.118  1.00 15.23 ? 122 HIS A CE1 1 
ATOM   997  N  NE2 . HIS A 1 123 ? -2.606  -5.882  11.328  1.00 16.04 ? 122 HIS A NE2 1 
ATOM   998  N  N   . VAL A 1 124 ? 0.707   -9.201  6.835   1.00 18.63 ? 123 VAL A N   1 
ATOM   999  C  CA  . VAL A 1 124 ? 1.820   -9.811  6.107   1.00 16.80 ? 123 VAL A CA  1 
ATOM   1000 C  C   . VAL A 1 124 ? 2.847   -8.693  5.930   1.00 18.10 ? 123 VAL A C   1 
ATOM   1001 O  O   . VAL A 1 124 ? 2.573   -7.676  5.293   1.00 18.08 ? 123 VAL A O   1 
ATOM   1002 C  CB  . VAL A 1 124 ? 1.404   -10.423 4.751   1.00 15.28 ? 123 VAL A CB  1 
ATOM   1003 C  CG1 . VAL A 1 124 ? 2.644   -10.802 3.947   1.00 15.65 ? 123 VAL A CG1 1 
ATOM   1004 C  CG2 . VAL A 1 124 ? 0.563   -11.692 4.987   1.00 12.89 ? 123 VAL A CG2 1 
ATOM   1005 N  N   . LYS A 1 125 ? 3.993   -8.851  6.586   1.00 16.84 ? 124 LYS A N   1 
ATOM   1006 C  CA  . LYS A 1 125 ? 5.066   -7.869  6.551   1.00 17.06 ? 124 LYS A CA  1 
ATOM   1007 C  C   . LYS A 1 125 ? 6.210   -8.292  5.638   1.00 18.40 ? 124 LYS A C   1 
ATOM   1008 O  O   . LYS A 1 125 ? 6.641   -9.444  5.659   1.00 16.94 ? 124 LYS A O   1 
ATOM   1009 C  CB  . LYS A 1 125 ? 5.601   -7.662  7.971   1.00 15.92 ? 124 LYS A CB  1 
ATOM   1010 C  CG  . LYS A 1 125 ? 6.592   -6.532  8.129   1.00 17.08 ? 124 LYS A CG  1 
ATOM   1011 C  CD  . LYS A 1 125 ? 6.935   -6.356  9.598   1.00 20.62 ? 124 LYS A CD  1 
ATOM   1012 C  CE  . LYS A 1 125 ? 7.696   -5.068  9.843   1.00 28.05 ? 124 LYS A CE  1 
ATOM   1013 N  NZ  . LYS A 1 125 ? 8.021   -4.851  11.292  1.00 34.39 ? 124 LYS A NZ  1 
ATOM   1014 N  N   . ASN A 1 126 ? 6.680   -7.362  4.816   1.00 17.93 ? 125 ASN A N   1 
ATOM   1015 C  CA  . ASN A 1 126 ? 7.801   -7.621  3.919   1.00 17.62 ? 125 ASN A CA  1 
ATOM   1016 C  C   . ASN A 1 126 ? 8.847   -6.558  4.209   1.00 17.25 ? 125 ASN A C   1 
ATOM   1017 O  O   . ASN A 1 126 ? 8.510   -5.385  4.391   1.00 16.71 ? 125 ASN A O   1 
ATOM   1018 C  CB  . ASN A 1 126 ? 7.383   -7.550  2.443   1.00 16.50 ? 125 ASN A CB  1 
ATOM   1019 C  CG  . ASN A 1 126 ? 6.575   -8.748  2.002   1.00 15.43 ? 125 ASN A CG  1 
ATOM   1020 O  OD1 . ASN A 1 126 ? 5.448   -8.605  1.534   1.00 20.97 ? 125 ASN A OD1 1 
ATOM   1021 N  ND2 . ASN A 1 126 ? 7.149   -9.930  2.123   1.00 14.36 ? 125 ASN A ND2 1 
ATOM   1022 N  N   . PHE A 1 127 ? 10.101  -6.984  4.320   1.00 15.84 ? 126 PHE A N   1 
ATOM   1023 C  CA  . PHE A 1 127 ? 11.213  -6.077  4.582   1.00 15.12 ? 126 PHE A CA  1 
ATOM   1024 C  C   . PHE A 1 127 ? 11.916  -5.730  3.277   1.00 14.74 ? 126 PHE A C   1 
ATOM   1025 O  O   . PHE A 1 127 ? 12.023  -6.570  2.386   1.00 16.57 ? 126 PHE A O   1 
ATOM   1026 C  CB  . PHE A 1 127 ? 12.221  -6.723  5.538   1.00 14.67 ? 126 PHE A CB  1 
ATOM   1027 C  CG  . PHE A 1 127 ? 11.691  -6.926  6.932   1.00 17.92 ? 126 PHE A CG  1 
ATOM   1028 C  CD1 . PHE A 1 127 ? 11.791  -5.916  7.883   1.00 17.49 ? 126 PHE A CD1 1 
ATOM   1029 C  CD2 . PHE A 1 127 ? 11.094  -8.131  7.295   1.00 17.34 ? 126 PHE A CD2 1 
ATOM   1030 C  CE1 . PHE A 1 127 ? 11.307  -6.102  9.178   1.00 18.82 ? 126 PHE A CE1 1 
ATOM   1031 C  CE2 . PHE A 1 127 ? 10.610  -8.325  8.577   1.00 16.22 ? 126 PHE A CE2 1 
ATOM   1032 C  CZ  . PHE A 1 127 ? 10.715  -7.309  9.525   1.00 16.89 ? 126 PHE A CZ  1 
ATOM   1033 N  N   . PHE A 1 128 ? 12.322  -4.474  3.136   1.00 12.51 ? 127 PHE A N   1 
ATOM   1034 C  CA  . PHE A 1 128 ? 13.038  -4.044  1.946   1.00 15.01 ? 127 PHE A CA  1 
ATOM   1035 C  C   . PHE A 1 128 ? 14.521  -4.213  2.214   1.00 16.58 ? 127 PHE A C   1 
ATOM   1036 O  O   . PHE A 1 128 ? 15.092  -3.487  3.027   1.00 19.14 ? 127 PHE A O   1 
ATOM   1037 C  CB  . PHE A 1 128 ? 12.729  -2.584  1.618   1.00 14.11 ? 127 PHE A CB  1 
ATOM   1038 C  CG  . PHE A 1 128 ? 11.287  -2.345  1.269   1.00 16.22 ? 127 PHE A CG  1 
ATOM   1039 C  CD1 . PHE A 1 128 ? 10.733  -2.912  0.116   1.00 17.24 ? 127 PHE A CD1 1 
ATOM   1040 C  CD2 . PHE A 1 128 ? 10.467  -1.590  2.112   1.00 15.50 ? 127 PHE A CD2 1 
ATOM   1041 C  CE1 . PHE A 1 128 ? 9.372   -2.738  -0.193  1.00 15.95 ? 127 PHE A CE1 1 
ATOM   1042 C  CE2 . PHE A 1 128 ? 9.107   -1.413  1.811   1.00 16.05 ? 127 PHE A CE2 1 
ATOM   1043 C  CZ  . PHE A 1 128 ? 8.563   -1.989  0.656   1.00 13.36 ? 127 PHE A CZ  1 
ATOM   1044 N  N   . ASN A 1 129 ? 15.127  -5.204  1.571   1.00 16.77 ? 128 ASN A N   1 
ATOM   1045 C  CA  . ASN A 1 129 ? 16.552  -5.483  1.718   1.00 16.67 ? 128 ASN A CA  1 
ATOM   1046 C  C   . ASN A 1 129 ? 17.193  -5.414  0.338   1.00 16.88 ? 128 ASN A C   1 
ATOM   1047 O  O   . ASN A 1 129 ? 17.144  -6.378  -0.425  1.00 18.17 ? 128 ASN A O   1 
ATOM   1048 C  CB  . ASN A 1 129 ? 16.764  -6.887  2.317   1.00 16.48 ? 128 ASN A CB  1 
ATOM   1049 C  CG  . ASN A 1 129 ? 16.320  -6.981  3.770   1.00 15.29 ? 128 ASN A CG  1 
ATOM   1050 O  OD1 . ASN A 1 129 ? 15.420  -7.747  4.118   1.00 15.74 ? 128 ASN A OD1 1 
ATOM   1051 N  ND2 . ASN A 1 129 ? 16.966  -6.216  4.628   1.00 10.15 ? 128 ASN A ND2 1 
ATOM   1052 N  N   . PRO A 1 130 ? 17.792  -4.265  -0.018  1.00 16.89 ? 129 PRO A N   1 
ATOM   1053 C  CA  . PRO A 1 130 ? 18.073  -3.095  0.814   1.00 16.96 ? 129 PRO A CA  1 
ATOM   1054 C  C   . PRO A 1 130 ? 16.871  -2.170  0.944   1.00 18.63 ? 129 PRO A C   1 
ATOM   1055 O  O   . PRO A 1 130 ? 15.901  -2.292  0.197   1.00 19.83 ? 129 PRO A O   1 
ATOM   1056 C  CB  . PRO A 1 130 ? 19.201  -2.418  0.050   1.00 17.85 ? 129 PRO A CB  1 
ATOM   1057 C  CG  . PRO A 1 130 ? 18.796  -2.643  -1.359  1.00 20.50 ? 129 PRO A CG  1 
ATOM   1058 C  CD  . PRO A 1 130 ? 18.357  -4.092  -1.368  1.00 18.60 ? 129 PRO A CD  1 
ATOM   1059 N  N   . PRO A 1 131 ? 16.902  -1.257  1.922   1.00 18.71 ? 130 PRO A N   1 
ATOM   1060 C  CA  . PRO A 1 131 ? 15.795  -0.320  2.133   1.00 18.27 ? 130 PRO A CA  1 
ATOM   1061 C  C   . PRO A 1 131 ? 15.608  0.635   0.952   1.00 18.27 ? 130 PRO A C   1 
ATOM   1062 O  O   . PRO A 1 131 ? 16.472  0.742   0.072   1.00 16.75 ? 130 PRO A O   1 
ATOM   1063 C  CB  . PRO A 1 131 ? 16.223  0.437   3.392   1.00 16.78 ? 130 PRO A CB  1 
ATOM   1064 C  CG  . PRO A 1 131 ? 17.074  -0.552  4.112   1.00 19.22 ? 130 PRO A CG  1 
ATOM   1065 C  CD  . PRO A 1 131 ? 17.898  -1.134  3.002   1.00 16.88 ? 130 PRO A CD  1 
ATOM   1066 N  N   . ILE A 1 132 ? 14.466  1.309   0.929   1.00 18.80 ? 131 ILE A N   1 
ATOM   1067 C  CA  . ILE A 1 132 ? 14.164  2.270   -0.129  1.00 18.08 ? 131 ILE A CA  1 
ATOM   1068 C  C   . ILE A 1 132 ? 14.388  3.673   0.415   1.00 17.01 ? 131 ILE A C   1 
ATOM   1069 O  O   . ILE A 1 132 ? 13.963  3.986   1.519   1.00 17.45 ? 131 ILE A O   1 
ATOM   1070 C  CB  . ILE A 1 132 ? 12.681  2.140   -0.621  1.00 18.43 ? 131 ILE A CB  1 
ATOM   1071 C  CG1 . ILE A 1 132 ? 12.507  0.871   -1.459  1.00 17.04 ? 131 ILE A CG1 1 
ATOM   1072 C  CG2 . ILE A 1 132 ? 12.253  3.381   -1.419  1.00 12.03 ? 131 ILE A CG2 1 
ATOM   1073 C  CD1 . ILE A 1 132 ? 11.049  0.491   -1.683  1.00 18.63 ? 131 ILE A CD1 1 
ATOM   1074 N  N   . ILE A 1 133 ? 15.109  4.490   -0.336  1.00 18.26 ? 132 ILE A N   1 
ATOM   1075 C  CA  . ILE A 1 133 ? 15.348  5.870   0.051   1.00 19.98 ? 132 ILE A CA  1 
ATOM   1076 C  C   . ILE A 1 133 ? 14.579  6.640   -1.008  1.00 19.91 ? 132 ILE A C   1 
ATOM   1077 O  O   . ILE A 1 133 ? 14.953  6.654   -2.187  1.00 21.29 ? 132 ILE A O   1 
ATOM   1078 C  CB  . ILE A 1 133 ? 16.853  6.240   0.024   1.00 20.66 ? 132 ILE A CB  1 
ATOM   1079 C  CG1 . ILE A 1 133 ? 17.616  5.416   1.066   1.00 23.41 ? 132 ILE A CG1 1 
ATOM   1080 C  CG2 . ILE A 1 133 ? 17.036  7.718   0.332   1.00 20.36 ? 132 ILE A CG2 1 
ATOM   1081 C  CD1 . ILE A 1 133 ? 19.064  5.846   1.243   1.00 23.00 ? 132 ILE A CD1 1 
ATOM   1082 N  N   . SER A 1 134 ? 13.459  7.217   -0.600  1.00 19.56 ? 133 SER A N   1 
ATOM   1083 C  CA  . SER A 1 134 ? 12.617  7.942   -1.531  1.00 22.22 ? 133 SER A CA  1 
ATOM   1084 C  C   . SER A 1 134 ? 11.557  8.710   -0.761  1.00 22.61 ? 133 SER A C   1 
ATOM   1085 O  O   . SER A 1 134 ? 11.526  8.663   0.464   1.00 23.45 ? 133 SER A O   1 
ATOM   1086 C  CB  . SER A 1 134 ? 11.963  6.953   -2.498  1.00 25.13 ? 133 SER A CB  1 
ATOM   1087 O  OG  . SER A 1 134 ? 11.602  7.582   -3.714  1.00 28.95 ? 133 SER A OG  1 
ATOM   1088 N  N   . ARG A 1 135 ? 10.718  9.449   -1.482  1.00 23.36 ? 134 ARG A N   1 
ATOM   1089 C  CA  . ARG A 1 135 ? 9.659   10.240  -0.865  1.00 23.00 ? 134 ARG A CA  1 
ATOM   1090 C  C   . ARG A 1 135 ? 8.279   9.633   -1.093  1.00 22.23 ? 134 ARG A C   1 
ATOM   1091 O  O   . ARG A 1 135 ? 7.425   9.679   -0.205  1.00 21.52 ? 134 ARG A O   1 
ATOM   1092 C  CB  . ARG A 1 135 ? 9.688   11.672  -1.403  1.00 21.96 ? 134 ARG A CB  1 
ATOM   1093 C  CG  . ARG A 1 135 ? 8.524   12.518  -0.930  1.00 24.54 ? 134 ARG A CG  1 
ATOM   1094 C  CD  . ARG A 1 135 ? 8.581   13.910  -1.524  1.00 29.24 ? 134 ARG A CD  1 
ATOM   1095 N  NE  . ARG A 1 135 ? 7.323   14.614  -1.310  1.00 34.17 ? 134 ARG A NE  1 
ATOM   1096 C  CZ  . ARG A 1 135 ? 7.054   15.835  -1.760  1.00 37.35 ? 134 ARG A CZ  1 
ATOM   1097 N  NH1 . ARG A 1 135 ? 7.967   16.507  -2.449  1.00 39.82 ? 134 ARG A NH1 1 
ATOM   1098 N  NH2 . ARG A 1 135 ? 5.854   16.364  -1.558  1.00 33.76 ? 134 ARG A NH2 1 
ATOM   1099 N  N   . PHE A 1 136 ? 8.044   9.142   -2.308  1.00 22.16 ? 135 PHE A N   1 
ATOM   1100 C  CA  . PHE A 1 136 ? 6.761   8.530   -2.661  1.00 22.86 ? 135 PHE A CA  1 
ATOM   1101 C  C   . PHE A 1 136 ? 6.897   7.021   -2.821  1.00 21.30 ? 135 PHE A C   1 
ATOM   1102 O  O   . PHE A 1 136 ? 7.898   6.530   -3.357  1.00 18.89 ? 135 PHE A O   1 
ATOM   1103 C  CB  . PHE A 1 136 ? 6.233   9.081   -3.982  1.00 23.60 ? 135 PHE A CB  1 
ATOM   1104 C  CG  . PHE A 1 136 ? 6.027   10.559  -3.998  1.00 25.37 ? 135 PHE A CG  1 
ATOM   1105 C  CD1 . PHE A 1 136 ? 7.112   11.425  -4.072  1.00 26.20 ? 135 PHE A CD1 1 
ATOM   1106 C  CD2 . PHE A 1 136 ? 4.747   11.086  -4.013  1.00 26.15 ? 135 PHE A CD2 1 
ATOM   1107 C  CE1 . PHE A 1 136 ? 6.923   12.794  -4.165  1.00 26.58 ? 135 PHE A CE1 1 
ATOM   1108 C  CE2 . PHE A 1 136 ? 4.546   12.461  -4.108  1.00 27.87 ? 135 PHE A CE2 1 
ATOM   1109 C  CZ  . PHE A 1 136 ? 5.635   13.316  -4.186  1.00 25.47 ? 135 PHE A CZ  1 
ATOM   1110 N  N   . ILE A 1 137 ? 5.869   6.301   -2.388  1.00 19.31 ? 136 ILE A N   1 
ATOM   1111 C  CA  . ILE A 1 137 ? 5.827   4.849   -2.489  1.00 18.57 ? 136 ILE A CA  1 
ATOM   1112 C  C   . ILE A 1 137 ? 4.491   4.487   -3.142  1.00 17.72 ? 136 ILE A C   1 
ATOM   1113 O  O   . ILE A 1 137 ? 3.455   5.083   -2.829  1.00 16.08 ? 136 ILE A O   1 
ATOM   1114 C  CB  . ILE A 1 137 ? 5.889   4.166   -1.082  1.00 18.42 ? 136 ILE A CB  1 
ATOM   1115 C  CG1 . ILE A 1 137 ? 7.165   4.567   -0.341  1.00 23.30 ? 136 ILE A CG1 1 
ATOM   1116 C  CG2 . ILE A 1 137 ? 5.880   2.634   -1.228  1.00 20.14 ? 136 ILE A CG2 1 
ATOM   1117 C  CD1 . ILE A 1 137 ? 8.414   3.895   -0.876  1.00 26.26 ? 136 ILE A CD1 1 
ATOM   1118 N  N   . ARG A 1 138 ? 4.527   3.551   -4.081  1.00 15.64 ? 137 ARG A N   1 
ATOM   1119 C  CA  . ARG A 1 138 ? 3.322   3.094   -4.747  1.00 14.28 ? 137 ARG A CA  1 
ATOM   1120 C  C   . ARG A 1 138 ? 3.251   1.587   -4.634  1.00 15.37 ? 137 ARG A C   1 
ATOM   1121 O  O   . ARG A 1 138 ? 4.245   0.902   -4.871  1.00 16.00 ? 137 ARG A O   1 
ATOM   1122 C  CB  . ARG A 1 138 ? 3.331   3.478   -6.229  1.00 16.76 ? 137 ARG A CB  1 
ATOM   1123 C  CG  . ARG A 1 138 ? 2.669   4.794   -6.524  1.00 16.08 ? 137 ARG A CG  1 
ATOM   1124 C  CD  . ARG A 1 138 ? 2.620   5.089   -7.999  1.00 17.14 ? 137 ARG A CD  1 
ATOM   1125 N  NE  . ARG A 1 138 ? 1.977   6.381   -8.220  1.00 22.96 ? 137 ARG A NE  1 
ATOM   1126 C  CZ  . ARG A 1 138 ? 1.793   6.948   -9.410  1.00 24.83 ? 137 ARG A CZ  1 
ATOM   1127 N  NH1 . ARG A 1 138 ? 2.204   6.343   -10.519 1.00 25.34 ? 137 ARG A NH1 1 
ATOM   1128 N  NH2 . ARG A 1 138 ? 1.206   8.133   -9.490  1.00 23.15 ? 137 ARG A NH2 1 
ATOM   1129 N  N   . VAL A 1 139 ? 2.107   1.085   -4.187  1.00 14.26 ? 138 VAL A N   1 
ATOM   1130 C  CA  . VAL A 1 139 ? 1.881   -0.353  -4.087  1.00 13.94 ? 138 VAL A CA  1 
ATOM   1131 C  C   . VAL A 1 139 ? 1.153   -0.699  -5.394  1.00 16.45 ? 138 VAL A C   1 
ATOM   1132 O  O   . VAL A 1 139 ? 0.090   -0.140  -5.677  1.00 16.23 ? 138 VAL A O   1 
ATOM   1133 C  CB  . VAL A 1 139 ? 0.980   -0.704  -2.876  1.00 13.44 ? 138 VAL A CB  1 
ATOM   1134 C  CG1 . VAL A 1 139 ? 0.699   -2.202  -2.837  1.00 13.04 ? 138 VAL A CG1 1 
ATOM   1135 C  CG2 . VAL A 1 139 ? 1.644   -0.272  -1.591  1.00 12.89 ? 138 VAL A CG2 1 
ATOM   1136 N  N   . ILE A 1 140 ? 1.737   -1.582  -6.203  1.00 15.08 ? 139 ILE A N   1 
ATOM   1137 C  CA  . ILE A 1 140 ? 1.149   -1.967  -7.482  1.00 13.92 ? 139 ILE A CA  1 
ATOM   1138 C  C   . ILE A 1 140 ? 0.613   -3.402  -7.379  1.00 15.14 ? 139 ILE A C   1 
ATOM   1139 O  O   . ILE A 1 140 ? 1.379   -4.376  -7.466  1.00 14.22 ? 139 ILE A O   1 
ATOM   1140 C  CB  . ILE A 1 140 ? 2.221   -1.911  -8.613  1.00 16.74 ? 139 ILE A CB  1 
ATOM   1141 C  CG1 . ILE A 1 140 ? 3.075   -0.643  -8.504  1.00 14.58 ? 139 ILE A CG1 1 
ATOM   1142 C  CG2 . ILE A 1 140 ? 1.563   -1.976  -9.975  1.00 15.38 ? 139 ILE A CG2 1 
ATOM   1143 C  CD1 . ILE A 1 140 ? 2.337   0.629   -8.771  1.00 14.92 ? 139 ILE A CD1 1 
ATOM   1144 N  N   . PRO A 1 141 ? -0.705  -3.560  -7.173  1.00 16.13 ? 140 PRO A N   1 
ATOM   1145 C  CA  . PRO A 1 141 ? -1.291  -4.904  -7.062  1.00 16.24 ? 140 PRO A CA  1 
ATOM   1146 C  C   . PRO A 1 141 ? -1.086  -5.737  -8.326  1.00 16.68 ? 140 PRO A C   1 
ATOM   1147 O  O   . PRO A 1 141 ? -1.265  -5.240  -9.437  1.00 15.21 ? 140 PRO A O   1 
ATOM   1148 C  CB  . PRO A 1 141 ? -2.775  -4.608  -6.825  1.00 15.79 ? 140 PRO A CB  1 
ATOM   1149 C  CG  . PRO A 1 141 ? -2.739  -3.266  -6.104  1.00 14.83 ? 140 PRO A CG  1 
ATOM   1150 C  CD  . PRO A 1 141 ? -1.727  -2.522  -6.946  1.00 15.85 ? 140 PRO A CD  1 
ATOM   1151 N  N   . LYS A 1 142 ? -0.683  -6.990  -8.150  1.00 17.00 ? 141 LYS A N   1 
ATOM   1152 C  CA  . LYS A 1 142 ? -0.461  -7.893  -9.273  1.00 16.48 ? 141 LYS A CA  1 
ATOM   1153 C  C   . LYS A 1 142 ? -1.496  -9.000  -9.273  1.00 17.95 ? 141 LYS A C   1 
ATOM   1154 O  O   . LYS A 1 142 ? -2.019  -9.353  -10.325 1.00 19.10 ? 141 LYS A O   1 
ATOM   1155 C  CB  . LYS A 1 142 ? 0.950   -8.479  -9.237  1.00 17.26 ? 141 LYS A CB  1 
ATOM   1156 C  CG  . LYS A 1 142 ? 2.024   -7.471  -9.582  1.00 14.33 ? 141 LYS A CG  1 
ATOM   1157 C  CD  . LYS A 1 142 ? 1.815   -6.924  -10.969 1.00 14.28 ? 141 LYS A CD  1 
ATOM   1158 C  CE  . LYS A 1 142 ? 2.836   -5.862  -11.284 1.00 18.98 ? 141 LYS A CE  1 
ATOM   1159 N  NZ  . LYS A 1 142 ? 2.769   -5.480  -12.717 1.00 24.06 ? 141 LYS A NZ  1 
ATOM   1160 N  N   . THR A 1 143 ? -1.759  -9.573  -8.101  1.00 17.46 ? 142 THR A N   1 
ATOM   1161 C  CA  . THR A 1 143 ? -2.772  -10.618 -7.963  1.00 16.50 ? 142 THR A CA  1 
ATOM   1162 C  C   . THR A 1 143 ? -3.615  -10.301 -6.737  1.00 17.61 ? 142 THR A C   1 
ATOM   1163 O  O   . THR A 1 143 ? -3.138  -9.679  -5.785  1.00 19.39 ? 142 THR A O   1 
ATOM   1164 C  CB  . THR A 1 143 ? -2.179  -12.051 -7.845  1.00 17.01 ? 142 THR A CB  1 
ATOM   1165 O  OG1 . THR A 1 143 ? -1.434  -12.179 -6.627  1.00 20.56 ? 142 THR A OG1 1 
ATOM   1166 C  CG2 . THR A 1 143 ? -1.291  -12.375 -9.041  1.00 14.39 ? 142 THR A CG2 1 
ATOM   1167 N  N   . TRP A 1 144 ? -4.865  -10.735 -6.757  1.00 18.14 ? 143 TRP A N   1 
ATOM   1168 C  CA  . TRP A 1 144 ? -5.779  -10.470 -5.663  1.00 18.19 ? 143 TRP A CA  1 
ATOM   1169 C  C   . TRP A 1 144 ? -6.871  -11.530 -5.576  1.00 19.47 ? 143 TRP A C   1 
ATOM   1170 O  O   . TRP A 1 144 ? -7.061  -12.336 -6.489  1.00 18.12 ? 143 TRP A O   1 
ATOM   1171 C  CB  . TRP A 1 144 ? -6.413  -9.091  -5.857  1.00 16.45 ? 143 TRP A CB  1 
ATOM   1172 C  CG  . TRP A 1 144 ? -6.967  -8.897  -7.235  1.00 17.07 ? 143 TRP A CG  1 
ATOM   1173 C  CD1 . TRP A 1 144 ? -8.225  -9.220  -7.671  1.00 16.97 ? 143 TRP A CD1 1 
ATOM   1174 C  CD2 . TRP A 1 144 ? -6.279  -8.348  -8.370  1.00 18.80 ? 143 TRP A CD2 1 
ATOM   1175 N  NE1 . TRP A 1 144 ? -8.360  -8.907  -9.001  1.00 18.70 ? 143 TRP A NE1 1 
ATOM   1176 C  CE2 . TRP A 1 144 ? -7.183  -8.369  -9.457  1.00 19.64 ? 143 TRP A CE2 1 
ATOM   1177 C  CE3 . TRP A 1 144 ? -4.988  -7.841  -8.574  1.00 16.99 ? 143 TRP A CE3 1 
ATOM   1178 C  CZ2 . TRP A 1 144 ? -6.837  -7.902  -10.734 1.00 16.43 ? 143 TRP A CZ2 1 
ATOM   1179 C  CZ3 . TRP A 1 144 ? -4.643  -7.377  -9.851  1.00 15.46 ? 143 TRP A CZ3 1 
ATOM   1180 C  CH2 . TRP A 1 144 ? -5.566  -7.413  -10.909 1.00 15.83 ? 143 TRP A CH2 1 
ATOM   1181 N  N   . ASN A 1 145 ? -7.540  -11.560 -4.437  1.00 18.88 ? 144 ASN A N   1 
ATOM   1182 C  CA  . ASN A 1 145 ? -8.631  -12.483 -4.224  1.00 21.01 ? 144 ASN A CA  1 
ATOM   1183 C  C   . ASN A 1 145 ? -9.886  -11.626 -4.269  1.00 22.49 ? 144 ASN A C   1 
ATOM   1184 O  O   . ASN A 1 145 ? -10.029 -10.675 -3.488  1.00 20.87 ? 144 ASN A O   1 
ATOM   1185 C  CB  . ASN A 1 145 ? -8.511  -13.173 -2.865  1.00 20.79 ? 144 ASN A CB  1 
ATOM   1186 C  CG  . ASN A 1 145 ? -9.603  -14.207 -2.642  1.00 19.43 ? 144 ASN A CG  1 
ATOM   1187 O  OD1 . ASN A 1 145 ? -9.445  -15.373 -2.997  1.00 21.41 ? 144 ASN A OD1 1 
ATOM   1188 N  ND2 . ASN A 1 145 ? -10.711 -13.785 -2.056  1.00 17.16 ? 144 ASN A ND2 1 
ATOM   1189 N  N   . GLN A 1 146 ? -10.741 -11.921 -5.242  1.00 23.12 ? 145 GLN A N   1 
ATOM   1190 C  CA  . GLN A 1 146 ? -12.006 -11.225 -5.446  1.00 25.24 ? 145 GLN A CA  1 
ATOM   1191 C  C   . GLN A 1 146 ? -11.870 -9.789  -5.937  1.00 23.86 ? 145 GLN A C   1 
ATOM   1192 O  O   . GLN A 1 146 ? -12.333 -9.462  -7.031  1.00 24.10 ? 145 GLN A O   1 
ATOM   1193 C  CB  . GLN A 1 146 ? -12.857 -11.272 -4.176  1.00 30.80 ? 145 GLN A CB  1 
ATOM   1194 C  CG  . GLN A 1 146 ? -14.250 -10.708 -4.364  1.00 40.02 ? 145 GLN A CG  1 
ATOM   1195 C  CD  . GLN A 1 146 ? -15.087 -10.804 -3.114  1.00 45.33 ? 145 GLN A CD  1 
ATOM   1196 O  OE1 . GLN A 1 146 ? -15.844 -9.889  -2.794  1.00 49.35 ? 145 GLN A OE1 1 
ATOM   1197 N  NE2 . GLN A 1 146 ? -14.960 -11.917 -2.395  1.00 48.22 ? 145 GLN A NE2 1 
ATOM   1198 N  N   . SER A 1 147 ? -11.237 -8.932  -5.147  1.00 21.15 ? 146 SER A N   1 
ATOM   1199 C  CA  . SER A 1 147 ? -11.075 -7.542  -5.538  1.00 21.38 ? 146 SER A CA  1 
ATOM   1200 C  C   . SER A 1 147 ? -9.839  -6.933  -4.883  1.00 19.74 ? 146 SER A C   1 
ATOM   1201 O  O   . SER A 1 147 ? -9.347  -7.435  -3.865  1.00 18.57 ? 146 SER A O   1 
ATOM   1202 C  CB  . SER A 1 147 ? -12.329 -6.753  -5.155  1.00 22.06 ? 146 SER A CB  1 
ATOM   1203 O  OG  . SER A 1 147 ? -12.322 -5.462  -5.730  1.00 33.72 ? 146 SER A OG  1 
ATOM   1204 N  N   . ILE A 1 148 ? -9.310  -5.884  -5.509  1.00 18.18 ? 147 ILE A N   1 
ATOM   1205 C  CA  . ILE A 1 148 ? -8.130  -5.193  -5.006  1.00 16.97 ? 147 ILE A CA  1 
ATOM   1206 C  C   . ILE A 1 148 ? -8.546  -4.326  -3.826  1.00 19.51 ? 147 ILE A C   1 
ATOM   1207 O  O   . ILE A 1 148 ? -9.321  -3.376  -3.984  1.00 19.64 ? 147 ILE A O   1 
ATOM   1208 C  CB  . ILE A 1 148 ? -7.497  -4.277  -6.082  1.00 16.00 ? 147 ILE A CB  1 
ATOM   1209 C  CG1 . ILE A 1 148 ? -6.958  -5.113  -7.237  1.00 13.68 ? 147 ILE A CG1 1 
ATOM   1210 C  CG2 . ILE A 1 148 ? -6.387  -3.422  -5.473  1.00 13.41 ? 147 ILE A CG2 1 
ATOM   1211 C  CD1 . ILE A 1 148 ? -6.498  -4.282  -8.415  1.00 14.79 ? 147 ILE A CD1 1 
ATOM   1212 N  N   . THR A 1 149 ? -8.008  -4.646  -2.654  1.00 19.31 ? 148 THR A N   1 
ATOM   1213 C  CA  . THR A 1 149 ? -8.319  -3.902  -1.453  1.00 20.63 ? 148 THR A CA  1 
ATOM   1214 C  C   . THR A 1 149 ? -7.117  -3.966  -0.514  1.00 18.74 ? 148 THR A C   1 
ATOM   1215 O  O   . THR A 1 149 ? -6.449  -5.001  -0.419  1.00 18.02 ? 148 THR A O   1 
ATOM   1216 C  CB  . THR A 1 149 ? -9.583  -4.465  -0.783  1.00 22.50 ? 148 THR A CB  1 
ATOM   1217 O  OG1 . THR A 1 149 ? -10.204 -3.443  0.005   1.00 33.52 ? 148 THR A OG1 1 
ATOM   1218 C  CG2 . THR A 1 149 ? -9.245  -5.644  0.091   1.00 26.06 ? 148 THR A CG2 1 
ATOM   1219 N  N   . LEU A 1 150 ? -6.851  -2.856  0.173   1.00 16.26 ? 149 LEU A N   1 
ATOM   1220 C  CA  . LEU A 1 150 ? -5.713  -2.759  1.075   1.00 15.88 ? 149 LEU A CA  1 
ATOM   1221 C  C   . LEU A 1 150 ? -5.916  -1.905  2.297   1.00 15.87 ? 149 LEU A C   1 
ATOM   1222 O  O   . LEU A 1 150 ? -6.659  -0.929  2.284   1.00 14.78 ? 149 LEU A O   1 
ATOM   1223 C  CB  . LEU A 1 150 ? -4.523  -2.118  0.358   1.00 16.02 ? 149 LEU A CB  1 
ATOM   1224 C  CG  . LEU A 1 150 ? -3.699  -2.833  -0.703  1.00 17.13 ? 149 LEU A CG  1 
ATOM   1225 C  CD1 . LEU A 1 150 ? -2.767  -1.821  -1.356  1.00 16.13 ? 149 LEU A CD1 1 
ATOM   1226 C  CD2 . LEU A 1 150 ? -2.918  -3.961  -0.059  1.00 15.72 ? 149 LEU A CD2 1 
ATOM   1227 N  N   . ARG A 1 151 ? -5.137  -2.253  3.309   1.00 16.98 ? 150 ARG A N   1 
ATOM   1228 C  CA  . ARG A 1 151 ? -5.009  -1.545  4.574   1.00 18.08 ? 150 ARG A CA  1 
ATOM   1229 C  C   . ARG A 1 151 ? -3.518  -1.780  4.765   1.00 19.86 ? 150 ARG A C   1 
ATOM   1230 O  O   . ARG A 1 151 ? -3.041  -2.898  4.552   1.00 18.70 ? 150 ARG A O   1 
ATOM   1231 C  CB  . ARG A 1 151 ? -5.807  -2.195  5.694   1.00 14.81 ? 150 ARG A CB  1 
ATOM   1232 C  CG  . ARG A 1 151 ? -7.218  -1.672  5.805   1.00 15.50 ? 150 ARG A CG  1 
ATOM   1233 C  CD  . ARG A 1 151 ? -7.919  -2.276  6.994   1.00 15.84 ? 150 ARG A CD  1 
ATOM   1234 N  NE  . ARG A 1 151 ? -8.064  -3.720  6.866   1.00 15.36 ? 150 ARG A NE  1 
ATOM   1235 C  CZ  . ARG A 1 151 ? -8.505  -4.508  7.841   1.00 21.02 ? 150 ARG A CZ  1 
ATOM   1236 N  NH1 . ARG A 1 151 ? -8.840  -3.984  9.016   1.00 20.58 ? 150 ARG A NH1 1 
ATOM   1237 N  NH2 . ARG A 1 151 ? -8.630  -5.817  7.638   1.00 18.82 ? 150 ARG A NH2 1 
ATOM   1238 N  N   . LEU A 1 152 ? -2.763  -0.741  5.103   1.00 21.37 ? 151 LEU A N   1 
ATOM   1239 C  CA  . LEU A 1 152 ? -1.327  -0.927  5.237   1.00 18.54 ? 151 LEU A CA  1 
ATOM   1240 C  C   . LEU A 1 152 ? -0.638  -0.001  6.216   1.00 15.70 ? 151 LEU A C   1 
ATOM   1241 O  O   . LEU A 1 152 ? -1.254  0.896   6.796   1.00 12.67 ? 151 LEU A O   1 
ATOM   1242 C  CB  . LEU A 1 152 ? -0.687  -0.746  3.855   1.00 21.46 ? 151 LEU A CB  1 
ATOM   1243 C  CG  . LEU A 1 152 ? -0.766  0.660   3.251   1.00 19.32 ? 151 LEU A CG  1 
ATOM   1244 C  CD1 . LEU A 1 152 ? 0.538   1.393   3.507   1.00 21.44 ? 151 LEU A CD1 1 
ATOM   1245 C  CD2 . LEU A 1 152 ? -1.018  0.577   1.765   1.00 20.78 ? 151 LEU A CD2 1 
ATOM   1246 N  N   . GLU A 1 153 ? 0.640   -0.289  6.431   1.00 15.36 ? 152 GLU A N   1 
ATOM   1247 C  CA  . GLU A 1 153 ? 1.513   0.510   7.275   1.00 14.43 ? 152 GLU A CA  1 
ATOM   1248 C  C   . GLU A 1 153 ? 2.913   0.428   6.671   1.00 15.36 ? 152 GLU A C   1 
ATOM   1249 O  O   . GLU A 1 153 ? 3.285   -0.579  6.064   1.00 14.36 ? 152 GLU A O   1 
ATOM   1250 C  CB  . GLU A 1 153 ? 1.538   0.018   8.726   1.00 15.75 ? 152 GLU A CB  1 
ATOM   1251 C  CG  . GLU A 1 153 ? 2.435   0.873   9.634   1.00 16.29 ? 152 GLU A CG  1 
ATOM   1252 C  CD  . GLU A 1 153 ? 1.987   2.329   9.706   1.00 18.95 ? 152 GLU A CD  1 
ATOM   1253 O  OE1 . GLU A 1 153 ? 2.432   3.146   8.870   1.00 16.44 ? 152 GLU A OE1 1 
ATOM   1254 O  OE2 . GLU A 1 153 ? 1.180   2.652   10.602  1.00 19.09 ? 152 GLU A OE2 1 
ATOM   1255 N  N   . LEU A 1 154 ? 3.645   1.529   6.771   1.00 16.29 ? 153 LEU A N   1 
ATOM   1256 C  CA  . LEU A 1 154 ? 4.999   1.611   6.265   1.00 16.79 ? 153 LEU A CA  1 
ATOM   1257 C  C   . LEU A 1 154 ? 5.890   1.800   7.487   1.00 17.01 ? 153 LEU A C   1 
ATOM   1258 O  O   . LEU A 1 154 ? 5.454   2.375   8.485   1.00 19.68 ? 153 LEU A O   1 
ATOM   1259 C  CB  . LEU A 1 154 ? 5.130   2.821   5.326   1.00 18.51 ? 153 LEU A CB  1 
ATOM   1260 C  CG  . LEU A 1 154 ? 4.373   2.811   3.992   1.00 17.45 ? 153 LEU A CG  1 
ATOM   1261 C  CD1 . LEU A 1 154 ? 4.630   4.116   3.235   1.00 16.49 ? 153 LEU A CD1 1 
ATOM   1262 C  CD2 . LEU A 1 154 ? 4.817   1.615   3.159   1.00 17.97 ? 153 LEU A CD2 1 
ATOM   1263 N  N   . PHE A 1 155 ? 7.115   1.292   7.430   1.00 16.62 ? 154 PHE A N   1 
ATOM   1264 C  CA  . PHE A 1 155 ? 8.058   1.432   8.538   1.00 17.04 ? 154 PHE A CA  1 
ATOM   1265 C  C   . PHE A 1 155 ? 9.373   1.973   8.003   1.00 18.55 ? 154 PHE A C   1 
ATOM   1266 O  O   . PHE A 1 155 ? 9.764   1.677   6.863   1.00 17.10 ? 154 PHE A O   1 
ATOM   1267 C  CB  . PHE A 1 155 ? 8.298   0.088   9.224   1.00 17.88 ? 154 PHE A CB  1 
ATOM   1268 C  CG  . PHE A 1 155 ? 7.045   -0.553  9.737   1.00 20.77 ? 154 PHE A CG  1 
ATOM   1269 C  CD1 . PHE A 1 155 ? 6.226   -1.289  8.878   1.00 19.82 ? 154 PHE A CD1 1 
ATOM   1270 C  CD2 . PHE A 1 155 ? 6.653   -0.381  11.061  1.00 20.53 ? 154 PHE A CD2 1 
ATOM   1271 C  CE1 . PHE A 1 155 ? 5.040   -1.834  9.328   1.00 18.99 ? 154 PHE A CE1 1 
ATOM   1272 C  CE2 . PHE A 1 155 ? 5.456   -0.925  11.522  1.00 20.86 ? 154 PHE A CE2 1 
ATOM   1273 C  CZ  . PHE A 1 155 ? 4.651   -1.651  10.654  1.00 21.69 ? 154 PHE A CZ  1 
ATOM   1274 N  N   . GLY A 1 156 ? 10.044  2.782   8.815   1.00 19.50 ? 155 GLY A N   1 
ATOM   1275 C  CA  . GLY A 1 156 ? 11.315  3.345   8.397   1.00 19.75 ? 155 GLY A CA  1 
ATOM   1276 C  C   . GLY A 1 156 ? 11.813  4.417   9.336   1.00 20.29 ? 155 GLY A C   1 
ATOM   1277 O  O   . GLY A 1 156 ? 11.604  4.337   10.554  1.00 18.20 ? 155 GLY A O   1 
ATOM   1278 N  N   . CYS A 1 157 ? 12.464  5.423   8.767   1.00 21.92 ? 156 CYS A N   1 
ATOM   1279 C  CA  . CYS A 1 157 ? 13.014  6.529   9.544   1.00 24.02 ? 156 CYS A CA  1 
ATOM   1280 C  C   . CYS A 1 157 ? 13.448  7.646   8.610   1.00 23.18 ? 156 CYS A C   1 
ATOM   1281 O  O   . CYS A 1 157 ? 13.377  7.509   7.385   1.00 21.47 ? 156 CYS A O   1 
ATOM   1282 C  CB  . CYS A 1 157 ? 14.227  6.047   10.358  1.00 24.03 ? 156 CYS A CB  1 
ATOM   1283 S  SG  . CYS A 1 157 ? 15.586  5.371   9.348   1.00 25.10 ? 156 CYS A SG  1 
ATOM   1284 N  N   . ASP A 1 158 ? 13.889  8.753   9.191   1.00 22.18 ? 157 ASP A N   1 
ATOM   1285 C  CA  . ASP A 1 158 ? 14.362  9.883   8.404   1.00 23.29 ? 157 ASP A CA  1 
ATOM   1286 C  C   . ASP A 1 158 ? 15.765  9.591   7.887   1.00 20.86 ? 157 ASP A C   1 
ATOM   1287 O  O   . ASP A 1 158 ? 16.433  8.651   8.336   1.00 18.35 ? 157 ASP A O   1 
ATOM   1288 C  CB  . ASP A 1 158 ? 14.423  11.156  9.253   1.00 25.58 ? 157 ASP A CB  1 
ATOM   1289 C  CG  . ASP A 1 158 ? 13.065  11.761  9.502   1.00 28.17 ? 157 ASP A CG  1 
ATOM   1290 O  OD1 . ASP A 1 158 ? 12.265  11.853  8.552   1.00 29.26 ? 157 ASP A OD1 1 
ATOM   1291 O  OD2 . ASP A 1 158 ? 12.803  12.163  10.653  1.00 32.72 ? 157 ASP A OD2 1 
ATOM   1292 N  N   . ILE A 1 159 ? 16.195  10.407  6.933   1.00 22.48 ? 158 ILE A N   1 
ATOM   1293 C  CA  . ILE A 1 159 ? 17.531  10.312  6.362   1.00 23.80 ? 158 ILE A CA  1 
ATOM   1294 C  C   . ILE A 1 159 ? 18.320  11.281  7.236   1.00 22.90 ? 158 ILE A C   1 
ATOM   1295 O  O   . ILE A 1 159 ? 17.811  12.345  7.583   1.00 23.14 ? 158 ILE A O   1 
ATOM   1296 C  CB  . ILE A 1 159 ? 17.538  10.791  4.885   1.00 24.47 ? 158 ILE A CB  1 
ATOM   1297 C  CG1 . ILE A 1 159 ? 16.879  9.742   3.984   1.00 25.55 ? 158 ILE A CG1 1 
ATOM   1298 C  CG2 . ILE A 1 159 ? 18.950  11.086  4.419   1.00 26.90 ? 158 ILE A CG2 1 
ATOM   1299 C  CD1 . ILE A 1 159 ? 17.573  8.399   4.010   1.00 26.56 ? 158 ILE A CD1 1 
ATOM   1300 N  N   . TYR A 1 160 ? 19.527  10.897  7.635   1.00 23.77 ? 159 TYR A N   1 
ATOM   1301 C  CA  . TYR A 1 160 ? 20.349  11.749  8.493   1.00 26.35 ? 159 TYR A CA  1 
ATOM   1302 C  C   . TYR A 1 160 ? 21.666  12.159  7.831   1.00 27.67 ? 159 TYR A C   1 
ATOM   1303 O  O   . TYR A 1 160 ? 21.843  11.755  6.628   1.00 25.83 ? 159 TYR A O   1 
ATOM   1304 C  CB  . TYR A 1 160 ? 20.617  11.045  9.834   1.00 29.33 ? 159 TYR A CB  1 
ATOM   1305 C  CG  . TYR A 1 160 ? 19.368  10.822  10.661  1.00 34.52 ? 159 TYR A CG  1 
ATOM   1306 C  CD1 . TYR A 1 160 ? 18.843  11.846  11.451  1.00 35.66 ? 159 TYR A CD1 1 
ATOM   1307 C  CD2 . TYR A 1 160 ? 18.686  9.601   10.621  1.00 35.97 ? 159 TYR A CD2 1 
ATOM   1308 C  CE1 . TYR A 1 160 ? 17.667  11.666  12.175  1.00 37.66 ? 159 TYR A CE1 1 
ATOM   1309 C  CE2 . TYR A 1 160 ? 17.509  9.407   11.346  1.00 35.96 ? 159 TYR A CE2 1 
ATOM   1310 C  CZ  . TYR A 1 160 ? 17.006  10.445  12.118  1.00 38.99 ? 159 TYR A CZ  1 
ATOM   1311 O  OH  . TYR A 1 160 ? 15.848  10.264  12.838  1.00 40.42 ? 159 TYR A OH  1 
ATOM   1312 O  OXT . TYR A 1 160 ? 22.493  12.818  8.458   1.00 25.85 ? 159 TYR A OXT 1 
HETATM 1313 C  C1  . PHG B 2 .   ? -18.446 -5.987  0.368   0.00 34.21 ? 296 PHG A C1  1 
HETATM 1314 C  C2  . PHG B 2 .   ? -17.383 -6.890  0.230   0.00 33.29 ? 296 PHG A C2  1 
HETATM 1315 C  C3  . PHG B 2 .   ? -16.095 -6.590  0.687   0.00 33.21 ? 296 PHG A C3  1 
HETATM 1316 C  C4  . PHG B 2 .   ? -15.871 -5.355  1.299   0.00 34.30 ? 296 PHG A C4  1 
HETATM 1317 C  C5  . PHG B 2 .   ? -16.934 -4.434  1.446   0.00 34.65 ? 296 PHG A C5  1 
HETATM 1318 C  C6  . PHG B 2 .   ? -18.231 -4.745  0.977   0.00 35.44 ? 296 PHG A C6  1 
HETATM 1319 HG HG  . PHG B 2 .   ? -14.074 -5.156  1.838   0.88 30.72 ? 296 PHG A HG  1 
HETATM 1320 O  O   . HOH C 3 .   ? 11.370  -2.084  9.833   1.00 29.83 ? 160 HOH A O   1 
HETATM 1321 O  O   . HOH C 3 .   ? 1.335   4.856   12.234  1.00 17.41 ? 161 HOH A O   1 
HETATM 1322 O  O   . HOH C 3 .   ? 1.154   1.102   12.896  1.00 21.72 ? 162 HOH A O   1 
HETATM 1323 O  O   . HOH C 3 .   ? -0.304  -1.817  15.027  1.00 33.25 ? 163 HOH A O   1 
HETATM 1324 O  O   . HOH C 3 .   ? -0.317  10.673  -2.745  1.00 17.39 ? 164 HOH A O   1 
HETATM 1325 O  O   . HOH C 3 .   ? -12.088 6.613   -8.997  1.00 21.16 ? 165 HOH A O   1 
HETATM 1326 O  O   . HOH C 3 .   ? -12.089 -3.219  -7.913  1.00 29.48 ? 166 HOH A O   1 
HETATM 1327 O  O   . HOH C 3 .   ? -7.549  -5.839  11.832  1.00 21.24 ? 167 HOH A O   1 
HETATM 1328 O  O   . HOH C 3 .   ? -10.958 2.095   12.780  1.00 27.26 ? 168 HOH A O   1 
HETATM 1329 O  O   . HOH C 3 .   ? -2.797  -3.098  -10.527 1.00 19.78 ? 169 HOH A O   1 
HETATM 1330 O  O   . HOH C 3 .   ? 14.274  12.169  6.013   1.00 24.50 ? 170 HOH A O   1 
HETATM 1331 O  O   . HOH C 3 .   ? 2.343   -7.469  2.475   1.00 15.87 ? 171 HOH A O   1 
HETATM 1332 O  O   . HOH C 3 .   ? -4.976  -9.346  5.416   1.00 17.33 ? 172 HOH A O   1 
HETATM 1333 O  O   . HOH C 3 .   ? -4.547  -7.066  0.873   1.00 16.81 ? 173 HOH A O   1 
HETATM 1334 O  O   . HOH C 3 .   ? -10.367 -13.731 6.242   1.00 28.47 ? 174 HOH A O   1 
HETATM 1335 O  O   . HOH C 3 .   ? -8.371  -12.941 8.137   1.00 23.37 ? 175 HOH A O   1 
HETATM 1336 O  O   . HOH C 3 .   ? 2.526   -13.228 -8.124  1.00 24.95 ? 176 HOH A O   1 
HETATM 1337 O  O   . HOH C 3 .   ? -0.648  -14.637 -6.077  1.00 24.32 ? 177 HOH A O   1 
HETATM 1338 O  O   . HOH C 3 .   ? 5.812   -3.120  -11.450 1.00 20.29 ? 178 HOH A O   1 
HETATM 1339 O  O   . HOH C 3 .   ? 14.196  -6.715  -0.629  1.00 22.99 ? 179 HOH A O   1 
HETATM 1340 O  O   . HOH C 3 .   ? 8.746   -4.250  -6.876  1.00 14.15 ? 180 HOH A O   1 
HETATM 1341 O  O   . HOH C 3 .   ? -2.996  -12.407 5.068   1.00 20.68 ? 181 HOH A O   1 
HETATM 1342 O  O   . HOH C 3 .   ? 13.684  -8.945  2.170   1.00 18.18 ? 182 HOH A O   1 
HETATM 1343 O  O   . HOH C 3 .   ? -0.797  13.390  -2.195  1.00 20.11 ? 183 HOH A O   1 
HETATM 1344 O  O   . HOH C 3 .   ? -6.339  11.823  -0.835  1.00 22.52 ? 184 HOH A O   1 
HETATM 1345 O  O   . HOH C 3 .   ? -7.685  10.213  -2.658  1.00 25.55 ? 185 HOH A O   1 
HETATM 1346 O  O   . HOH C 3 .   ? -6.770  9.499   -5.093  1.00 17.89 ? 186 HOH A O   1 
HETATM 1347 O  O   . HOH C 3 .   ? -8.227  7.844   -6.733  1.00 19.26 ? 187 HOH A O   1 
HETATM 1348 O  O   . HOH C 3 .   ? -8.211  8.925   8.066   1.00 25.81 ? 188 HOH A O   1 
HETATM 1349 O  O   . HOH C 3 .   ? -13.293 -4.781  -12.161 1.00 30.62 ? 189 HOH A O   1 
HETATM 1350 O  O   . HOH C 3 .   ? 3.969   3.711   -11.008 1.00 30.28 ? 190 HOH A O   1 
HETATM 1351 O  O   . HOH C 3 .   ? -8.453  -16.464 3.402   1.00 44.94 ? 191 HOH A O   1 
HETATM 1352 O  O   . HOH C 3 .   ? 10.103  -11.460 -7.607  1.00 33.79 ? 192 HOH A O   1 
HETATM 1353 O  O   . HOH C 3 .   ? 12.891  -10.787 -7.431  1.00 38.52 ? 193 HOH A O   1 
HETATM 1354 O  O   . HOH C 3 .   ? 13.717  -8.080  -8.108  1.00 24.26 ? 194 HOH A O   1 
HETATM 1355 O  O   . HOH C 3 .   ? 8.729   -12.823 -9.730  1.00 29.42 ? 195 HOH A O   1 
HETATM 1356 O  O   . HOH C 3 .   ? 18.566  -4.022  4.784   1.00 25.31 ? 196 HOH A O   1 
HETATM 1357 O  O   . HOH C 3 .   ? 15.827  3.442   -2.944  1.00 34.55 ? 197 HOH A O   1 
HETATM 1358 O  O   . HOH C 3 .   ? -9.074  -12.850 -8.289  1.00 21.30 ? 198 HOH A O   1 
HETATM 1359 O  O   . HOH C 3 .   ? 13.946  -2.695  9.960   1.00 23.45 ? 199 HOH A O   1 
HETATM 1360 O  O   . HOH C 3 .   ? 1.367   3.288   14.485  1.00 44.87 ? 200 HOH A O   1 
HETATM 1361 O  O   . HOH C 3 .   ? -5.863  13.012  7.737   1.00 23.43 ? 201 HOH A O   1 
HETATM 1362 O  O   . HOH C 3 .   ? -5.512  15.383  4.892   1.00 44.84 ? 202 HOH A O   1 
HETATM 1363 O  O   . HOH C 3 .   ? -11.015 -10.979 -9.006  1.00 30.37 ? 203 HOH A O   1 
HETATM 1364 O  O   . HOH C 3 .   ? 21.345  14.569  10.432  1.00 21.96 ? 204 HOH A O   1 
HETATM 1365 O  O   . HOH C 3 .   ? 13.880  8.915   11.972  1.00 28.70 ? 205 HOH A O   1 
HETATM 1366 O  O   . HOH C 3 .   ? 18.660  6.789   8.110   1.00 32.75 ? 206 HOH A O   1 
HETATM 1367 O  O   . HOH C 3 .   ? -5.777  1.274   14.950  1.00 20.36 ? 207 HOH A O   1 
HETATM 1368 O  O   . HOH C 3 .   ? -4.856  11.823  9.899   1.00 33.20 ? 208 HOH A O   1 
HETATM 1369 O  O   . HOH C 3 .   ? -10.740 11.102  -2.927  1.00 47.97 ? 209 HOH A O   1 
HETATM 1370 O  O   . HOH C 3 .   ? -1.351  11.147  -7.040  1.00 23.90 ? 210 HOH A O   1 
HETATM 1371 O  O   . HOH C 3 .   ? -9.547  3.984   7.547   1.00 31.44 ? 211 HOH A O   1 
HETATM 1372 O  O   . HOH C 3 .   ? -0.387  -0.150  -12.224 1.00 26.50 ? 212 HOH A O   1 
HETATM 1373 O  O   . HOH C 3 .   ? 3.048   15.649  -3.920  1.00 27.85 ? 213 HOH A O   1 
HETATM 1374 O  O   . HOH C 3 .   ? 13.404  15.539  1.128   1.00 45.44 ? 214 HOH A O   1 
HETATM 1375 O  O   . HOH C 3 .   ? -12.549 -5.921  7.185   1.00 21.89 ? 215 HOH A O   1 
HETATM 1376 O  O   . HOH C 3 .   ? -14.443 -4.103  4.523   1.00 12.81 ? 216 HOH A O   1 
HETATM 1377 O  O   . HOH C 3 .   ? -10.700 -14.213 -6.708  1.00 31.97 ? 217 HOH A O   1 
HETATM 1378 O  O   . HOH C 3 .   ? 17.706  -4.074  -14.040 1.00 48.58 ? 218 HOH A O   1 
HETATM 1379 O  O   . HOH C 3 .   ? -4.668  -8.885  12.412  1.00 34.69 ? 219 HOH A O   1 
HETATM 1380 O  O   . HOH C 3 .   ? 14.796  -3.355  5.640   1.00 18.52 ? 220 HOH A O   1 
HETATM 1381 O  O   . HOH C 3 .   ? -7.025  4.711   11.113  1.00 56.41 ? 221 HOH A O   1 
HETATM 1382 O  O   . HOH C 3 .   ? -8.497  2.786   -12.995 1.00 29.34 ? 222 HOH A O   1 
HETATM 1383 O  O   . HOH C 3 .   ? -13.633 -8.754  -11.554 1.00 22.43 ? 223 HOH A O   1 
HETATM 1384 O  O   . HOH C 3 .   ? 1.851   -6.998  13.003  1.00 36.51 ? 224 HOH A O   1 
HETATM 1385 O  O   . HOH C 3 .   ? 5.697   -4.516  13.063  1.00 40.56 ? 225 HOH A O   1 
HETATM 1386 O  O   . HOH C 3 .   ? -6.345  2.062   12.290  1.00 52.86 ? 226 HOH A O   1 
HETATM 1387 O  O   . HOH C 3 .   ? -1.093  -4.470  14.955  1.00 36.26 ? 227 HOH A O   1 
HETATM 1388 O  O   . HOH C 3 .   ? 4.511   12.117  6.664   1.00 32.32 ? 228 HOH A O   1 
HETATM 1389 O  O   . HOH C 3 .   ? 0.733   14.700  -0.392  1.00 37.64 ? 229 HOH A O   1 
HETATM 1390 O  O   . HOH C 3 .   ? -17.008 2.467   -8.153  1.00 30.89 ? 230 HOH A O   1 
HETATM 1391 O  O   . HOH C 3 .   ? -16.863 -3.390  -1.783  1.00 35.25 ? 231 HOH A O   1 
HETATM 1392 O  O   . HOH C 3 .   ? -14.183 7.409   2.142   1.00 38.85 ? 232 HOH A O   1 
HETATM 1393 O  O   . HOH C 3 .   ? -14.542 -3.582  10.537  1.00 25.80 ? 233 HOH A O   1 
HETATM 1394 O  O   . HOH C 3 .   ? -10.163 -3.382  -16.393 1.00 54.02 ? 234 HOH A O   1 
HETATM 1395 O  O   . HOH C 3 .   ? 1.504   7.369   -13.385 1.00 38.92 ? 235 HOH A O   1 
HETATM 1396 O  O   . HOH C 3 .   ? 10.413  9.055   9.940   1.00 52.57 ? 236 HOH A O   1 
HETATM 1397 O  O   . HOH C 3 .   ? 16.164  0.521   -3.412  1.00 31.68 ? 237 HOH A O   1 
HETATM 1398 O  O   . HOH C 3 .   ? 15.185  -9.380  -0.121  1.00 21.34 ? 238 HOH A O   1 
HETATM 1399 O  O   . HOH C 3 .   ? -0.540  -14.878 5.179   1.00 38.55 ? 239 HOH A O   1 
HETATM 1400 O  O   . HOH C 3 .   ? 0.015   -4.268  -12.598 1.00 52.34 ? 240 HOH A O   1 
HETATM 1401 O  O   . HOH C 3 .   ? 2.947   -0.748  13.762  1.00 41.53 ? 241 HOH A O   1 
HETATM 1402 O  O   . HOH C 3 .   ? -5.676  15.668  7.759   1.00 39.19 ? 242 HOH A O   1 
HETATM 1403 O  O   . HOH C 3 .   ? -16.177 0.017   -9.036  1.00 40.29 ? 243 HOH A O   1 
HETATM 1404 O  O   . HOH C 3 .   ? 2.216   11.192  -8.120  1.00 39.56 ? 244 HOH A O   1 
HETATM 1405 O  O   . HOH C 3 .   ? -0.866  -14.363 -1.494  1.00 28.18 ? 245 HOH A O   1 
HETATM 1406 O  O   . HOH C 3 .   ? 7.571   -11.254 -0.203  1.00 28.09 ? 246 HOH A O   1 
HETATM 1407 O  O   . HOH C 3 .   ? 2.318   -14.421 1.855   1.00 31.95 ? 247 HOH A O   1 
HETATM 1408 O  O   . HOH C 3 .   ? -2.365  -7.855  -12.674 1.00 23.10 ? 248 HOH A O   1 
HETATM 1409 O  O   . HOH C 3 .   ? -10.035 -17.449 0.494   1.00 62.94 ? 249 HOH A O   1 
HETATM 1410 O  O   . HOH C 3 .   ? 2.841   -3.780  13.539  1.00 38.88 ? 250 HOH A O   1 
HETATM 1411 O  O   . HOH C 3 .   ? -13.521 2.929   13.666  1.00 52.19 ? 251 HOH A O   1 
HETATM 1412 O  O   . HOH C 3 .   ? -8.877  0.947   -15.211 1.00 24.98 ? 252 HOH A O   1 
HETATM 1413 O  O   . HOH C 3 .   ? 15.024  -0.894  -6.296  1.00 36.10 ? 253 HOH A O   1 
HETATM 1414 O  O   . HOH C 3 .   ? -2.031  -14.330 7.630   1.00 49.61 ? 254 HOH A O   1 
HETATM 1415 O  O   . HOH C 3 .   ? 4.159   -11.361 7.903   1.00 34.12 ? 255 HOH A O   1 
HETATM 1416 O  O   . HOH C 3 .   ? -23.388 -1.723  -9.942  1.00 41.27 ? 256 HOH A O   1 
HETATM 1417 O  O   . HOH C 3 .   ? -18.088 6.423   2.406   1.00 35.73 ? 257 HOH A O   1 
HETATM 1418 O  O   . HOH C 3 .   ? -11.983 3.173   8.641   1.00 42.53 ? 258 HOH A O   1 
HETATM 1419 O  O   . HOH C 3 .   ? 17.414  4.166   -6.826  1.00 47.68 ? 259 HOH A O   1 
HETATM 1420 O  O   . HOH C 3 .   ? -5.398  -12.118 12.595  1.00 36.15 ? 260 HOH A O   1 
HETATM 1421 O  O   . HOH C 3 .   ? 5.347   -10.488 10.383  1.00 53.77 ? 261 HOH A O   1 
HETATM 1422 O  O   . HOH C 3 .   ? -9.814  -9.570  -11.299 1.00 30.31 ? 262 HOH A O   1 
HETATM 1423 O  O   . HOH C 3 .   ? -0.857  2.818   16.156  1.00 35.47 ? 263 HOH A O   1 
HETATM 1424 O  O   . HOH C 3 .   ? 5.808   9.641   7.330   1.00 34.26 ? 264 HOH A O   1 
HETATM 1425 O  O   . HOH C 3 .   ? -7.518  -16.389 -5.534  1.00 34.48 ? 266 HOH A O   1 
HETATM 1426 O  O   . HOH C 3 .   ? -2.814  -18.386 -6.824  1.00 26.07 ? 267 HOH A O   1 
HETATM 1427 O  O   . HOH C 3 .   ? 10.440  -9.712  4.199   1.00 29.34 ? 268 HOH A O   1 
HETATM 1428 O  O   . HOH C 3 .   ? 8.757   -11.160 5.573   1.00 43.74 ? 269 HOH A O   1 
HETATM 1429 O  O   . HOH C 3 .   ? 13.177  3.693   14.006  1.00 46.40 ? 270 HOH A O   1 
HETATM 1430 O  O   . HOH C 3 .   ? 5.204   -0.672  15.983  1.00 47.45 ? 271 HOH A O   1 
HETATM 1431 O  O   . HOH C 3 .   ? -3.024  4.560   16.193  1.00 37.19 ? 272 HOH A O   1 
HETATM 1432 O  O   . HOH C 3 .   ? -11.592 6.433   -11.699 1.00 45.13 ? 274 HOH A O   1 
HETATM 1433 O  O   . HOH C 3 .   ? -21.916 0.065   -6.276  1.00 43.25 ? 275 HOH A O   1 
HETATM 1434 O  O   . HOH C 3 .   ? 4.180   -2.533  -13.552 1.00 48.46 ? 276 HOH A O   1 
HETATM 1435 O  O   . HOH C 3 .   ? 17.199  -13.111 -8.416  1.00 46.32 ? 277 HOH A O   1 
HETATM 1436 O  O   . HOH C 3 .   ? 4.628   15.209  -7.881  1.00 44.11 ? 279 HOH A O   1 
HETATM 1437 O  O   . HOH C 3 .   ? 5.336   -12.150 2.401   1.00 44.19 ? 280 HOH A O   1 
HETATM 1438 O  O   . HOH C 3 .   ? -24.446 6.940   -7.210  1.00 50.84 ? 281 HOH A O   1 
HETATM 1439 O  O   . HOH C 3 .   ? 9.355   -13.566 0.225   1.00 45.45 ? 282 HOH A O   1 
HETATM 1440 O  O   . HOH C 3 .   ? 10.195  -8.836  1.526   1.00 54.67 ? 283 HOH A O   1 
HETATM 1441 O  O   . HOH C 3 .   ? -14.161 -3.637  -9.810  1.00 53.31 ? 284 HOH A O   1 
HETATM 1442 O  O   . HOH C 3 .   ? -9.593  4.078   11.532  1.00 63.30 ? 285 HOH A O   1 
HETATM 1443 O  O   . HOH C 3 .   ? 4.409   -13.439 -10.032 1.00 62.58 ? 286 HOH A O   1 
HETATM 1444 O  O   . HOH C 3 .   ? -9.672  8.719   -8.778  1.00 37.56 ? 287 HOH A O   1 
HETATM 1445 O  O   . HOH C 3 .   ? -10.119 6.717   8.174   1.00 34.72 ? 288 HOH A O   1 
HETATM 1446 O  O   . HOH C 3 .   ? 16.476  -2.205  7.487   1.00 30.22 ? 289 HOH A O   1 
HETATM 1447 O  O   . HOH C 3 .   ? -15.041 -5.048  8.282   1.00 36.47 ? 290 HOH A O   1 
HETATM 1448 O  O   . HOH C 3 .   ? 19.728  -13.233 -12.116 1.00 55.28 ? 291 HOH A O   1 
HETATM 1449 O  O   . HOH C 3 .   ? 0.702   14.791  10.679  1.00 39.87 ? 292 HOH A O   1 
HETATM 1450 O  O   . HOH C 3 .   ? -22.700 10.616  -2.879  1.00 68.30 ? 293 HOH A O   1 
HETATM 1451 O  O   . HOH C 3 .   ? 6.013   -5.871  -12.957 1.00 52.48 ? 294 HOH A O   1 
HETATM 1452 O  O   . HOH C 3 .   ? 6.021   -9.058  -13.756 1.00 50.92 ? 295 HOH A O   1 
# 
